data_9FRI
#
_entry.id   9FRI
#
_cell.length_a   1.00
_cell.length_b   1.00
_cell.length_c   1.00
_cell.angle_alpha   90.00
_cell.angle_beta   90.00
_cell.angle_gamma   90.00
#
_symmetry.space_group_name_H-M   'P 1'
#
loop_
_entity.id
_entity.type
_entity.pdbx_description
1 polymer 'Gamma-aminobutyric acid receptor subunit rho-1'
2 non-polymer '(S)-amino-3-hydroxybutanoic acid'
3 non-polymer 2-acetamido-2-deoxy-beta-D-glucopyranose
4 non-polymer N-OCTANE
5 non-polymer HEXANE
6 non-polymer 'CHLORIDE ION'
7 water water
#
_entity_poly.entity_id   1
_entity_poly.type   'polypeptide(L)'
_entity_poly.pdbx_seq_one_letter_code
;MLAVPNMRFGIFLLWWGWVLATESRMHWPGREVHEMSKKGRPQRQRREVHEDAHKQVSPILRRSPDITKSPLTKSEQLLR
IDDHDFSMRPGFGGPAIPVGVDVQVESLDSISEVDMDFTMTLYLRHYWKDERLSFPSTNNLSMTFDGRLVKKIWVPDMFF
VHSKRSFIHDTTTDNVMLRVQPDGKVLYSLRVTVTAMCNMDFSRFPLDTQTCSLEIESYAYTEDDLMLYWKKGNDSLKTD
ERISLSQFLIQEFHTTTKLAFYSSTGWYNRLYINFTLRRHIFFFLLQTYFPATLMVMLSWVSFWIDRRAVPARVPLGITT
VLTMSTIITGVNASMPRVSYIKAVDIYLWVSFVFVFLSVLEYAAVNYLTTVQERKEQKLREKLPCTSGLPPPRTAMLDGN
YSDGEVNDLDNYMPENGEKPDRMMVQLTLASERSSPQRKSQRSSYVSMRIDTHAIDKYSRIIFPAAYILFNLIYWSIFS
;
_entity_poly.pdbx_strand_id   A,B,C,D,E
#
# COMPACT_ATOMS: atom_id res chain seq x y z
N SER A 75 40.88 -13.31 26.57
CA SER A 75 39.51 -13.79 26.57
C SER A 75 39.34 -14.96 25.59
N GLU A 76 39.64 -14.74 24.32
CA GLU A 76 39.60 -15.83 23.36
C GLU A 76 40.61 -16.90 23.77
N GLN A 77 41.58 -16.53 24.58
CA GLN A 77 42.58 -17.49 25.08
C GLN A 77 42.14 -18.06 26.40
N LEU A 78 41.59 -17.22 27.28
CA LEU A 78 41.07 -17.69 28.57
C LEU A 78 40.18 -18.90 28.39
N LEU A 79 39.39 -18.89 27.32
CA LEU A 79 38.53 -20.03 27.02
C LEU A 79 39.22 -20.90 25.98
N ARG A 80 39.38 -22.19 26.28
CA ARG A 80 40.08 -23.10 25.37
C ARG A 80 39.13 -23.44 24.22
N ILE A 81 39.00 -22.47 23.31
CA ILE A 81 38.03 -22.60 22.22
C ILE A 81 38.39 -23.77 21.29
N ASP A 82 39.67 -23.92 20.97
CA ASP A 82 40.10 -24.93 20.03
C ASP A 82 40.30 -26.31 20.67
N ASP A 83 40.09 -26.43 21.98
CA ASP A 83 40.26 -27.69 22.68
C ASP A 83 38.96 -28.46 22.86
N HIS A 84 37.86 -27.94 22.33
CA HIS A 84 36.54 -28.56 22.51
C HIS A 84 35.74 -28.68 21.22
N ASP A 85 34.60 -29.40 21.29
CA ASP A 85 33.70 -29.57 20.13
C ASP A 85 32.32 -28.99 20.41
N PHE A 86 31.95 -27.92 19.75
CA PHE A 86 30.68 -27.23 20.03
C PHE A 86 29.52 -27.56 19.13
N SER A 87 29.66 -28.49 18.21
CA SER A 87 28.51 -28.96 17.46
C SER A 87 27.82 -29.88 18.44
N MET A 88 28.47 -30.16 19.56
CA MET A 88 27.94 -31.10 20.54
C MET A 88 27.32 -30.38 21.72
N ARG A 89 26.04 -30.61 21.96
CA ARG A 89 25.42 -29.94 23.10
C ARG A 89 26.16 -30.30 24.38
N PRO A 90 26.26 -29.35 25.33
CA PRO A 90 26.87 -29.64 26.65
C PRO A 90 26.27 -30.88 27.29
N GLY A 91 27.09 -31.89 27.52
CA GLY A 91 26.63 -33.13 28.08
C GLY A 91 25.92 -34.09 27.15
N PHE A 92 26.30 -34.14 25.87
CA PHE A 92 25.72 -35.11 24.93
C PHE A 92 25.86 -36.52 25.48
N GLY A 93 24.73 -37.23 25.63
CA GLY A 93 24.85 -38.53 26.25
C GLY A 93 23.77 -38.81 27.28
N GLY A 94 24.05 -38.47 28.54
CA GLY A 94 23.06 -38.59 29.57
C GLY A 94 21.88 -37.65 29.46
N PRO A 95 21.51 -37.02 30.65
CA PRO A 95 20.25 -36.26 30.60
C PRO A 95 20.21 -34.98 29.82
N ALA A 96 19.05 -34.37 29.86
CA ALA A 96 18.80 -33.18 29.05
C ALA A 96 19.27 -31.92 29.77
N ILE A 97 19.79 -31.00 28.98
CA ILE A 97 20.30 -29.77 29.53
C ILE A 97 19.16 -28.87 30.01
N PRO A 98 19.32 -28.33 31.21
CA PRO A 98 18.30 -27.34 31.61
C PRO A 98 18.63 -25.96 31.04
N VAL A 99 17.64 -25.34 30.42
CA VAL A 99 17.76 -24.00 29.85
C VAL A 99 16.56 -23.17 30.30
N GLY A 100 16.83 -21.96 30.79
CA GLY A 100 15.80 -21.16 31.44
C GLY A 100 15.69 -19.77 30.83
N VAL A 101 14.45 -19.31 30.67
CA VAL A 101 14.09 -18.22 29.76
C VAL A 101 13.47 -17.07 30.55
N ASP A 102 13.75 -15.84 30.11
CA ASP A 102 13.26 -14.61 30.72
C ASP A 102 12.94 -13.62 29.61
N VAL A 103 11.78 -12.97 29.69
CA VAL A 103 11.33 -12.08 28.62
C VAL A 103 10.92 -10.73 29.18
N GLN A 104 11.18 -9.67 28.42
CA GLN A 104 10.69 -8.33 28.71
C GLN A 104 10.13 -7.73 27.43
N VAL A 105 8.87 -7.28 27.46
CA VAL A 105 8.22 -6.79 26.24
C VAL A 105 8.38 -5.28 26.16
N GLU A 106 8.88 -4.81 25.02
CA GLU A 106 9.06 -3.39 24.78
C GLU A 106 7.80 -2.72 24.21
N SER A 107 7.20 -3.30 23.18
CA SER A 107 6.08 -2.64 22.53
C SER A 107 5.28 -3.61 21.67
N LEU A 108 3.98 -3.34 21.57
CA LEU A 108 3.16 -3.91 20.51
C LEU A 108 3.04 -2.89 19.38
N ASP A 109 3.37 -3.30 18.17
CA ASP A 109 3.62 -2.37 17.07
C ASP A 109 2.47 -2.21 16.09
N SER A 110 1.74 -3.27 15.74
CA SER A 110 0.62 -3.07 14.82
C SER A 110 -0.27 -4.31 14.88
N ILE A 111 -1.48 -4.17 14.37
CA ILE A 111 -2.45 -5.27 14.29
C ILE A 111 -3.13 -5.23 12.94
N SER A 112 -3.31 -6.40 12.32
CA SER A 112 -4.10 -6.54 11.10
C SER A 112 -5.31 -7.41 11.39
N GLU A 113 -6.50 -6.87 11.13
CA GLU A 113 -7.72 -7.67 11.29
C GLU A 113 -8.04 -8.50 10.05
N VAL A 114 -7.64 -8.00 8.88
CA VAL A 114 -7.84 -8.76 7.64
C VAL A 114 -6.94 -9.99 7.63
N ASP A 115 -5.66 -9.81 7.93
CA ASP A 115 -4.69 -10.90 7.89
C ASP A 115 -4.63 -11.71 9.18
N MET A 116 -5.20 -11.21 10.27
CA MET A 116 -5.29 -11.91 11.55
C MET A 116 -3.91 -12.21 12.13
N ASP A 117 -3.26 -11.16 12.65
CA ASP A 117 -1.88 -11.26 13.13
C ASP A 117 -1.51 -9.97 13.85
N PHE A 118 -0.38 -10.00 14.53
CA PHE A 118 0.08 -8.83 15.29
C PHE A 118 1.61 -8.80 15.30
N THR A 119 2.16 -7.65 15.67
CA THR A 119 3.60 -7.43 15.65
C THR A 119 4.05 -6.93 17.02
N MET A 120 5.11 -7.55 17.54
CA MET A 120 5.63 -7.27 18.87
C MET A 120 7.15 -7.23 18.84
N THR A 121 7.73 -6.45 19.75
CA THR A 121 9.16 -6.29 19.90
C THR A 121 9.56 -6.47 21.36
N LEU A 122 10.60 -7.28 21.62
CA LEU A 122 10.90 -7.69 22.97
C LEU A 122 12.38 -8.01 23.12
N TYR A 123 12.78 -8.21 24.37
CA TYR A 123 14.08 -8.75 24.72
C TYR A 123 13.91 -10.19 25.18
N LEU A 124 14.87 -11.04 24.78
CA LEU A 124 14.82 -12.47 25.12
C LEU A 124 16.13 -12.88 25.77
N ARG A 125 16.08 -13.61 26.89
CA ARG A 125 17.26 -13.96 27.68
C ARG A 125 17.27 -15.46 27.97
N HIS A 126 18.48 -16.03 28.00
CA HIS A 126 18.67 -17.45 28.23
C HIS A 126 19.75 -17.65 29.30
N TYR A 127 19.65 -18.77 30.02
CA TYR A 127 20.64 -19.13 31.03
C TYR A 127 20.95 -20.61 30.91
N TRP A 128 22.25 -20.95 31.02
CA TRP A 128 22.67 -22.34 31.10
C TRP A 128 24.10 -22.37 31.60
N LYS A 129 24.60 -23.58 31.85
CA LYS A 129 25.96 -23.81 32.32
C LYS A 129 26.69 -24.73 31.37
N ASP A 130 27.93 -24.37 31.05
CA ASP A 130 28.79 -25.13 30.15
C ASP A 130 30.22 -24.99 30.66
N GLU A 131 30.75 -26.08 31.21
CA GLU A 131 32.07 -26.04 31.84
C GLU A 131 33.21 -26.06 30.84
N ARG A 132 32.89 -26.12 29.54
CA ARG A 132 33.91 -25.87 28.53
C ARG A 132 34.32 -24.40 28.48
N LEU A 133 33.52 -23.51 29.05
CA LEU A 133 33.75 -22.07 29.00
C LEU A 133 34.30 -21.50 30.31
N SER A 134 34.65 -22.34 31.27
CA SER A 134 35.17 -21.86 32.55
C SER A 134 36.60 -21.36 32.38
N PHE A 135 36.95 -20.36 33.19
CA PHE A 135 38.28 -19.77 33.14
C PHE A 135 38.81 -19.54 34.53
N PRO A 136 40.13 -19.64 34.72
CA PRO A 136 40.77 -19.33 36.01
C PRO A 136 40.77 -17.85 36.35
N SER A 137 39.75 -17.32 37.03
CA SER A 137 39.93 -16.02 37.64
C SER A 137 39.35 -15.99 39.04
N THR A 138 39.88 -15.10 39.88
CA THR A 138 39.48 -15.09 41.28
C THR A 138 38.32 -14.14 41.58
N ASN A 139 37.72 -13.51 40.56
CA ASN A 139 36.95 -12.31 40.82
C ASN A 139 35.50 -12.61 41.19
N ASN A 140 35.03 -13.83 40.90
CA ASN A 140 33.65 -14.23 41.15
C ASN A 140 32.68 -13.23 40.51
N LEU A 141 32.95 -12.86 39.26
CA LEU A 141 32.24 -11.79 38.58
C LEU A 141 32.25 -12.08 37.08
N SER A 142 31.24 -11.56 36.38
CA SER A 142 31.08 -11.96 35.00
C SER A 142 31.89 -11.06 34.05
N MET A 143 31.98 -11.50 32.80
CA MET A 143 32.71 -10.83 31.74
C MET A 143 31.72 -10.39 30.65
N THR A 144 32.21 -9.97 29.48
CA THR A 144 31.28 -9.60 28.42
C THR A 144 31.86 -9.94 27.05
N PHE A 145 30.98 -10.37 26.15
CA PHE A 145 31.28 -10.59 24.73
C PHE A 145 30.06 -10.17 23.93
N ASP A 146 30.17 -10.21 22.61
CA ASP A 146 29.07 -9.77 21.77
C ASP A 146 29.14 -10.44 20.42
N GLY A 147 28.24 -11.39 20.16
CA GLY A 147 27.92 -11.81 18.81
C GLY A 147 28.93 -12.64 18.05
N ARG A 148 30.12 -12.09 17.82
CA ARG A 148 31.17 -12.87 17.17
C ARG A 148 31.41 -14.19 17.87
N LEU A 149 31.34 -14.19 19.20
CA LEU A 149 31.63 -15.41 19.93
C LEU A 149 30.50 -16.44 19.79
N VAL A 150 29.28 -15.97 19.49
CA VAL A 150 28.14 -16.87 19.42
C VAL A 150 28.35 -17.89 18.32
N LYS A 151 29.07 -17.50 17.27
CA LYS A 151 29.30 -18.43 16.18
C LYS A 151 30.52 -19.30 16.41
N LYS A 152 31.29 -19.04 17.48
CA LYS A 152 32.35 -19.99 17.83
C LYS A 152 31.87 -21.02 18.84
N ILE A 153 30.98 -20.66 19.74
CA ILE A 153 30.54 -21.60 20.77
C ILE A 153 29.18 -22.17 20.52
N TRP A 154 28.79 -23.06 21.39
CA TRP A 154 27.48 -23.69 21.25
C TRP A 154 26.42 -22.83 21.94
N VAL A 155 25.29 -22.64 21.27
CA VAL A 155 24.25 -21.74 21.74
C VAL A 155 22.89 -22.39 21.48
N PRO A 156 21.85 -22.17 22.29
CA PRO A 156 20.58 -22.84 21.99
C PRO A 156 19.92 -22.28 20.73
N ASP A 157 18.80 -22.89 20.35
CA ASP A 157 18.22 -22.62 19.04
C ASP A 157 16.70 -22.47 19.10
N MET A 158 16.22 -21.52 19.89
CA MET A 158 14.79 -21.33 20.04
C MET A 158 14.20 -20.62 18.82
N PHE A 159 12.91 -20.79 18.62
CA PHE A 159 12.26 -20.15 17.47
C PHE A 159 10.82 -19.89 17.84
N PHE A 160 10.18 -18.98 17.11
CA PHE A 160 8.84 -18.53 17.40
C PHE A 160 7.83 -19.32 16.57
N VAL A 161 6.92 -20.01 17.27
CA VAL A 161 5.99 -20.94 16.64
C VAL A 161 4.75 -20.17 16.18
N HIS A 162 4.30 -20.46 14.96
CA HIS A 162 3.17 -19.78 14.33
C HIS A 162 3.49 -18.30 14.07
N SER A 163 4.61 -18.06 13.41
CA SER A 163 5.09 -16.73 13.10
C SER A 163 5.16 -16.54 11.59
N LYS A 164 4.91 -15.32 11.13
CA LYS A 164 4.98 -15.03 9.72
C LYS A 164 6.31 -14.43 9.29
N ARG A 165 6.99 -13.71 10.20
CA ARG A 165 8.25 -13.04 9.90
C ARG A 165 8.85 -12.51 11.18
N SER A 166 10.17 -12.32 11.16
CA SER A 166 10.92 -11.85 12.31
C SER A 166 12.34 -11.53 11.88
N PHE A 167 13.04 -10.79 12.73
CA PHE A 167 14.43 -10.42 12.48
C PHE A 167 15.05 -9.93 13.79
N ILE A 168 16.38 -9.85 13.79
CA ILE A 168 17.15 -9.32 14.91
C ILE A 168 17.75 -7.99 14.47
N HIS A 169 17.73 -7.00 15.36
CA HIS A 169 18.20 -5.67 15.01
C HIS A 169 19.73 -5.64 14.96
N ASP A 170 20.26 -4.78 14.07
CA ASP A 170 21.69 -4.80 13.78
C ASP A 170 22.29 -3.41 13.57
N THR A 171 21.79 -2.39 14.27
CA THR A 171 22.32 -1.04 14.17
C THR A 171 22.48 -0.44 15.56
N THR A 172 23.67 0.11 15.85
CA THR A 172 24.76 0.19 14.87
C THR A 172 25.61 -1.08 14.76
N THR A 173 25.35 -2.05 15.63
CA THR A 173 25.87 -3.40 15.45
C THR A 173 24.83 -4.38 15.99
N ASP A 174 25.18 -5.67 15.94
CA ASP A 174 24.20 -6.69 16.33
C ASP A 174 23.83 -6.53 17.80
N ASN A 175 22.52 -6.43 18.05
CA ASN A 175 21.99 -6.32 19.41
C ASN A 175 22.08 -7.68 20.10
N VAL A 176 23.24 -8.14 20.45
CA VAL A 176 23.45 -9.41 21.08
C VAL A 176 24.44 -9.16 22.20
N MET A 177 24.24 -9.73 23.36
CA MET A 177 25.04 -9.63 24.57
C MET A 177 25.33 -11.03 25.08
N LEU A 178 26.52 -11.20 25.67
CA LEU A 178 26.98 -12.48 26.18
C LEU A 178 27.80 -12.21 27.44
N ARG A 179 27.41 -12.83 28.56
CA ARG A 179 28.16 -12.71 29.80
C ARG A 179 28.48 -14.10 30.34
N VAL A 180 29.75 -14.30 30.73
CA VAL A 180 30.21 -15.57 31.25
C VAL A 180 30.94 -15.32 32.55
N GLN A 181 30.61 -16.13 33.57
CA GLN A 181 31.28 -16.20 34.87
C GLN A 181 32.39 -17.24 34.85
N PRO A 182 33.33 -17.11 35.79
CA PRO A 182 34.34 -18.17 36.01
C PRO A 182 33.84 -19.61 36.00
N ASP A 183 32.62 -19.89 36.45
CA ASP A 183 32.16 -21.28 36.52
C ASP A 183 31.84 -21.85 35.14
N GLY A 184 31.55 -20.99 34.18
CA GLY A 184 31.02 -21.39 32.90
C GLY A 184 29.53 -21.18 32.76
N LYS A 185 28.89 -20.63 33.79
CA LYS A 185 27.50 -20.18 33.69
C LYS A 185 27.43 -19.02 32.70
N VAL A 186 26.30 -19.05 31.99
CA VAL A 186 26.12 -18.13 30.90
C VAL A 186 24.84 -17.38 30.79
N LEU A 187 24.98 -16.15 30.39
CA LEU A 187 23.78 -15.40 30.04
C LEU A 187 23.92 -14.86 28.62
N TYR A 188 22.82 -14.92 27.87
CA TYR A 188 22.76 -14.65 26.43
C TYR A 188 21.45 -13.94 26.12
N SER A 189 21.53 -12.81 25.40
CA SER A 189 20.34 -11.96 25.21
C SER A 189 20.33 -11.29 23.84
N LEU A 190 19.12 -11.09 23.31
CA LEU A 190 18.88 -10.59 21.96
C LEU A 190 17.75 -9.57 21.98
N ARG A 191 17.57 -8.87 20.85
CA ARG A 191 16.45 -7.95 20.67
C ARG A 191 15.83 -8.22 19.31
N VAL A 192 14.53 -8.54 19.31
CA VAL A 192 13.89 -9.07 18.11
C VAL A 192 12.51 -8.45 17.93
N THR A 193 12.00 -8.52 16.70
CA THR A 193 10.65 -8.13 16.33
C THR A 193 9.99 -9.31 15.62
N VAL A 194 8.76 -9.63 16.00
CA VAL A 194 8.06 -10.81 15.49
C VAL A 194 6.66 -10.44 15.05
N THR A 195 6.22 -11.02 13.93
CA THR A 195 4.81 -11.02 13.54
C THR A 195 4.27 -12.43 13.68
N ALA A 196 3.11 -12.55 14.34
CA ALA A 196 2.62 -13.82 14.84
C ALA A 196 1.11 -13.92 14.70
N MET A 197 0.65 -15.09 14.26
CA MET A 197 -0.73 -15.27 13.85
C MET A 197 -1.67 -15.32 15.06
N CYS A 198 -2.88 -14.81 14.88
CA CYS A 198 -3.90 -14.86 15.92
C CYS A 198 -5.24 -15.03 15.22
N ASN A 199 -5.90 -16.16 15.44
CA ASN A 199 -7.21 -16.34 14.85
C ASN A 199 -8.27 -15.55 15.61
N MET A 200 -9.02 -14.74 14.86
CA MET A 200 -10.03 -13.84 15.41
C MET A 200 -11.40 -14.19 14.85
N ASP A 201 -12.44 -13.85 15.59
CA ASP A 201 -13.82 -14.06 15.20
C ASP A 201 -14.57 -12.75 15.40
N PHE A 202 -15.10 -12.20 14.30
CA PHE A 202 -15.69 -10.86 14.30
C PHE A 202 -17.22 -10.88 14.26
N SER A 203 -17.86 -12.01 14.57
CA SER A 203 -19.31 -12.05 14.39
C SER A 203 -20.08 -11.24 15.45
N ARG A 204 -19.43 -10.84 16.54
CA ARG A 204 -20.03 -9.94 17.52
C ARG A 204 -19.56 -8.50 17.34
N PHE A 205 -18.96 -8.17 16.20
CA PHE A 205 -18.43 -6.83 15.98
C PHE A 205 -19.57 -5.82 16.01
N PRO A 206 -19.38 -4.65 16.63
CA PRO A 206 -18.21 -4.12 17.36
C PRO A 206 -18.07 -4.51 18.84
N LEU A 207 -18.81 -5.52 19.28
CA LEU A 207 -18.81 -5.95 20.68
C LEU A 207 -17.98 -7.21 20.91
N ASP A 208 -16.95 -7.42 20.10
CA ASP A 208 -16.09 -8.60 20.22
C ASP A 208 -14.97 -8.38 21.23
N THR A 209 -14.39 -9.51 21.62
CA THR A 209 -13.24 -9.52 22.50
C THR A 209 -12.30 -10.56 21.84
N GLN A 210 -10.98 -10.30 21.77
CA GLN A 210 -10.03 -11.26 21.22
C GLN A 210 -8.91 -11.54 22.21
N THR A 211 -8.36 -12.74 22.13
CA THR A 211 -7.21 -13.16 22.92
C THR A 211 -6.15 -13.76 21.99
N CYS A 212 -4.89 -13.36 22.18
CA CYS A 212 -3.80 -13.80 21.33
C CYS A 212 -2.65 -14.31 22.19
N SER A 213 -1.65 -14.89 21.55
CA SER A 213 -0.53 -15.46 22.28
C SER A 213 0.72 -15.54 21.41
N LEU A 214 1.87 -15.61 22.08
CA LEU A 214 3.16 -15.80 21.44
C LEU A 214 3.78 -17.08 21.99
N GLU A 215 4.26 -17.95 21.10
CA GLU A 215 4.75 -19.27 21.48
C GLU A 215 6.24 -19.39 21.17
N ILE A 216 6.96 -20.09 22.04
CA ILE A 216 8.40 -20.21 21.96
C ILE A 216 8.76 -21.69 22.10
N GLU A 217 9.63 -22.18 21.22
CA GLU A 217 9.97 -23.60 21.20
C GLU A 217 11.38 -23.81 20.66
N SER A 218 11.98 -24.94 21.03
CA SER A 218 13.25 -25.41 20.48
C SER A 218 13.02 -26.06 19.13
N TYR A 219 13.91 -25.80 18.22
CA TYR A 219 13.68 -26.37 16.90
C TYR A 219 14.24 -27.79 16.78
N ALA A 220 15.47 -28.00 17.23
CA ALA A 220 16.25 -29.17 16.81
C ALA A 220 16.30 -30.26 17.87
N TYR A 221 16.17 -29.91 19.14
CA TYR A 221 16.38 -30.83 20.24
C TYR A 221 15.07 -31.13 20.96
N THR A 222 14.88 -32.39 21.32
CA THR A 222 13.64 -32.79 21.97
C THR A 222 13.81 -32.79 23.48
N GLU A 223 12.71 -33.03 24.19
CA GLU A 223 12.72 -33.06 25.65
C GLU A 223 13.72 -34.06 26.21
N ASP A 224 14.24 -34.99 25.39
CA ASP A 224 15.31 -35.88 25.81
C ASP A 224 16.69 -35.25 25.67
N ASP A 225 16.80 -34.09 25.04
CA ASP A 225 18.10 -33.42 24.99
C ASP A 225 18.10 -32.03 25.62
N LEU A 226 16.95 -31.34 25.67
CA LEU A 226 16.91 -30.00 26.26
C LEU A 226 15.60 -29.78 27.00
N MET A 227 15.71 -29.13 28.16
CA MET A 227 14.60 -28.90 29.07
C MET A 227 14.34 -27.40 29.15
N LEU A 228 13.14 -26.99 28.75
CA LEU A 228 12.79 -25.58 28.63
C LEU A 228 11.82 -25.20 29.74
N TYR A 229 12.10 -24.09 30.42
CA TYR A 229 11.27 -23.64 31.54
C TYR A 229 11.47 -22.15 31.75
N TRP A 230 10.49 -21.52 32.40
CA TRP A 230 10.62 -20.12 32.78
C TRP A 230 11.57 -20.01 33.97
N LYS A 231 12.48 -19.02 33.92
CA LYS A 231 13.58 -18.95 34.89
C LYS A 231 13.09 -18.73 36.31
N LYS A 232 11.99 -17.99 36.49
CA LYS A 232 11.51 -17.56 37.80
C LYS A 232 10.00 -17.74 37.90
N GLY A 233 9.45 -18.67 37.12
CA GLY A 233 8.04 -18.96 37.22
C GLY A 233 7.18 -17.82 36.69
N ASN A 234 6.21 -17.39 37.51
CA ASN A 234 5.31 -16.31 37.11
C ASN A 234 6.01 -14.95 37.01
N ASP A 235 7.20 -14.79 37.58
CA ASP A 235 7.91 -13.52 37.61
C ASP A 235 8.82 -13.31 36.41
N SER A 236 8.76 -14.19 35.41
CA SER A 236 9.68 -14.16 34.29
C SER A 236 9.17 -13.35 33.11
N LEU A 237 8.13 -12.54 33.31
CA LEU A 237 7.63 -11.63 32.29
C LEU A 237 7.53 -10.21 32.84
N LYS A 238 8.14 -9.27 32.13
CA LYS A 238 8.07 -7.87 32.46
C LYS A 238 7.53 -7.10 31.25
N THR A 239 6.79 -6.04 31.52
CA THR A 239 6.10 -5.31 30.46
C THR A 239 6.33 -3.81 30.60
N ASP A 240 6.62 -3.14 29.49
CA ASP A 240 6.96 -1.74 29.57
C ASP A 240 5.75 -0.88 29.93
N GLU A 241 6.05 0.29 30.49
CA GLU A 241 5.04 1.17 31.06
C GLU A 241 4.24 1.91 29.99
N ARG A 242 4.83 2.12 28.82
CA ARG A 242 4.33 3.07 27.82
C ARG A 242 3.77 2.37 26.60
N ILE A 243 3.02 1.29 26.80
CA ILE A 243 2.53 0.45 25.71
C ILE A 243 1.06 0.80 25.45
N SER A 244 0.69 0.89 24.18
CA SER A 244 -0.64 1.36 23.82
C SER A 244 -0.86 1.13 22.33
N LEU A 245 -2.14 1.10 21.96
CA LEU A 245 -2.54 1.08 20.56
C LEU A 245 -3.58 2.17 20.33
N SER A 246 -3.61 2.67 19.09
CA SER A 246 -4.55 3.72 18.72
C SER A 246 -5.92 3.17 18.35
N GLN A 247 -6.16 1.88 18.57
CA GLN A 247 -7.44 1.28 18.21
C GLN A 247 -7.90 0.20 19.19
N PHE A 248 -7.18 -0.03 20.29
CA PHE A 248 -7.47 -1.15 21.17
C PHE A 248 -7.03 -0.80 22.59
N LEU A 249 -7.53 -1.62 23.53
CA LEU A 249 -7.12 -1.59 24.93
C LEU A 249 -6.55 -2.96 25.27
N ILE A 250 -5.42 -2.99 25.97
CA ILE A 250 -4.70 -4.23 26.19
C ILE A 250 -4.74 -4.56 27.68
N GLN A 251 -5.13 -5.81 27.94
CA GLN A 251 -5.26 -6.28 29.34
C GLN A 251 -4.90 -7.74 29.60
N GLU A 252 -4.40 -8.13 30.81
CA GLU A 252 -4.22 -9.52 31.22
C GLU A 252 -3.04 -10.23 30.56
N PHE A 253 -1.82 -9.80 30.87
CA PHE A 253 -0.62 -10.53 30.46
C PHE A 253 -0.34 -11.64 31.47
N HIS A 254 -0.05 -12.85 30.98
CA HIS A 254 0.43 -13.93 31.83
C HIS A 254 1.02 -15.03 30.95
N THR A 255 1.74 -15.95 31.60
CA THR A 255 2.52 -17.00 30.97
C THR A 255 1.99 -18.37 31.36
N THR A 256 2.32 -19.36 30.53
CA THR A 256 2.06 -20.75 30.84
C THR A 256 2.93 -21.62 29.95
N THR A 257 2.78 -22.94 30.11
CA THR A 257 3.60 -23.92 29.41
C THR A 257 2.73 -25.08 28.95
N LYS A 258 3.25 -25.84 27.99
CA LYS A 258 2.58 -27.03 27.50
C LYS A 258 3.59 -27.89 26.76
N LEU A 259 3.37 -29.20 26.77
CA LEU A 259 4.22 -30.12 26.01
C LEU A 259 3.50 -30.48 24.70
N ALA A 260 4.26 -30.54 23.61
CA ALA A 260 3.70 -30.69 22.27
C ALA A 260 4.46 -31.74 21.47
N PHE A 261 3.76 -32.31 20.48
CA PHE A 261 4.18 -33.54 19.82
C PHE A 261 4.13 -33.39 18.30
N TYR A 262 5.20 -33.84 17.64
CA TYR A 262 5.27 -33.91 16.18
C TYR A 262 5.36 -35.36 15.75
N SER A 263 4.57 -35.73 14.75
CA SER A 263 4.44 -37.14 14.38
C SER A 263 5.72 -37.74 13.82
N SER A 264 6.51 -36.96 13.08
CA SER A 264 7.74 -37.51 12.51
C SER A 264 8.99 -37.11 13.27
N THR A 265 8.89 -36.29 14.33
CA THR A 265 10.10 -35.95 15.06
C THR A 265 10.03 -36.13 16.57
N GLY A 266 8.88 -35.96 17.22
CA GLY A 266 8.79 -36.28 18.64
C GLY A 266 8.26 -35.17 19.52
N TRP A 267 8.68 -35.14 20.79
CA TRP A 267 8.06 -34.32 21.81
C TRP A 267 8.95 -33.13 22.15
N TYR A 268 8.33 -31.97 22.42
CA TYR A 268 9.05 -30.75 22.76
C TYR A 268 8.27 -29.98 23.82
N ASN A 269 8.99 -29.12 24.54
CA ASN A 269 8.39 -28.19 25.49
C ASN A 269 8.12 -26.86 24.80
N ARG A 270 7.07 -26.17 25.24
CA ARG A 270 6.66 -24.91 24.62
C ARG A 270 6.20 -23.93 25.69
N LEU A 271 6.55 -22.66 25.51
CA LEU A 271 6.19 -21.60 26.42
C LEU A 271 5.23 -20.64 25.72
N TYR A 272 4.35 -20.02 26.50
CA TYR A 272 3.31 -19.13 25.99
C TYR A 272 3.34 -17.79 26.71
N ILE A 273 2.95 -16.74 26.00
CA ILE A 273 2.59 -15.46 26.59
C ILE A 273 1.23 -15.07 26.03
N ASN A 274 0.27 -14.80 26.93
CA ASN A 274 -1.09 -14.54 26.52
C ASN A 274 -1.50 -13.12 26.90
N PHE A 275 -2.52 -12.60 26.20
CA PHE A 275 -3.06 -11.29 26.52
C PHE A 275 -4.40 -11.14 25.81
N THR A 276 -5.09 -10.03 26.11
CA THR A 276 -6.47 -9.82 25.72
C THR A 276 -6.67 -8.41 25.17
N LEU A 277 -7.63 -8.29 24.25
CA LEU A 277 -7.92 -7.04 23.55
C LEU A 277 -9.41 -6.73 23.57
N ARG A 278 -9.72 -5.44 23.53
CA ARG A 278 -11.08 -4.90 23.52
C ARG A 278 -11.06 -3.57 22.77
N ARG A 279 -12.25 -3.06 22.42
CA ARG A 279 -12.35 -1.82 21.67
C ARG A 279 -13.00 -0.72 22.51
N HIS A 280 -13.13 0.45 21.89
CA HIS A 280 -13.92 1.56 22.45
C HIS A 280 -15.31 1.49 21.81
N ILE A 281 -16.32 1.13 22.57
CA ILE A 281 -17.68 0.92 22.01
C ILE A 281 -18.49 2.21 21.74
N PHE A 282 -18.15 3.29 22.41
CA PHE A 282 -18.99 4.48 22.24
C PHE A 282 -18.73 5.17 20.91
N PHE A 283 -17.47 5.15 20.44
CA PHE A 283 -17.17 5.65 19.11
C PHE A 283 -18.00 4.93 18.04
N PHE A 284 -18.03 3.60 18.07
CA PHE A 284 -18.81 2.84 17.08
C PHE A 284 -20.30 3.11 17.24
N LEU A 285 -20.77 3.28 18.48
CA LEU A 285 -22.16 3.64 18.70
C LEU A 285 -22.51 4.94 17.99
N LEU A 286 -21.98 6.07 18.36
CA LEU A 286 -22.22 7.28 17.63
C LEU A 286 -21.97 7.20 16.09
N GLN A 287 -20.92 6.47 15.61
CA GLN A 287 -20.71 6.53 14.17
C GLN A 287 -21.72 5.67 13.39
N THR A 288 -22.29 4.64 14.01
CA THR A 288 -23.13 3.72 13.22
C THR A 288 -24.56 3.61 13.71
N TYR A 289 -24.80 3.41 15.00
CA TYR A 289 -26.16 3.09 15.44
C TYR A 289 -27.04 4.33 15.53
N PHE A 290 -26.45 5.48 15.82
CA PHE A 290 -27.17 6.72 16.08
C PHE A 290 -27.84 7.29 14.82
N PRO A 291 -27.12 7.47 13.70
CA PRO A 291 -27.78 8.07 12.52
C PRO A 291 -28.90 7.24 11.94
N ALA A 292 -28.76 5.93 11.88
CA ALA A 292 -29.85 5.09 11.40
C ALA A 292 -31.08 5.19 12.29
N THR A 293 -30.89 5.33 13.61
CA THR A 293 -32.04 5.46 14.49
C THR A 293 -32.77 6.77 14.23
N LEU A 294 -32.02 7.85 14.06
CA LEU A 294 -32.64 9.13 13.71
C LEU A 294 -33.34 9.04 12.35
N MET A 295 -32.82 8.22 11.44
CA MET A 295 -33.51 8.06 10.15
C MET A 295 -34.83 7.31 10.30
N VAL A 296 -34.84 6.24 11.10
CA VAL A 296 -36.08 5.51 11.33
C VAL A 296 -37.10 6.39 12.04
N MET A 297 -36.62 7.28 12.92
CA MET A 297 -37.53 8.18 13.60
C MET A 297 -38.04 9.28 12.67
N LEU A 298 -37.21 9.72 11.73
CA LEU A 298 -37.65 10.67 10.71
C LEU A 298 -38.73 10.05 9.83
N SER A 299 -38.71 8.73 9.66
CA SER A 299 -39.68 8.13 8.74
C SER A 299 -41.08 8.03 9.36
N TRP A 300 -41.21 8.17 10.68
CA TRP A 300 -42.51 8.15 11.34
C TRP A 300 -43.25 9.47 11.23
N VAL A 301 -42.55 10.57 10.94
CA VAL A 301 -43.19 11.87 10.77
C VAL A 301 -44.30 11.80 9.73
N SER A 302 -44.19 10.89 8.76
CA SER A 302 -45.14 11.00 7.65
C SER A 302 -46.56 10.59 8.06
N PHE A 303 -46.73 10.00 9.25
CA PHE A 303 -48.06 9.58 9.68
C PHE A 303 -48.89 10.76 10.19
N TRP A 304 -48.28 11.92 10.39
CA TRP A 304 -48.96 13.07 10.97
C TRP A 304 -49.26 14.19 9.97
N ILE A 305 -48.91 13.99 8.70
CA ILE A 305 -49.18 14.94 7.62
C ILE A 305 -50.48 14.54 6.93
N ASP A 306 -51.18 15.54 6.41
CA ASP A 306 -52.48 15.37 5.76
C ASP A 306 -52.35 14.49 4.53
N ARG A 307 -53.21 13.48 4.44
CA ARG A 307 -53.16 12.55 3.32
C ARG A 307 -53.54 13.22 2.01
N ARG A 308 -54.18 14.38 2.07
CA ARG A 308 -54.53 15.12 0.85
C ARG A 308 -53.32 15.78 0.20
N ALA A 309 -52.20 15.89 0.92
CA ALA A 309 -50.99 16.55 0.46
C ALA A 309 -50.08 15.46 -0.14
N VAL A 310 -50.43 15.03 -1.34
CA VAL A 310 -49.71 13.99 -2.05
C VAL A 310 -48.30 14.46 -2.39
N PRO A 311 -48.11 15.61 -3.05
CA PRO A 311 -46.75 16.03 -3.42
C PRO A 311 -45.87 16.41 -2.23
N ALA A 312 -46.39 16.35 -1.00
CA ALA A 312 -45.54 16.52 0.16
C ALA A 312 -45.39 15.24 0.97
N ARG A 313 -46.17 14.20 0.66
CA ARG A 313 -46.00 12.92 1.33
C ARG A 313 -45.24 11.89 0.49
N VAL A 314 -45.12 12.10 -0.83
CA VAL A 314 -44.53 11.13 -1.74
C VAL A 314 -43.02 11.34 -1.83
N PRO A 315 -42.51 12.57 -1.97
CA PRO A 315 -41.05 12.74 -2.02
C PRO A 315 -40.36 12.42 -0.70
N LEU A 316 -41.05 12.61 0.43
CA LEU A 316 -40.43 12.44 1.74
C LEU A 316 -39.89 11.02 1.92
N GLY A 317 -40.74 10.03 1.70
CA GLY A 317 -40.32 8.65 1.87
C GLY A 317 -39.13 8.30 0.99
N ILE A 318 -39.21 8.65 -0.29
CA ILE A 318 -38.17 8.18 -1.21
C ILE A 318 -36.86 8.90 -0.92
N THR A 319 -36.91 10.17 -0.50
CA THR A 319 -35.68 10.86 -0.14
C THR A 319 -35.06 10.21 1.10
N THR A 320 -35.91 9.79 2.03
CA THR A 320 -35.46 9.12 3.24
C THR A 320 -34.76 7.81 2.90
N VAL A 321 -35.32 7.06 1.95
CA VAL A 321 -34.67 5.84 1.46
C VAL A 321 -33.30 6.18 0.88
N LEU A 322 -33.22 7.25 0.09
CA LEU A 322 -31.94 7.67 -0.48
C LEU A 322 -30.90 7.92 0.62
N THR A 323 -31.31 8.65 1.65
CA THR A 323 -30.44 9.01 2.76
C THR A 323 -29.92 7.77 3.48
N MET A 324 -30.82 6.84 3.80
CA MET A 324 -30.41 5.62 4.50
C MET A 324 -29.47 4.77 3.65
N SER A 325 -29.73 4.67 2.34
CA SER A 325 -28.81 3.93 1.49
C SER A 325 -27.44 4.58 1.45
N THR A 326 -27.39 5.93 1.44
CA THR A 326 -26.10 6.60 1.49
C THR A 326 -25.36 6.27 2.79
N ILE A 327 -26.05 6.28 3.93
CA ILE A 327 -25.40 5.96 5.19
C ILE A 327 -24.83 4.55 5.15
N ILE A 328 -25.64 3.58 4.72
CA ILE A 328 -25.18 2.19 4.72
C ILE A 328 -23.97 2.02 3.80
N THR A 329 -24.03 2.60 2.60
CA THR A 329 -22.88 2.54 1.70
C THR A 329 -21.64 3.16 2.36
N GLY A 330 -21.81 4.27 3.07
CA GLY A 330 -20.67 4.89 3.73
C GLY A 330 -20.05 4.01 4.79
N VAL A 331 -20.89 3.22 5.48
CA VAL A 331 -20.38 2.30 6.50
C VAL A 331 -19.74 1.08 5.85
N ASN A 332 -20.13 0.75 4.62
CA ASN A 332 -19.52 -0.43 4.00
C ASN A 332 -18.15 -0.15 3.40
N ALA A 333 -17.85 1.11 3.04
CA ALA A 333 -16.62 1.49 2.37
C ALA A 333 -15.46 1.72 3.33
N SER A 334 -15.63 1.38 4.62
CA SER A 334 -14.58 1.56 5.60
C SER A 334 -14.39 0.38 6.56
N MET A 335 -15.02 -0.75 6.31
CA MET A 335 -14.95 -1.88 7.22
C MET A 335 -13.72 -2.72 6.88
N PRO A 336 -13.22 -3.52 7.84
CA PRO A 336 -11.97 -4.26 7.58
C PRO A 336 -12.06 -5.36 6.52
N ARG A 337 -13.21 -5.47 5.84
CA ARG A 337 -13.36 -6.28 4.62
C ARG A 337 -13.26 -7.77 4.91
N VAL A 338 -14.12 -8.26 5.80
CA VAL A 338 -14.15 -9.67 6.19
C VAL A 338 -15.53 -10.21 5.79
N SER A 339 -15.54 -11.19 4.91
CA SER A 339 -16.75 -11.49 4.15
C SER A 339 -17.62 -12.54 4.86
N TYR A 340 -18.15 -12.15 6.00
CA TYR A 340 -19.28 -12.85 6.60
C TYR A 340 -20.07 -11.88 7.45
N ILE A 341 -21.36 -12.20 7.59
CA ILE A 341 -22.33 -11.37 8.36
C ILE A 341 -22.02 -11.14 9.85
N LYS A 342 -22.01 -9.92 10.32
CA LYS A 342 -21.68 -9.45 11.65
C LYS A 342 -22.86 -8.67 12.24
N ALA A 343 -22.74 -8.35 13.54
CA ALA A 343 -23.89 -7.94 14.33
C ALA A 343 -24.41 -6.54 13.99
N VAL A 344 -23.65 -5.66 13.35
CA VAL A 344 -24.08 -4.33 12.94
C VAL A 344 -24.81 -4.35 11.59
N ASP A 345 -24.44 -5.26 10.72
CA ASP A 345 -25.13 -5.44 9.46
C ASP A 345 -26.61 -5.70 9.69
N ILE A 346 -26.93 -6.52 10.68
CA ILE A 346 -28.33 -6.83 10.98
C ILE A 346 -29.08 -5.55 11.36
N TYR A 347 -28.51 -4.75 12.26
CA TYR A 347 -29.16 -3.51 12.67
C TYR A 347 -29.47 -2.64 11.45
N LEU A 348 -28.49 -2.50 10.58
CA LEU A 348 -28.61 -1.56 9.47
C LEU A 348 -29.68 -2.04 8.48
N TRP A 349 -29.71 -3.35 8.21
CA TRP A 349 -30.66 -3.84 7.22
C TRP A 349 -32.08 -3.89 7.79
N VAL A 350 -32.25 -4.03 9.11
CA VAL A 350 -33.59 -3.98 9.68
C VAL A 350 -34.13 -2.56 9.64
N SER A 351 -33.25 -1.56 9.84
CA SER A 351 -33.77 -0.20 9.74
C SER A 351 -34.05 0.18 8.29
N PHE A 352 -33.30 -0.42 7.34
CA PHE A 352 -33.69 -0.29 5.93
C PHE A 352 -35.10 -0.83 5.69
N VAL A 353 -35.41 -2.02 6.22
CA VAL A 353 -36.71 -2.61 5.98
C VAL A 353 -37.83 -1.78 6.61
N PHE A 354 -37.57 -1.21 7.80
CA PHE A 354 -38.59 -0.32 8.38
C PHE A 354 -38.87 0.88 7.47
N VAL A 355 -37.81 1.54 6.98
CA VAL A 355 -38.02 2.69 6.12
C VAL A 355 -38.77 2.29 4.85
N PHE A 356 -38.50 1.09 4.33
CA PHE A 356 -39.19 0.62 3.13
C PHE A 356 -40.69 0.41 3.37
N LEU A 357 -41.03 -0.19 4.51
CA LEU A 357 -42.45 -0.38 4.84
C LEU A 357 -43.17 0.96 4.99
N SER A 358 -42.49 1.97 5.55
CA SER A 358 -43.17 3.27 5.67
C SER A 358 -43.60 3.81 4.31
N VAL A 359 -42.85 3.50 3.25
CA VAL A 359 -43.20 3.98 1.91
C VAL A 359 -44.31 3.12 1.31
N LEU A 360 -44.40 1.83 1.69
CA LEU A 360 -45.55 1.08 1.18
C LEU A 360 -46.89 1.56 1.79
N GLU A 361 -46.82 2.05 3.03
CA GLU A 361 -48.03 2.39 3.79
C GLU A 361 -48.85 3.48 3.09
N TYR A 362 -48.19 4.55 2.65
CA TYR A 362 -48.93 5.70 2.14
C TYR A 362 -49.50 5.39 0.76
N ALA A 363 -48.89 4.45 0.05
CA ALA A 363 -49.47 4.01 -1.22
C ALA A 363 -50.78 3.30 -0.98
N ALA A 364 -50.82 2.43 0.05
CA ALA A 364 -52.10 1.84 0.46
C ALA A 364 -53.16 2.93 0.73
N VAL A 365 -52.79 3.92 1.55
CA VAL A 365 -53.75 4.97 1.93
C VAL A 365 -54.22 5.75 0.69
N ASN A 366 -53.29 6.08 -0.21
CA ASN A 366 -53.70 6.87 -1.38
C ASN A 366 -54.65 6.08 -2.27
N TYR A 367 -54.35 4.80 -2.45
CA TYR A 367 -55.16 4.00 -3.38
C TYR A 367 -56.57 3.88 -2.84
N LEU A 368 -56.69 3.70 -1.52
CA LEU A 368 -58.01 3.53 -0.92
C LEU A 368 -58.81 4.83 -0.98
N THR A 369 -58.17 5.96 -0.67
CA THR A 369 -58.90 7.22 -0.75
C THR A 369 -59.39 7.48 -2.17
N THR A 370 -58.55 7.17 -3.16
CA THR A 370 -58.92 7.45 -4.55
C THR A 370 -60.10 6.59 -4.96
N VAL A 371 -60.08 5.30 -4.63
CA VAL A 371 -61.19 4.43 -5.03
C VAL A 371 -62.46 4.85 -4.31
N GLN A 372 -62.37 5.31 -3.06
CA GLN A 372 -63.57 5.80 -2.40
C GLN A 372 -64.13 7.03 -3.11
N GLU A 373 -63.26 7.96 -3.50
CA GLU A 373 -63.69 9.13 -4.25
C GLU A 373 -64.44 8.72 -5.51
N ARG A 374 -63.90 7.73 -6.23
CA ARG A 374 -64.56 7.23 -7.44
C ARG A 374 -65.89 6.54 -7.12
N LYS A 375 -65.99 5.91 -5.95
CA LYS A 375 -67.21 5.17 -5.61
C LYS A 375 -68.34 6.12 -5.24
N GLU A 376 -68.04 7.20 -4.51
CA GLU A 376 -69.07 8.17 -4.16
C GLU A 376 -69.57 8.90 -5.40
N GLN A 377 -68.66 9.27 -6.30
CA GLN A 377 -69.03 9.97 -7.52
C GLN A 377 -69.50 8.98 -8.59
N ASP A 451 -60.71 14.02 8.09
CA ASP A 451 -60.78 12.77 8.85
C ASP A 451 -59.55 11.92 8.62
N THR A 452 -58.85 11.58 9.67
CA THR A 452 -57.72 10.69 9.53
C THR A 452 -58.16 9.34 9.01
N HIS A 453 -57.32 8.73 8.24
CA HIS A 453 -57.56 7.36 7.80
C HIS A 453 -57.18 6.36 8.89
N ALA A 454 -57.92 5.24 8.93
CA ALA A 454 -57.68 4.21 9.93
C ALA A 454 -56.24 3.72 9.90
N ILE A 455 -55.67 3.54 8.72
CA ILE A 455 -54.32 2.99 8.60
C ILE A 455 -53.30 3.95 9.20
N ASP A 456 -53.49 5.26 9.03
CA ASP A 456 -52.57 6.22 9.62
C ASP A 456 -52.60 6.17 11.15
N LYS A 457 -53.79 6.28 11.74
CA LYS A 457 -53.92 6.28 13.19
C LYS A 457 -53.59 4.92 13.80
N TYR A 458 -53.53 3.86 13.00
CA TYR A 458 -53.02 2.60 13.52
C TYR A 458 -51.49 2.52 13.40
N SER A 459 -50.94 3.01 12.29
CA SER A 459 -49.49 2.97 12.12
C SER A 459 -48.77 3.81 13.16
N ARG A 460 -49.36 4.97 13.51
CA ARG A 460 -48.82 5.85 14.55
C ARG A 460 -48.49 5.09 15.83
N ILE A 461 -49.25 4.02 16.13
CA ILE A 461 -48.96 3.19 17.29
C ILE A 461 -48.09 2.00 16.93
N ILE A 462 -48.36 1.34 15.81
CA ILE A 462 -47.75 0.03 15.58
C ILE A 462 -46.26 0.16 15.29
N PHE A 463 -45.87 1.09 14.42
CA PHE A 463 -44.46 1.13 14.00
C PHE A 463 -43.46 1.29 15.15
N PRO A 464 -43.67 2.32 16.06
CA PRO A 464 -42.63 2.41 17.11
C PRO A 464 -42.56 1.22 18.04
N ALA A 465 -43.69 0.73 18.50
CA ALA A 465 -43.71 -0.46 19.36
C ALA A 465 -42.91 -1.61 18.76
N ALA A 466 -43.00 -1.83 17.45
CA ALA A 466 -42.24 -2.92 16.85
C ALA A 466 -40.76 -2.59 16.77
N TYR A 467 -40.43 -1.30 16.57
CA TYR A 467 -39.01 -0.94 16.67
C TYR A 467 -38.47 -1.17 18.08
N ILE A 468 -39.25 -0.80 19.10
CA ILE A 468 -38.86 -1.05 20.48
C ILE A 468 -38.65 -2.54 20.72
N LEU A 469 -39.58 -3.37 20.24
CA LEU A 469 -39.51 -4.82 20.43
C LEU A 469 -38.29 -5.43 19.77
N PHE A 470 -37.90 -4.90 18.62
CA PHE A 470 -36.69 -5.31 17.92
C PHE A 470 -35.45 -4.95 18.72
N ASN A 471 -35.42 -3.74 19.28
CA ASN A 471 -34.26 -3.31 20.07
C ASN A 471 -34.11 -4.14 21.32
N LEU A 472 -35.22 -4.44 22.02
CA LEU A 472 -35.15 -5.31 23.18
C LEU A 472 -34.52 -6.65 22.84
N ILE A 473 -35.02 -7.31 21.79
CA ILE A 473 -34.52 -8.64 21.44
C ILE A 473 -33.05 -8.57 21.01
N TYR A 474 -32.71 -7.57 20.19
CA TYR A 474 -31.34 -7.44 19.69
C TYR A 474 -30.35 -7.28 20.84
N TRP A 475 -30.63 -6.35 21.76
CA TRP A 475 -29.70 -6.15 22.86
C TRP A 475 -29.81 -7.21 23.95
N SER A 476 -30.84 -8.06 23.91
CA SER A 476 -30.82 -9.26 24.75
C SER A 476 -29.91 -10.32 24.19
N ILE A 477 -29.77 -10.35 22.87
CA ILE A 477 -28.90 -11.33 22.22
C ILE A 477 -27.44 -10.89 22.24
N PHE A 478 -27.12 -9.61 21.98
CA PHE A 478 -25.71 -9.25 21.99
C PHE A 478 -25.26 -8.55 23.26
N SER A 479 -26.18 -8.21 24.17
CA SER A 479 -25.81 -7.69 25.49
C SER A 479 -24.86 -6.50 25.43
N SER B 75 32.26 -35.30 16.39
CA SER B 75 31.24 -35.30 15.35
C SER B 75 31.83 -34.89 14.00
N GLU B 76 32.42 -33.71 13.93
CA GLU B 76 33.09 -33.30 12.69
C GLU B 76 34.23 -34.26 12.40
N GLN B 77 34.70 -34.97 13.42
CA GLN B 77 35.76 -35.96 13.25
C GLN B 77 35.17 -37.33 12.98
N LEU B 78 34.10 -37.68 13.69
CA LEU B 78 33.43 -38.96 13.47
C LEU B 78 33.15 -39.18 11.99
N LEU B 79 32.80 -38.10 11.30
CA LEU B 79 32.55 -38.19 9.87
C LEU B 79 33.81 -37.71 9.15
N ARG B 80 34.32 -38.55 8.24
CA ARG B 80 35.56 -38.22 7.52
C ARG B 80 35.22 -37.19 6.45
N ILE B 81 35.04 -35.95 6.90
CA ILE B 81 34.58 -34.89 6.00
C ILE B 81 35.62 -34.60 4.91
N ASP B 82 36.89 -34.56 5.28
CA ASP B 82 37.95 -34.20 4.34
C ASP B 82 38.41 -35.37 3.50
N ASP B 83 37.88 -36.57 3.71
CA ASP B 83 38.27 -37.76 2.97
C ASP B 83 37.36 -38.05 1.78
N HIS B 84 36.36 -37.20 1.54
CA HIS B 84 35.39 -37.43 0.46
C HIS B 84 35.13 -36.22 -0.41
N ASP B 85 34.39 -36.42 -1.51
CA ASP B 85 34.03 -35.32 -2.43
C ASP B 85 32.53 -35.13 -2.51
N PHE B 86 32.00 -34.02 -1.99
CA PHE B 86 30.56 -33.82 -1.92
C PHE B 86 29.94 -32.96 -3.03
N SER B 87 30.71 -32.56 -4.01
CA SER B 87 30.10 -31.91 -5.18
C SER B 87 29.53 -33.08 -5.95
N MET B 88 29.87 -34.30 -5.52
CA MET B 88 29.44 -35.50 -6.25
C MET B 88 28.26 -36.16 -5.57
N ARG B 89 27.13 -36.28 -6.27
CA ARG B 89 25.99 -36.94 -5.65
C ARG B 89 26.37 -38.35 -5.20
N PRO B 90 25.81 -38.81 -4.08
CA PRO B 90 26.04 -40.20 -3.63
C PRO B 90 25.76 -41.20 -4.73
N GLY B 91 26.80 -41.96 -5.10
CA GLY B 91 26.67 -42.92 -6.19
C GLY B 91 26.69 -42.38 -7.59
N PHE B 92 27.46 -41.31 -7.86
CA PHE B 92 27.60 -40.80 -9.21
C PHE B 92 28.07 -41.91 -10.15
N GLY B 93 27.31 -42.16 -11.22
CA GLY B 93 27.69 -43.29 -12.06
C GLY B 93 26.53 -44.16 -12.46
N GLY B 94 26.25 -45.19 -11.65
CA GLY B 94 25.11 -46.03 -11.89
C GLY B 94 23.75 -45.37 -11.68
N PRO B 95 22.83 -46.11 -10.97
CA PRO B 95 21.47 -45.57 -10.93
C PRO B 95 21.20 -44.32 -10.14
N ALA B 96 19.94 -43.94 -10.17
CA ALA B 96 19.54 -42.69 -9.54
C ALA B 96 19.26 -42.86 -8.06
N ILE B 97 19.61 -41.85 -7.30
CA ILE B 97 19.44 -41.89 -5.87
C ILE B 97 17.96 -41.77 -5.50
N PRO B 98 17.51 -42.66 -4.61
CA PRO B 98 16.14 -42.45 -4.13
C PRO B 98 16.09 -41.42 -3.02
N VAL B 99 15.19 -40.44 -3.16
CA VAL B 99 14.98 -39.39 -2.17
C VAL B 99 13.49 -39.28 -1.89
N GLY B 100 13.12 -39.24 -0.61
CA GLY B 100 11.72 -39.34 -0.22
C GLY B 100 11.29 -38.19 0.68
N VAL B 101 10.08 -37.69 0.44
CA VAL B 101 9.66 -36.36 0.90
C VAL B 101 8.45 -36.49 1.81
N ASP B 102 8.38 -35.62 2.81
CA ASP B 102 7.29 -35.59 3.80
C ASP B 102 7.01 -34.12 4.12
N VAL B 103 5.72 -33.75 4.15
CA VAL B 103 5.34 -32.36 4.33
C VAL B 103 4.29 -32.24 5.44
N GLN B 104 4.37 -31.15 6.20
CA GLN B 104 3.35 -30.77 7.18
C GLN B 104 3.04 -29.29 7.01
N VAL B 105 1.76 -28.94 6.81
CA VAL B 105 1.39 -27.56 6.53
C VAL B 105 1.01 -26.88 7.84
N GLU B 106 1.63 -25.74 8.10
CA GLU B 106 1.33 -24.94 9.28
C GLU B 106 0.16 -23.98 9.07
N SER B 107 0.18 -23.20 7.99
CA SER B 107 -0.85 -22.17 7.82
C SER B 107 -0.92 -21.70 6.38
N LEU B 108 -2.12 -21.31 5.96
CA LEU B 108 -2.29 -20.48 4.78
C LEU B 108 -2.42 -19.03 5.22
N ASP B 109 -1.59 -18.16 4.64
CA ASP B 109 -1.37 -16.81 5.19
C ASP B 109 -2.15 -15.72 4.48
N SER B 110 -2.27 -15.74 3.15
CA SER B 110 -3.03 -14.67 2.52
C SER B 110 -3.37 -15.11 1.10
N ILE B 111 -4.32 -14.42 0.49
CA ILE B 111 -4.73 -14.68 -0.89
C ILE B 111 -4.92 -13.34 -1.60
N SER B 112 -4.45 -13.27 -2.85
CA SER B 112 -4.71 -12.11 -3.71
C SER B 112 -5.53 -12.56 -4.90
N GLU B 113 -6.69 -11.94 -5.10
CA GLU B 113 -7.52 -12.23 -6.27
C GLU B 113 -7.09 -11.42 -7.49
N VAL B 114 -6.56 -10.21 -7.27
CA VAL B 114 -6.06 -9.40 -8.37
C VAL B 114 -4.83 -10.03 -8.99
N ASP B 115 -3.86 -10.42 -8.15
CA ASP B 115 -2.59 -10.98 -8.61
C ASP B 115 -2.64 -12.48 -8.86
N MET B 116 -3.68 -13.16 -8.36
CA MET B 116 -3.88 -14.59 -8.58
C MET B 116 -2.75 -15.44 -8.00
N ASP B 117 -2.74 -15.55 -6.67
CA ASP B 117 -1.66 -16.23 -5.96
C ASP B 117 -2.04 -16.38 -4.50
N PHE B 118 -1.25 -17.17 -3.78
CA PHE B 118 -1.51 -17.43 -2.36
C PHE B 118 -0.19 -17.64 -1.62
N THR B 119 -0.27 -17.57 -0.30
CA THR B 119 0.92 -17.67 0.55
C THR B 119 0.71 -18.76 1.60
N MET B 120 1.70 -19.64 1.74
CA MET B 120 1.62 -20.78 2.62
C MET B 120 2.95 -20.95 3.35
N THR B 121 2.88 -21.53 4.55
CA THR B 121 4.04 -21.80 5.40
C THR B 121 3.98 -23.25 5.89
N LEU B 122 5.11 -23.96 5.80
CA LEU B 122 5.10 -25.40 6.01
C LEU B 122 6.47 -25.86 6.48
N TYR B 123 6.50 -27.13 6.89
CA TYR B 123 7.73 -27.87 7.16
C TYR B 123 7.97 -28.86 6.03
N LEU B 124 9.25 -28.99 5.63
CA LEU B 124 9.63 -29.89 4.54
C LEU B 124 10.72 -30.84 5.01
N ARG B 125 10.59 -32.14 4.73
CA ARG B 125 11.51 -33.16 5.23
C ARG B 125 11.98 -34.06 4.10
N HIS B 126 13.24 -34.49 4.18
CA HIS B 126 13.86 -35.33 3.17
C HIS B 126 14.53 -36.52 3.84
N TYR B 127 14.64 -37.62 3.10
CA TYR B 127 15.32 -38.81 3.57
C TYR B 127 16.18 -39.38 2.45
N TRP B 128 17.40 -39.81 2.81
CA TRP B 128 18.27 -40.52 1.87
C TRP B 128 19.38 -41.19 2.67
N LYS B 129 20.17 -42.00 1.98
CA LYS B 129 21.29 -42.71 2.57
C LYS B 129 22.58 -42.34 1.84
N ASP B 130 23.63 -42.09 2.63
CA ASP B 130 24.94 -41.73 2.10
C ASP B 130 25.98 -42.33 3.04
N GLU B 131 26.69 -43.36 2.57
CA GLU B 131 27.62 -44.10 3.41
C GLU B 131 28.94 -43.37 3.60
N ARG B 132 29.09 -42.19 3.00
CA ARG B 132 30.21 -41.32 3.35
C ARG B 132 30.03 -40.71 4.74
N LEU B 133 28.82 -40.74 5.30
CA LEU B 133 28.51 -40.13 6.58
C LEU B 133 28.37 -41.14 7.72
N SER B 134 28.69 -42.40 7.48
CA SER B 134 28.56 -43.41 8.53
C SER B 134 29.67 -43.27 9.55
N PHE B 135 29.36 -43.62 10.79
CA PHE B 135 30.32 -43.53 11.88
C PHE B 135 30.26 -44.75 12.76
N PRO B 136 31.39 -45.16 13.35
CA PRO B 136 31.42 -46.27 14.30
C PRO B 136 30.78 -45.96 15.63
N SER B 137 29.48 -46.20 15.81
CA SER B 137 28.96 -46.21 17.17
C SER B 137 27.99 -47.37 17.35
N THR B 138 27.87 -47.84 18.61
CA THR B 138 27.07 -49.03 18.87
C THR B 138 25.62 -48.72 19.21
N ASN B 139 25.18 -47.47 19.13
CA ASN B 139 23.97 -47.08 19.86
C ASN B 139 22.70 -47.33 19.05
N ASN B 140 22.84 -47.52 17.74
CA ASN B 140 21.70 -47.70 16.84
C ASN B 140 20.69 -46.58 17.02
N LEU B 141 21.17 -45.34 17.06
CA LEU B 141 20.37 -44.18 17.39
C LEU B 141 20.96 -42.96 16.69
N SER B 142 20.11 -41.97 16.44
CA SER B 142 20.55 -40.87 15.60
C SER B 142 21.22 -39.77 16.43
N MET B 143 21.85 -38.84 15.70
CA MET B 143 22.56 -37.71 16.27
C MET B 143 21.89 -36.41 15.83
N THR B 144 22.53 -35.26 16.04
CA THR B 144 21.92 -34.01 15.59
C THR B 144 22.97 -33.02 15.14
N PHE B 145 22.65 -32.26 14.10
CA PHE B 145 23.44 -31.13 13.61
C PHE B 145 22.46 -30.06 13.14
N ASP B 146 23.00 -28.91 12.74
CA ASP B 146 22.13 -27.80 12.34
C ASP B 146 22.87 -26.89 11.39
N GLY B 147 22.50 -26.93 10.11
CA GLY B 147 22.81 -25.85 9.19
C GLY B 147 24.24 -25.66 8.73
N ARG B 148 25.15 -25.40 9.67
CA ARG B 148 26.56 -25.29 9.30
C ARG B 148 27.05 -26.51 8.54
N LEU B 149 26.56 -27.69 8.92
CA LEU B 149 27.04 -28.90 8.27
C LEU B 149 26.48 -29.04 6.85
N VAL B 150 25.33 -28.39 6.58
CA VAL B 150 24.68 -28.54 5.28
C VAL B 150 25.59 -28.02 4.19
N LYS B 151 26.41 -27.02 4.53
CA LYS B 151 27.29 -26.47 3.52
C LYS B 151 28.62 -27.21 3.44
N LYS B 152 28.86 -28.17 4.34
CA LYS B 152 30.02 -29.04 4.16
C LYS B 152 29.67 -30.31 3.39
N ILE B 153 28.47 -30.84 3.56
CA ILE B 153 28.11 -32.10 2.90
C ILE B 153 27.21 -31.91 1.71
N TRP B 154 26.94 -33.00 1.07
CA TRP B 154 26.07 -32.95 -0.10
C TRP B 154 24.61 -33.05 0.34
N VAL B 155 23.76 -32.21 -0.24
CA VAL B 155 22.36 -32.10 0.17
C VAL B 155 21.50 -31.95 -1.08
N PRO B 156 20.25 -32.43 -1.13
CA PRO B 156 19.48 -32.27 -2.37
C PRO B 156 19.10 -30.82 -2.60
N ASP B 157 18.47 -30.56 -3.75
CA ASP B 157 18.27 -29.19 -4.20
C ASP B 157 16.86 -28.97 -4.77
N MET B 158 15.84 -29.21 -3.95
CA MET B 158 14.47 -29.05 -4.41
C MET B 158 14.08 -27.58 -4.47
N PHE B 159 13.08 -27.27 -5.29
CA PHE B 159 12.64 -25.89 -5.41
C PHE B 159 11.16 -25.90 -5.75
N PHE B 160 10.50 -24.77 -5.51
CA PHE B 160 9.06 -24.65 -5.67
C PHE B 160 8.74 -24.10 -7.05
N VAL B 161 7.98 -24.87 -7.83
CA VAL B 161 7.71 -24.56 -9.23
C VAL B 161 6.49 -23.66 -9.31
N HIS B 162 6.58 -22.62 -10.14
CA HIS B 162 5.54 -21.60 -10.30
C HIS B 162 5.35 -20.80 -9.02
N SER B 163 6.46 -20.27 -8.50
CA SER B 163 6.47 -19.50 -7.26
C SER B 163 6.94 -18.08 -7.56
N LYS B 164 6.41 -17.12 -6.81
CA LYS B 164 6.80 -15.74 -6.97
C LYS B 164 7.88 -15.29 -5.99
N ARG B 165 7.94 -15.91 -4.81
CA ARG B 165 8.88 -15.54 -3.76
C ARG B 165 8.80 -16.55 -2.63
N SER B 166 9.89 -16.64 -1.87
CA SER B 166 10.01 -17.58 -0.76
C SER B 166 11.27 -17.27 0.01
N PHE B 167 11.34 -17.82 1.22
CA PHE B 167 12.49 -17.64 2.11
C PHE B 167 12.45 -18.70 3.19
N ILE B 168 13.58 -18.86 3.88
CA ILE B 168 13.71 -19.75 5.03
C ILE B 168 13.87 -18.88 6.27
N HIS B 169 13.21 -19.27 7.36
CA HIS B 169 13.24 -18.46 8.57
C HIS B 169 14.58 -18.62 9.29
N ASP B 170 15.01 -17.55 9.97
CA ASP B 170 16.35 -17.50 10.53
C ASP B 170 16.43 -16.81 11.89
N THR B 171 15.39 -16.94 12.72
CA THR B 171 15.39 -16.36 14.06
C THR B 171 14.87 -17.38 15.06
N THR B 172 15.61 -17.58 16.16
CA THR B 172 16.85 -16.82 16.42
C THR B 172 18.09 -17.38 15.73
N THR B 173 17.95 -18.54 15.08
CA THR B 173 18.96 -19.01 14.14
C THR B 173 18.25 -19.75 13.02
N ASP B 174 19.04 -20.32 12.10
CA ASP B 174 18.45 -20.94 10.94
C ASP B 174 17.60 -22.14 11.34
N ASN B 175 16.34 -22.13 10.91
CA ASN B 175 15.41 -23.22 11.17
C ASN B 175 15.76 -24.42 10.30
N VAL B 176 16.85 -25.09 10.56
CA VAL B 176 17.31 -26.23 9.81
C VAL B 176 17.72 -27.28 10.83
N MET B 177 17.40 -28.52 10.63
CA MET B 177 17.67 -29.68 11.47
C MET B 177 18.29 -30.76 10.60
N LEU B 178 19.20 -31.53 11.19
CA LEU B 178 19.92 -32.61 10.51
C LEU B 178 20.14 -33.74 11.50
N ARG B 179 19.68 -34.94 11.15
CA ARG B 179 19.92 -36.10 12.00
C ARG B 179 20.53 -37.22 11.18
N VAL B 180 21.60 -37.83 11.70
CA VAL B 180 22.30 -38.91 11.02
C VAL B 180 22.43 -40.08 11.98
N GLN B 181 22.12 -41.28 11.48
CA GLN B 181 22.34 -42.56 12.14
C GLN B 181 23.70 -43.15 11.79
N PRO B 182 24.17 -44.08 12.62
CA PRO B 182 25.38 -44.86 12.28
C PRO B 182 25.47 -45.37 10.85
N ASP B 183 24.36 -45.72 10.19
CA ASP B 183 24.46 -46.30 8.86
C ASP B 183 24.83 -45.26 7.81
N GLY B 184 24.55 -43.99 8.07
CA GLY B 184 24.65 -42.94 7.09
C GLY B 184 23.31 -42.51 6.55
N LYS B 185 22.22 -43.11 7.02
CA LYS B 185 20.88 -42.63 6.71
C LYS B 185 20.68 -41.25 7.33
N VAL B 186 19.94 -40.46 6.55
CA VAL B 186 19.78 -39.07 6.90
C VAL B 186 18.43 -38.47 6.89
N LEU B 187 18.21 -37.62 7.86
CA LEU B 187 17.00 -36.82 7.82
C LEU B 187 17.37 -35.34 7.87
N TYR B 188 16.67 -34.53 7.08
CA TYR B 188 16.96 -33.13 6.83
C TYR B 188 15.65 -32.35 6.71
N SER B 189 15.52 -31.25 7.46
CA SER B 189 14.24 -30.54 7.55
C SER B 189 14.41 -29.04 7.67
N LEU B 190 13.43 -28.31 7.11
CA LEU B 190 13.46 -26.85 6.99
C LEU B 190 12.09 -26.27 7.31
N ARG B 191 12.04 -24.95 7.46
CA ARG B 191 10.78 -24.24 7.65
C ARG B 191 10.75 -23.05 6.71
N VAL B 192 9.74 -22.99 5.84
CA VAL B 192 9.75 -22.04 4.73
C VAL B 192 8.37 -21.43 4.55
N THR B 193 8.35 -20.28 3.86
CA THR B 193 7.13 -19.59 3.44
C THR B 193 7.21 -19.35 1.94
N VAL B 194 6.13 -19.65 1.22
CA VAL B 194 6.12 -19.60 -0.24
C VAL B 194 4.90 -18.83 -0.72
N THR B 195 5.09 -18.02 -1.76
CA THR B 195 3.98 -17.45 -2.53
C THR B 195 3.98 -18.10 -3.91
N ALA B 196 2.81 -18.57 -4.34
CA ALA B 196 2.69 -19.49 -5.46
C ALA B 196 1.45 -19.18 -6.29
N MET B 197 1.62 -19.22 -7.61
CA MET B 197 0.61 -18.72 -8.53
C MET B 197 -0.57 -19.70 -8.62
N CYS B 198 -1.76 -19.14 -8.81
CA CYS B 198 -2.96 -19.94 -9.00
C CYS B 198 -3.85 -19.20 -9.99
N ASN B 199 -4.08 -19.78 -11.17
CA ASN B 199 -4.98 -19.12 -12.11
C ASN B 199 -6.43 -19.33 -11.70
N MET B 200 -7.16 -18.22 -11.62
CA MET B 200 -8.54 -18.19 -11.17
C MET B 200 -9.43 -17.62 -12.27
N ASP B 201 -10.70 -18.01 -12.23
CA ASP B 201 -11.70 -17.53 -13.17
C ASP B 201 -12.92 -17.06 -12.38
N PHE B 202 -13.24 -15.77 -12.50
CA PHE B 202 -14.24 -15.12 -11.67
C PHE B 202 -15.56 -14.87 -12.41
N SER B 203 -15.81 -15.53 -13.54
CA SER B 203 -17.00 -15.18 -14.30
C SER B 203 -18.30 -15.67 -13.67
N ARG B 204 -18.22 -16.58 -12.70
CA ARG B 204 -19.38 -16.99 -11.91
C ARG B 204 -19.45 -16.29 -10.56
N PHE B 205 -18.68 -15.22 -10.36
CA PHE B 205 -18.65 -14.53 -9.08
C PHE B 205 -20.04 -13.98 -8.76
N PRO B 206 -20.49 -14.07 -7.50
CA PRO B 206 -19.90 -14.66 -6.29
C PRO B 206 -20.09 -16.18 -6.10
N LEU B 207 -20.51 -16.89 -7.13
CA LEU B 207 -20.79 -18.32 -7.04
C LEU B 207 -19.67 -19.18 -7.64
N ASP B 208 -18.44 -18.70 -7.58
CA ASP B 208 -17.29 -19.42 -8.13
C ASP B 208 -16.71 -20.39 -7.11
N THR B 209 -15.90 -21.30 -7.65
CA THR B 209 -15.18 -22.26 -6.86
C THR B 209 -13.76 -22.24 -7.49
N GLN B 210 -12.68 -22.25 -6.68
CA GLN B 210 -11.32 -22.30 -7.20
C GLN B 210 -10.56 -23.48 -6.61
N THR B 211 -9.60 -23.98 -7.38
CA THR B 211 -8.68 -25.03 -6.94
C THR B 211 -7.25 -24.60 -7.24
N CYS B 212 -6.35 -24.78 -6.27
CA CYS B 212 -4.97 -24.37 -6.39
C CYS B 212 -4.05 -25.53 -6.01
N SER B 213 -2.75 -25.34 -6.22
CA SER B 213 -1.79 -26.39 -5.95
C SER B 213 -0.41 -25.82 -5.70
N LEU B 214 0.43 -26.61 -5.03
CA LEU B 214 1.83 -26.31 -4.79
C LEU B 214 2.67 -27.43 -5.38
N GLU B 215 3.69 -27.07 -6.16
CA GLU B 215 4.49 -28.02 -6.91
C GLU B 215 5.92 -28.01 -6.42
N ILE B 216 6.54 -29.19 -6.39
CA ILE B 216 7.88 -29.38 -5.85
C ILE B 216 8.69 -30.18 -6.86
N GLU B 217 9.91 -29.73 -7.14
CA GLU B 217 10.74 -30.34 -8.17
C GLU B 217 12.22 -30.15 -7.85
N SER B 218 13.04 -31.05 -8.40
CA SER B 218 14.51 -30.93 -8.36
C SER B 218 14.97 -29.98 -9.44
N TYR B 219 15.93 -29.17 -9.09
CA TYR B 219 16.36 -28.19 -10.08
C TYR B 219 17.41 -28.76 -11.04
N ALA B 220 18.43 -29.43 -10.50
CA ALA B 220 19.67 -29.65 -11.24
C ALA B 220 19.79 -31.07 -11.79
N TYR B 221 19.14 -32.05 -11.17
CA TYR B 221 19.33 -33.46 -11.48
C TYR B 221 18.07 -34.03 -12.11
N THR B 222 18.25 -34.85 -13.13
CA THR B 222 17.11 -35.42 -13.85
C THR B 222 16.79 -36.80 -13.28
N GLU B 223 15.69 -37.38 -13.77
CA GLU B 223 15.26 -38.70 -13.33
C GLU B 223 16.33 -39.76 -13.52
N ASP B 224 17.38 -39.49 -14.30
CA ASP B 224 18.51 -40.40 -14.42
C ASP B 224 19.53 -40.21 -13.30
N ASP B 225 19.40 -39.17 -12.49
CA ASP B 225 20.29 -39.04 -11.33
C ASP B 225 19.58 -39.01 -10.00
N LEU B 226 18.31 -38.61 -9.95
CA LEU B 226 17.60 -38.57 -8.67
C LEU B 226 16.14 -38.95 -8.85
N MET B 227 15.61 -39.73 -7.90
CA MET B 227 14.27 -40.30 -7.94
C MET B 227 13.47 -39.69 -6.79
N LEU B 228 12.39 -38.99 -7.13
CA LEU B 228 11.60 -38.24 -6.17
C LEU B 228 10.26 -38.94 -5.95
N TYR B 229 9.89 -39.12 -4.69
CA TYR B 229 8.64 -39.81 -4.35
C TYR B 229 8.20 -39.41 -2.96
N TRP B 230 6.91 -39.59 -2.69
CA TRP B 230 6.38 -39.37 -1.35
C TRP B 230 6.80 -40.51 -0.44
N LYS B 231 7.24 -40.19 0.79
CA LYS B 231 7.87 -41.18 1.65
C LYS B 231 6.91 -42.30 2.05
N LYS B 232 5.63 -41.98 2.22
CA LYS B 232 4.63 -42.91 2.76
C LYS B 232 3.35 -42.85 1.93
N GLY B 233 3.45 -42.46 0.67
CA GLY B 233 2.29 -42.47 -0.20
C GLY B 233 1.29 -41.40 0.18
N ASN B 234 0.04 -41.81 0.34
CA ASN B 234 -1.03 -40.88 0.71
C ASN B 234 -0.89 -40.32 2.12
N ASP B 235 -0.09 -40.94 2.98
CA ASP B 235 0.05 -40.53 4.38
C ASP B 235 1.15 -39.50 4.59
N SER B 236 1.73 -38.96 3.52
CA SER B 236 2.88 -38.07 3.62
C SER B 236 2.50 -36.60 3.70
N LEU B 237 1.23 -36.29 3.95
CA LEU B 237 0.78 -34.92 4.15
C LEU B 237 0.00 -34.81 5.44
N LYS B 238 0.40 -33.86 6.28
CA LYS B 238 -0.30 -33.56 7.53
C LYS B 238 -0.67 -32.08 7.52
N THR B 239 -1.79 -31.77 8.15
CA THR B 239 -2.33 -30.41 8.11
C THR B 239 -2.73 -29.94 9.49
N ASP B 240 -2.37 -28.70 9.83
CA ASP B 240 -2.62 -28.24 11.18
C ASP B 240 -4.10 -28.03 11.45
N GLU B 241 -4.46 -28.07 12.73
CA GLU B 241 -5.85 -28.07 13.17
C GLU B 241 -6.48 -26.69 13.07
N ARG B 242 -5.68 -25.64 13.14
CA ARG B 242 -6.16 -24.28 13.40
C ARG B 242 -6.00 -23.39 12.18
N ILE B 243 -6.31 -23.92 10.99
CA ILE B 243 -6.10 -23.22 9.73
C ILE B 243 -7.42 -22.64 9.25
N SER B 244 -7.37 -21.40 8.77
CA SER B 244 -8.60 -20.69 8.42
C SER B 244 -8.25 -19.43 7.66
N LEU B 245 -9.23 -18.92 6.92
CA LEU B 245 -9.14 -17.61 6.28
C LEU B 245 -10.38 -16.79 6.64
N SER B 246 -10.20 -15.47 6.64
CA SER B 246 -11.29 -14.57 6.95
C SER B 246 -12.17 -14.28 5.76
N GLN B 247 -11.97 -14.97 4.64
CA GLN B 247 -12.75 -14.72 3.44
C GLN B 247 -13.06 -15.98 2.64
N PHE B 248 -12.70 -17.16 3.13
CA PHE B 248 -12.81 -18.38 2.34
C PHE B 248 -13.00 -19.58 3.27
N LEU B 249 -13.42 -20.68 2.67
CA LEU B 249 -13.53 -21.98 3.32
C LEU B 249 -12.63 -22.95 2.55
N ILE B 250 -11.85 -23.75 3.28
CA ILE B 250 -10.83 -24.58 2.65
C ILE B 250 -11.20 -26.04 2.83
N GLN B 251 -11.17 -26.75 1.69
CA GLN B 251 -11.54 -28.17 1.68
C GLN B 251 -10.78 -29.08 0.72
N GLU B 252 -10.57 -30.39 1.00
CA GLU B 252 -10.03 -31.38 0.06
C GLU B 252 -8.53 -31.25 -0.19
N PHE B 253 -7.71 -31.52 0.83
CA PHE B 253 -6.27 -31.65 0.65
C PHE B 253 -5.92 -33.05 0.19
N HIS B 254 -5.07 -33.15 -0.84
CA HIS B 254 -4.52 -34.44 -1.25
C HIS B 254 -3.32 -34.20 -2.16
N THR B 255 -2.56 -35.27 -2.39
CA THR B 255 -1.29 -35.25 -3.09
C THR B 255 -1.36 -36.11 -4.35
N THR B 256 -0.44 -35.82 -5.27
CA THR B 256 -0.25 -36.66 -6.46
C THR B 256 1.11 -36.35 -7.04
N THR B 257 1.42 -37.02 -8.16
CA THR B 257 2.72 -36.92 -8.80
C THR B 257 2.52 -36.87 -10.31
N LYS B 258 3.57 -36.40 -11.01
CA LYS B 258 3.57 -36.36 -12.46
C LYS B 258 5.00 -36.21 -12.93
N LEU B 259 5.30 -36.74 -14.12
CA LEU B 259 6.62 -36.56 -14.73
C LEU B 259 6.54 -35.44 -15.77
N ALA B 260 7.58 -34.59 -15.81
CA ALA B 260 7.54 -33.38 -16.61
C ALA B 260 8.86 -33.21 -17.38
N PHE B 261 8.76 -32.46 -18.49
CA PHE B 261 9.80 -32.45 -19.53
C PHE B 261 10.18 -31.02 -19.89
N TYR B 262 11.49 -30.77 -19.98
CA TYR B 262 12.02 -29.50 -20.46
C TYR B 262 12.79 -29.74 -21.75
N SER B 263 12.54 -28.88 -22.74
CA SER B 263 13.06 -29.13 -24.08
C SER B 263 14.58 -29.05 -24.15
N SER B 264 15.23 -28.18 -23.38
CA SER B 264 16.68 -28.07 -23.45
C SER B 264 17.38 -28.77 -22.30
N THR B 265 16.65 -29.36 -21.34
CA THR B 265 17.37 -30.05 -20.25
C THR B 265 16.89 -31.47 -19.96
N GLY B 266 15.61 -31.82 -20.16
CA GLY B 266 15.22 -33.21 -20.02
C GLY B 266 14.06 -33.45 -19.07
N TRP B 267 14.02 -34.64 -18.46
CA TRP B 267 12.85 -35.12 -17.73
C TRP B 267 13.08 -35.05 -16.23
N TYR B 268 12.02 -34.72 -15.48
CA TYR B 268 12.09 -34.61 -14.03
C TYR B 268 10.80 -35.13 -13.41
N ASN B 269 10.88 -35.52 -12.15
CA ASN B 269 9.71 -35.89 -11.36
C ASN B 269 9.21 -34.68 -10.58
N ARG B 270 7.90 -34.63 -10.36
CA ARG B 270 7.26 -33.49 -9.71
C ARG B 270 6.16 -33.97 -8.77
N LEU B 271 6.05 -33.32 -7.61
CA LEU B 271 5.04 -33.64 -6.62
C LEU B 271 4.08 -32.47 -6.49
N TYR B 272 2.83 -32.79 -6.14
CA TYR B 272 1.76 -31.80 -6.05
C TYR B 272 1.06 -31.90 -4.70
N ILE B 273 0.57 -30.76 -4.24
CA ILE B 273 -0.42 -30.69 -3.15
C ILE B 273 -1.58 -29.84 -3.63
N ASN B 274 -2.79 -30.39 -3.57
CA ASN B 274 -3.96 -29.72 -4.12
C ASN B 274 -4.96 -29.39 -3.01
N PHE B 275 -5.82 -28.40 -3.27
CA PHE B 275 -6.88 -28.06 -2.34
C PHE B 275 -7.89 -27.17 -3.05
N THR B 276 -9.00 -26.88 -2.36
CA THR B 276 -10.16 -26.25 -2.95
C THR B 276 -10.68 -25.14 -2.06
N LEU B 277 -11.28 -24.12 -2.68
CA LEU B 277 -11.76 -22.93 -2.00
C LEU B 277 -13.20 -22.60 -2.43
N ARG B 278 -13.93 -21.97 -1.51
CA ARG B 278 -15.31 -21.55 -1.70
C ARG B 278 -15.56 -20.32 -0.83
N ARG B 279 -16.67 -19.63 -1.07
CA ARG B 279 -16.98 -18.41 -0.32
C ARG B 279 -18.22 -18.61 0.55
N HIS B 280 -18.59 -17.55 1.28
CA HIS B 280 -19.86 -17.46 1.99
C HIS B 280 -20.84 -16.72 1.09
N ILE B 281 -21.84 -17.40 0.57
CA ILE B 281 -22.76 -16.80 -0.41
C ILE B 281 -23.86 -15.89 0.19
N PHE B 282 -24.19 -16.09 1.46
CA PHE B 282 -25.31 -15.32 2.00
C PHE B 282 -24.90 -13.87 2.27
N PHE B 283 -23.66 -13.65 2.69
CA PHE B 283 -23.16 -12.29 2.83
C PHE B 283 -23.28 -11.51 1.52
N PHE B 284 -22.83 -12.09 0.40
CA PHE B 284 -22.92 -11.40 -0.89
C PHE B 284 -24.37 -11.23 -1.30
N LEU B 285 -25.23 -12.20 -1.00
CA LEU B 285 -26.65 -12.04 -1.28
C LEU B 285 -27.21 -10.80 -0.58
N LEU B 286 -27.29 -10.75 0.72
CA LEU B 286 -27.72 -9.55 1.38
C LEU B 286 -26.98 -8.25 0.94
N GLN B 287 -25.65 -8.26 0.68
CA GLN B 287 -25.03 -6.99 0.37
C GLN B 287 -25.34 -6.50 -1.05
N THR B 288 -25.66 -7.40 -1.99
CA THR B 288 -25.80 -6.96 -3.37
C THR B 288 -27.17 -7.23 -3.97
N TYR B 289 -27.72 -8.45 -3.85
CA TYR B 289 -28.91 -8.77 -4.61
C TYR B 289 -30.17 -8.21 -3.96
N PHE B 290 -30.17 -8.07 -2.64
CA PHE B 290 -31.34 -7.67 -1.87
C PHE B 290 -31.75 -6.21 -2.10
N PRO B 291 -30.83 -5.24 -1.97
CA PRO B 291 -31.26 -3.83 -2.14
C PRO B 291 -31.76 -3.50 -3.54
N ALA B 292 -31.13 -4.02 -4.58
CA ALA B 292 -31.62 -3.79 -5.94
C ALA B 292 -33.01 -4.36 -6.13
N THR B 293 -33.31 -5.52 -5.53
CA THR B 293 -34.65 -6.09 -5.67
C THR B 293 -35.69 -5.19 -5.02
N LEU B 294 -35.38 -4.70 -3.80
CA LEU B 294 -36.27 -3.76 -3.15
C LEU B 294 -36.43 -2.48 -3.97
N MET B 295 -35.39 -2.08 -4.71
CA MET B 295 -35.52 -0.89 -5.55
C MET B 295 -36.44 -1.15 -6.74
N VAL B 296 -36.31 -2.32 -7.38
CA VAL B 296 -37.20 -2.65 -8.50
C VAL B 296 -38.64 -2.77 -8.01
N MET B 297 -38.82 -3.25 -6.78
CA MET B 297 -40.18 -3.35 -6.24
C MET B 297 -40.72 -1.99 -5.86
N LEU B 298 -39.86 -1.07 -5.40
CA LEU B 298 -40.29 0.29 -5.15
C LEU B 298 -40.72 0.99 -6.43
N SER B 299 -40.16 0.58 -7.56
CA SER B 299 -40.50 1.29 -8.80
C SER B 299 -41.88 0.90 -9.34
N TRP B 300 -42.46 -0.21 -8.87
CA TRP B 300 -43.79 -0.62 -9.29
C TRP B 300 -44.91 0.13 -8.57
N VAL B 301 -44.61 0.76 -7.43
CA VAL B 301 -45.59 1.55 -6.70
C VAL B 301 -46.20 2.61 -7.60
N SER B 302 -45.47 3.09 -8.61
CA SER B 302 -45.99 4.26 -9.29
C SER B 302 -47.21 3.93 -10.17
N PHE B 303 -47.52 2.64 -10.37
CA PHE B 303 -48.66 2.27 -11.19
C PHE B 303 -49.99 2.42 -10.45
N TRP B 304 -49.94 2.65 -9.13
CA TRP B 304 -51.15 2.71 -8.32
C TRP B 304 -51.50 4.12 -7.84
N ILE B 305 -50.72 5.12 -8.24
CA ILE B 305 -50.97 6.53 -7.92
C ILE B 305 -51.74 7.17 -9.06
N ASP B 306 -52.57 8.15 -8.72
CA ASP B 306 -53.43 8.84 -9.67
C ASP B 306 -52.60 9.56 -10.72
N ARG B 307 -52.96 9.34 -12.00
CA ARG B 307 -52.21 9.95 -13.09
C ARG B 307 -52.39 11.46 -13.13
N ARG B 308 -53.40 11.99 -12.45
CA ARG B 308 -53.59 13.44 -12.37
C ARG B 308 -52.57 14.12 -11.46
N ALA B 309 -51.86 13.36 -10.63
CA ALA B 309 -50.89 13.88 -9.67
C ALA B 309 -49.52 13.82 -10.33
N VAL B 310 -49.29 14.77 -11.23
CA VAL B 310 -48.04 14.86 -11.98
C VAL B 310 -46.87 15.17 -11.04
N PRO B 311 -46.94 16.22 -10.20
CA PRO B 311 -45.79 16.52 -9.35
C PRO B 311 -45.53 15.49 -8.26
N ALA B 312 -46.35 14.45 -8.16
CA ALA B 312 -46.04 13.34 -7.26
C ALA B 312 -45.69 12.07 -7.99
N ARG B 313 -45.88 12.01 -9.31
CA ARG B 313 -45.46 10.86 -10.09
C ARG B 313 -44.16 11.07 -10.86
N VAL B 314 -43.73 12.32 -11.04
CA VAL B 314 -42.56 12.64 -11.85
C VAL B 314 -41.29 12.60 -11.01
N PRO B 315 -41.25 13.17 -9.79
CA PRO B 315 -40.02 13.06 -9.00
C PRO B 315 -39.72 11.65 -8.52
N LEU B 316 -40.75 10.82 -8.33
CA LEU B 316 -40.56 9.49 -7.77
C LEU B 316 -39.62 8.66 -8.63
N GLY B 317 -39.92 8.55 -9.92
CA GLY B 317 -39.09 7.76 -10.81
C GLY B 317 -37.66 8.23 -10.84
N ILE B 318 -37.44 9.54 -10.99
CA ILE B 318 -36.08 10.01 -11.18
C ILE B 318 -35.28 9.87 -9.88
N THR B 319 -35.93 10.03 -8.72
CA THR B 319 -35.23 9.81 -7.47
C THR B 319 -34.83 8.35 -7.33
N THR B 320 -35.72 7.46 -7.78
CA THR B 320 -35.45 6.03 -7.75
C THR B 320 -34.24 5.69 -8.62
N VAL B 321 -34.16 6.29 -9.80
CA VAL B 321 -32.98 6.14 -10.65
C VAL B 321 -31.73 6.59 -9.92
N LEU B 322 -31.81 7.75 -9.24
CA LEU B 322 -30.66 8.25 -8.49
C LEU B 322 -30.20 7.22 -7.45
N THR B 323 -31.16 6.66 -6.71
CA THR B 323 -30.87 5.69 -5.66
C THR B 323 -30.18 4.44 -6.22
N MET B 324 -30.72 3.90 -7.31
CA MET B 324 -30.14 2.70 -7.91
C MET B 324 -28.73 2.97 -8.44
N SER B 325 -28.51 4.14 -9.06
CA SER B 325 -27.16 4.45 -9.51
C SER B 325 -26.20 4.58 -8.34
N THR B 326 -26.65 5.13 -7.21
CA THR B 326 -25.79 5.18 -6.03
C THR B 326 -25.42 3.78 -5.57
N ILE B 327 -26.39 2.87 -5.52
CA ILE B 327 -26.09 1.51 -5.08
C ILE B 327 -25.06 0.87 -6.01
N ILE B 328 -25.28 0.96 -7.32
CA ILE B 328 -24.36 0.31 -8.27
C ILE B 328 -22.96 0.89 -8.13
N THR B 329 -22.85 2.22 -8.05
CA THR B 329 -21.53 2.83 -7.85
C THR B 329 -20.88 2.33 -6.56
N GLY B 330 -21.67 2.18 -5.49
CA GLY B 330 -21.10 1.68 -4.25
C GLY B 330 -20.58 0.27 -4.36
N VAL B 331 -21.23 -0.55 -5.18
CA VAL B 331 -20.77 -1.93 -5.39
C VAL B 331 -19.55 -1.95 -6.31
N ASN B 332 -19.38 -0.93 -7.14
CA ASN B 332 -18.23 -0.95 -8.03
C ASN B 332 -16.93 -0.50 -7.35
N ALA B 333 -17.04 0.30 -6.29
CA ALA B 333 -15.88 0.89 -5.60
C ALA B 333 -15.26 -0.04 -4.58
N SER B 334 -15.67 -1.32 -4.54
CA SER B 334 -15.13 -2.28 -3.59
C SER B 334 -14.84 -3.65 -4.17
N MET B 335 -14.88 -3.81 -5.49
CA MET B 335 -14.70 -5.11 -6.10
C MET B 335 -13.20 -5.35 -6.33
N PRO B 336 -12.77 -6.60 -6.47
CA PRO B 336 -11.33 -6.86 -6.58
C PRO B 336 -10.67 -6.36 -7.87
N ARG B 337 -11.42 -5.63 -8.70
CA ARG B 337 -10.87 -4.86 -9.83
C ARG B 337 -10.31 -5.76 -10.93
N VAL B 338 -11.16 -6.63 -11.44
CA VAL B 338 -10.79 -7.56 -12.51
C VAL B 338 -11.67 -7.24 -13.72
N SER B 339 -11.03 -6.86 -14.82
CA SER B 339 -11.74 -6.14 -15.87
C SER B 339 -12.33 -7.08 -16.92
N TYR B 340 -13.32 -7.87 -16.48
CA TYR B 340 -14.22 -8.54 -17.40
C TYR B 340 -15.54 -8.78 -16.70
N ILE B 341 -16.60 -8.84 -17.51
CA ILE B 341 -17.99 -9.05 -17.04
C ILE B 341 -18.27 -10.33 -16.24
N LYS B 342 -18.87 -10.25 -15.07
CA LYS B 342 -19.17 -11.29 -14.11
C LYS B 342 -20.67 -11.32 -13.83
N ALA B 343 -21.09 -12.36 -13.09
CA ALA B 343 -22.50 -12.74 -13.04
C ALA B 343 -23.37 -11.78 -12.23
N VAL B 344 -22.83 -10.93 -11.36
CA VAL B 344 -23.57 -9.95 -10.58
C VAL B 344 -23.77 -8.64 -11.35
N ASP B 345 -22.84 -8.31 -12.21
CA ASP B 345 -22.99 -7.15 -13.07
C ASP B 345 -24.26 -7.24 -13.89
N ILE B 346 -24.53 -8.44 -14.42
CA ILE B 346 -25.75 -8.63 -15.22
C ILE B 346 -26.98 -8.32 -14.40
N TYR B 347 -27.07 -8.88 -13.19
CA TYR B 347 -28.23 -8.63 -12.34
C TYR B 347 -28.44 -7.13 -12.14
N LEU B 348 -27.35 -6.42 -11.85
CA LEU B 348 -27.46 -5.03 -11.47
C LEU B 348 -27.90 -4.18 -12.67
N TRP B 349 -27.37 -4.49 -13.85
CA TRP B 349 -27.70 -3.67 -15.02
C TRP B 349 -29.11 -3.99 -15.54
N VAL B 350 -29.61 -5.21 -15.31
CA VAL B 350 -30.99 -5.51 -15.72
C VAL B 350 -31.97 -4.80 -14.80
N SER B 351 -31.63 -4.69 -13.51
CA SER B 351 -32.56 -3.95 -12.64
C SER B 351 -32.49 -2.45 -12.93
N PHE B 352 -31.32 -1.96 -13.37
CA PHE B 352 -31.26 -0.60 -13.88
C PHE B 352 -32.21 -0.39 -15.07
N VAL B 353 -32.21 -1.32 -16.02
CA VAL B 353 -33.06 -1.16 -17.20
C VAL B 353 -34.54 -1.23 -16.82
N PHE B 354 -34.90 -2.08 -15.85
CA PHE B 354 -36.30 -2.09 -15.41
C PHE B 354 -36.70 -0.73 -14.82
N VAL B 355 -35.87 -0.18 -13.94
CA VAL B 355 -36.21 1.12 -13.36
C VAL B 355 -36.33 2.20 -14.44
N PHE B 356 -35.48 2.12 -15.48
CA PHE B 356 -35.53 3.10 -16.56
C PHE B 356 -36.84 3.01 -17.35
N LEU B 357 -37.27 1.78 -17.65
CA LEU B 357 -38.54 1.63 -18.36
C LEU B 357 -39.71 2.15 -17.54
N SER B 358 -39.68 1.98 -16.21
CA SER B 358 -40.79 2.51 -15.42
C SER B 358 -40.94 4.01 -15.58
N VAL B 359 -39.83 4.73 -15.83
CA VAL B 359 -39.89 6.18 -16.02
C VAL B 359 -40.35 6.52 -17.43
N LEU B 360 -40.07 5.65 -18.42
CA LEU B 360 -40.65 5.96 -19.74
C LEU B 360 -42.17 5.80 -19.76
N GLU B 361 -42.69 4.89 -18.94
CA GLU B 361 -44.11 4.52 -18.98
C GLU B 361 -45.02 5.73 -18.69
N TYR B 362 -44.70 6.48 -17.62
CA TYR B 362 -45.61 7.52 -17.18
C TYR B 362 -45.56 8.71 -18.13
N ALA B 363 -44.46 8.87 -18.85
CA ALA B 363 -44.40 9.90 -19.87
C ALA B 363 -45.36 9.57 -21.00
N ALA B 364 -45.40 8.30 -21.41
CA ALA B 364 -46.43 7.87 -22.37
C ALA B 364 -47.83 8.23 -21.88
N VAL B 365 -48.14 7.86 -20.62
CA VAL B 365 -49.49 8.11 -20.08
C VAL B 365 -49.79 9.60 -20.04
N ASN B 366 -48.83 10.42 -19.62
CA ASN B 366 -49.11 11.85 -19.52
C ASN B 366 -49.37 12.45 -20.89
N TYR B 367 -48.57 12.05 -21.88
CA TYR B 367 -48.69 12.65 -23.20
C TYR B 367 -50.06 12.33 -23.78
N LEU B 368 -50.50 11.08 -23.57
CA LEU B 368 -51.78 10.66 -24.15
C LEU B 368 -52.94 11.37 -23.46
N THR B 369 -52.90 11.49 -22.13
CA THR B 369 -53.98 12.18 -21.45
C THR B 369 -54.06 13.64 -21.90
N THR B 370 -52.90 14.28 -22.07
CA THR B 370 -52.89 15.69 -22.45
C THR B 370 -53.47 15.87 -23.85
N VAL B 371 -53.07 15.03 -24.81
CA VAL B 371 -53.61 15.19 -26.16
C VAL B 371 -55.09 14.90 -26.18
N GLN B 372 -55.58 13.96 -25.36
CA GLN B 372 -57.02 13.74 -25.30
C GLN B 372 -57.74 14.98 -24.78
N GLU B 373 -57.21 15.59 -23.72
CA GLU B 373 -57.77 16.82 -23.18
C GLU B 373 -57.88 17.88 -24.27
N ARG B 374 -56.83 18.04 -25.06
CA ARG B 374 -56.83 19.00 -26.16
C ARG B 374 -57.84 18.62 -27.25
N LYS B 375 -58.06 17.32 -27.46
CA LYS B 375 -58.96 16.88 -28.52
C LYS B 375 -60.43 17.11 -28.15
N GLU B 376 -60.78 16.86 -26.88
CA GLU B 376 -62.15 17.11 -26.45
C GLU B 376 -62.47 18.60 -26.46
N GLN B 377 -61.53 19.43 -26.01
CA GLN B 377 -61.73 20.88 -25.98
C GLN B 377 -61.44 21.48 -27.35
N ASP B 451 -60.86 7.38 -13.88
CA ASP B 451 -60.71 6.18 -14.71
C ASP B 451 -59.23 5.86 -14.92
N THR B 452 -58.83 4.66 -14.54
CA THR B 452 -57.47 4.27 -14.81
C THR B 452 -57.19 4.22 -16.29
N HIS B 453 -55.97 4.54 -16.65
CA HIS B 453 -55.54 4.39 -18.03
C HIS B 453 -55.19 2.94 -18.34
N ALA B 454 -55.43 2.55 -19.59
CA ALA B 454 -55.15 1.17 -20.03
C ALA B 454 -53.70 0.78 -19.77
N ILE B 455 -52.76 1.70 -20.03
CA ILE B 455 -51.35 1.37 -19.90
C ILE B 455 -51.00 1.09 -18.44
N ASP B 456 -51.60 1.81 -17.50
CA ASP B 456 -51.34 1.57 -16.09
C ASP B 456 -51.82 0.18 -15.67
N LYS B 457 -53.09 -0.14 -15.95
CA LYS B 457 -53.65 -1.42 -15.55
C LYS B 457 -53.06 -2.58 -16.34
N TYR B 458 -52.37 -2.31 -17.44
CA TYR B 458 -51.61 -3.38 -18.08
C TYR B 458 -50.21 -3.53 -17.47
N SER B 459 -49.56 -2.40 -17.15
CA SER B 459 -48.23 -2.48 -16.57
C SER B 459 -48.23 -3.16 -15.21
N ARG B 460 -49.28 -2.91 -14.42
CA ARG B 460 -49.46 -3.55 -13.12
C ARG B 460 -49.31 -5.06 -13.19
N ILE B 461 -49.66 -5.67 -14.33
CA ILE B 461 -49.47 -7.10 -14.52
C ILE B 461 -48.15 -7.41 -15.21
N ILE B 462 -47.80 -6.64 -16.25
CA ILE B 462 -46.70 -7.08 -17.11
C ILE B 462 -45.36 -6.97 -16.42
N PHE B 463 -45.08 -5.86 -15.73
CA PHE B 463 -43.73 -5.66 -15.17
C PHE B 463 -43.29 -6.78 -14.22
N PRO B 464 -44.13 -7.13 -13.17
CA PRO B 464 -43.59 -8.18 -12.28
C PRO B 464 -43.38 -9.53 -12.94
N ALA B 465 -44.33 -9.98 -13.74
CA ALA B 465 -44.18 -11.25 -14.46
C ALA B 465 -42.86 -11.32 -15.23
N ALA B 466 -42.45 -10.21 -15.86
CA ALA B 466 -41.19 -10.24 -16.60
C ALA B 466 -40.00 -10.24 -15.66
N TYR B 467 -40.12 -9.58 -14.51
CA TYR B 467 -39.05 -9.71 -13.52
C TYR B 467 -38.92 -11.16 -13.02
N ILE B 468 -40.07 -11.80 -12.75
CA ILE B 468 -40.07 -13.20 -12.36
C ILE B 468 -39.40 -14.07 -13.41
N LEU B 469 -39.77 -13.85 -14.68
CA LEU B 469 -39.23 -14.64 -15.79
C LEU B 469 -37.72 -14.48 -15.94
N PHE B 470 -37.22 -13.28 -15.68
CA PHE B 470 -35.79 -13.00 -15.69
C PHE B 470 -35.09 -13.76 -14.56
N ASN B 471 -35.69 -13.76 -13.36
CA ASN B 471 -35.08 -14.44 -12.22
C ASN B 471 -35.04 -15.94 -12.44
N LEU B 472 -36.11 -16.52 -12.98
CA LEU B 472 -36.10 -17.94 -13.32
C LEU B 472 -34.94 -18.29 -14.24
N ILE B 473 -34.80 -17.55 -15.35
CA ILE B 473 -33.76 -17.87 -16.33
C ILE B 473 -32.37 -17.66 -15.72
N TYR B 474 -32.18 -16.56 -15.00
CA TYR B 474 -30.88 -16.26 -14.41
C TYR B 474 -30.44 -17.35 -13.46
N TRP B 475 -31.32 -17.76 -12.52
CA TRP B 475 -30.92 -18.79 -11.58
C TRP B 475 -30.97 -20.19 -12.18
N SER B 476 -31.54 -20.38 -13.37
CA SER B 476 -31.35 -21.64 -14.08
C SER B 476 -29.97 -21.70 -14.72
N ILE B 477 -29.43 -20.55 -15.09
CA ILE B 477 -28.11 -20.50 -15.71
C ILE B 477 -27.00 -20.55 -14.66
N PHE B 478 -27.12 -19.83 -13.53
CA PHE B 478 -26.02 -19.88 -12.57
C PHE B 478 -26.28 -20.79 -11.38
N SER B 479 -27.49 -21.33 -11.24
CA SER B 479 -27.79 -22.35 -10.23
C SER B 479 -27.37 -21.94 -8.81
N SER C 75 36.01 -34.29 -9.11
CA SER C 75 35.44 -33.22 -9.92
C SER C 75 36.23 -31.93 -9.74
N GLU C 76 36.34 -31.43 -8.51
CA GLU C 76 37.17 -30.26 -8.25
C GLU C 76 38.61 -30.57 -8.61
N GLN C 77 38.96 -31.86 -8.66
CA GLN C 77 40.31 -32.27 -9.04
C GLN C 77 40.38 -32.52 -10.54
N LEU C 78 39.34 -33.16 -11.10
CA LEU C 78 39.29 -33.41 -12.54
C LEU C 78 39.59 -32.14 -13.32
N LEU C 79 39.11 -31.01 -12.81
CA LEU C 79 39.38 -29.74 -13.44
C LEU C 79 40.53 -29.07 -12.71
N ARG C 80 41.57 -28.69 -13.44
CA ARG C 80 42.76 -28.08 -12.84
C ARG C 80 42.43 -26.63 -12.48
N ILE C 81 41.67 -26.49 -11.40
CA ILE C 81 41.17 -25.17 -11.02
C ILE C 81 42.31 -24.23 -10.64
N ASP C 82 43.29 -24.72 -9.90
CA ASP C 82 44.38 -23.88 -9.42
C ASP C 82 45.49 -23.69 -10.44
N ASP C 83 45.38 -24.32 -11.62
CA ASP C 83 46.40 -24.20 -12.66
C ASP C 83 46.09 -23.14 -13.70
N HIS C 84 44.98 -22.42 -13.52
CA HIS C 84 44.56 -21.42 -14.51
C HIS C 84 44.17 -20.08 -13.90
N ASP C 85 43.92 -19.08 -14.76
CA ASP C 85 43.50 -17.73 -14.30
C ASP C 85 42.14 -17.36 -14.87
N PHE C 86 41.12 -17.28 -14.03
CA PHE C 86 39.75 -17.04 -14.51
C PHE C 86 39.25 -15.61 -14.44
N SER C 87 40.08 -14.66 -14.06
CA SER C 87 39.69 -13.27 -14.18
C SER C 87 39.86 -12.99 -15.65
N MET C 88 40.46 -13.93 -16.37
CA MET C 88 40.75 -13.73 -17.78
C MET C 88 39.74 -14.46 -18.66
N ARG C 89 39.04 -13.71 -19.51
CA ARG C 89 38.08 -14.38 -20.38
C ARG C 89 38.79 -15.44 -21.23
N PRO C 90 38.11 -16.56 -21.51
CA PRO C 90 38.68 -17.58 -22.41
C PRO C 90 39.16 -16.98 -23.72
N GLY C 91 40.45 -17.11 -23.99
CA GLY C 91 41.03 -16.54 -25.19
C GLY C 91 41.30 -15.05 -25.19
N PHE C 92 41.66 -14.47 -24.03
CA PHE C 92 42.02 -13.06 -23.97
C PHE C 92 43.13 -12.76 -24.97
N GLY C 93 42.89 -11.81 -25.87
CA GLY C 93 43.90 -11.60 -26.89
C GLY C 93 43.34 -11.44 -28.28
N GLY C 94 43.22 -12.55 -29.01
CA GLY C 94 42.60 -12.53 -30.30
C GLY C 94 41.11 -12.24 -30.32
N PRO C 95 40.35 -13.06 -31.13
CA PRO C 95 38.95 -12.66 -31.29
C PRO C 95 38.00 -12.81 -30.14
N ALA C 96 36.77 -12.44 -30.41
CA ALA C 96 35.76 -12.41 -29.36
C ALA C 96 35.11 -13.77 -29.16
N ILE C 97 34.82 -14.06 -27.91
CA ILE C 97 34.22 -15.34 -27.58
C ILE C 97 32.77 -15.41 -28.05
N PRO C 98 32.42 -16.51 -28.69
CA PRO C 98 31.00 -16.65 -29.01
C PRO C 98 30.22 -17.20 -27.82
N VAL C 99 29.12 -16.53 -27.48
CA VAL C 99 28.24 -16.94 -26.38
C VAL C 99 26.80 -16.93 -26.89
N GLY C 100 26.06 -18.00 -26.63
CA GLY C 100 24.75 -18.19 -27.23
C GLY C 100 23.67 -18.45 -26.19
N VAL C 101 22.50 -17.84 -26.40
CA VAL C 101 21.50 -17.63 -25.35
C VAL C 101 20.21 -18.33 -25.73
N ASP C 102 19.50 -18.85 -24.72
CA ASP C 102 18.23 -19.54 -24.88
C ASP C 102 17.34 -19.18 -23.70
N VAL C 103 16.08 -18.85 -23.97
CA VAL C 103 15.17 -18.38 -22.94
C VAL C 103 13.86 -19.16 -22.97
N GLN C 104 13.28 -19.40 -21.79
CA GLN C 104 11.95 -19.97 -21.64
C GLN C 104 11.18 -19.13 -20.61
N VAL C 105 10.00 -18.63 -20.97
CA VAL C 105 9.26 -17.74 -20.09
C VAL C 105 8.27 -18.56 -19.29
N GLU C 106 8.30 -18.40 -17.97
CA GLU C 106 7.38 -19.08 -17.07
C GLU C 106 6.07 -18.31 -16.88
N SER C 107 6.14 -17.02 -16.57
CA SER C 107 4.93 -16.28 -16.24
C SER C 107 5.14 -14.77 -16.35
N LEU C 108 4.09 -14.06 -16.71
CA LEU C 108 4.00 -12.63 -16.48
C LEU C 108 3.21 -12.40 -15.20
N ASP C 109 3.80 -11.63 -14.27
CA ASP C 109 3.33 -11.58 -12.90
C ASP C 109 2.48 -10.37 -12.57
N SER C 110 2.80 -9.17 -13.06
CA SER C 110 1.93 -8.04 -12.74
C SER C 110 2.25 -6.91 -13.71
N ILE C 111 1.35 -5.92 -13.77
CA ILE C 111 1.52 -4.75 -14.61
C ILE C 111 1.10 -3.52 -13.82
N SER C 112 1.87 -2.44 -13.93
CA SER C 112 1.50 -1.14 -13.37
C SER C 112 1.31 -0.14 -14.51
N GLU C 113 0.12 0.46 -14.58
CA GLU C 113 -0.12 1.50 -15.58
C GLU C 113 0.34 2.87 -15.10
N VAL C 114 0.30 3.11 -13.79
CA VAL C 114 0.79 4.37 -13.24
C VAL C 114 2.30 4.47 -13.39
N ASP C 115 3.02 3.42 -12.99
CA ASP C 115 4.48 3.42 -13.02
C ASP C 115 5.06 3.00 -14.36
N MET C 116 4.25 2.42 -15.24
CA MET C 116 4.66 2.04 -16.60
C MET C 116 5.77 1.00 -16.59
N ASP C 117 5.41 -0.24 -16.26
CA ASP C 117 6.37 -1.32 -16.09
C ASP C 117 5.64 -2.64 -15.93
N PHE C 118 6.40 -3.74 -15.98
CA PHE C 118 5.81 -5.06 -15.87
C PHE C 118 6.81 -6.00 -15.20
N THR C 119 6.31 -7.15 -14.75
CA THR C 119 7.12 -8.12 -14.02
C THR C 119 6.99 -9.49 -14.68
N MET C 120 8.14 -10.13 -14.91
CA MET C 120 8.22 -11.41 -15.62
C MET C 120 9.22 -12.31 -14.91
N THR C 121 8.99 -13.62 -15.04
CA THR C 121 9.82 -14.66 -14.46
C THR C 121 10.15 -15.70 -15.52
N LEU C 122 11.43 -16.09 -15.63
CA LEU C 122 11.88 -16.89 -16.75
C LEU C 122 13.10 -17.71 -16.36
N TYR C 123 13.47 -18.61 -17.26
CA TYR C 123 14.73 -19.34 -17.21
C TYR C 123 15.66 -18.79 -18.29
N LEU C 124 16.94 -18.68 -17.94
CA LEU C 124 17.96 -18.14 -18.85
C LEU C 124 19.11 -19.12 -18.98
N ARG C 125 19.56 -19.40 -20.21
CA ARG C 125 20.58 -20.41 -20.47
C ARG C 125 21.67 -19.85 -21.36
N HIS C 126 22.91 -20.29 -21.11
CA HIS C 126 24.08 -19.84 -21.84
C HIS C 126 24.90 -21.03 -22.30
N TYR C 127 25.63 -20.84 -23.40
CA TYR C 127 26.51 -21.88 -23.92
C TYR C 127 27.82 -21.25 -24.34
N TRP C 128 28.94 -21.92 -24.03
CA TRP C 128 30.26 -21.51 -24.52
C TRP C 128 31.22 -22.67 -24.30
N LYS C 129 32.43 -22.51 -24.83
CA LYS C 129 33.48 -23.50 -24.71
C LYS C 129 34.70 -22.88 -24.04
N ASP C 130 35.29 -23.62 -23.10
CA ASP C 130 36.47 -23.19 -22.36
C ASP C 130 37.30 -24.44 -22.08
N GLU C 131 38.45 -24.55 -22.76
CA GLU C 131 39.26 -25.75 -22.67
C GLU C 131 40.09 -25.80 -21.41
N ARG C 132 39.98 -24.79 -20.54
CA ARG C 132 40.53 -24.90 -19.19
C ARG C 132 39.71 -25.86 -18.33
N LEU C 133 38.49 -26.19 -18.75
CA LEU C 133 37.59 -27.03 -17.97
C LEU C 133 37.48 -28.46 -18.50
N SER C 134 38.30 -28.83 -19.48
CA SER C 134 38.22 -30.17 -20.05
C SER C 134 38.82 -31.19 -19.08
N PHE C 135 38.29 -32.41 -19.13
CA PHE C 135 38.74 -33.47 -18.25
C PHE C 135 38.86 -34.77 -19.02
N PRO C 136 39.82 -35.63 -18.65
CA PRO C 136 39.95 -36.96 -19.25
C PRO C 136 38.85 -37.93 -18.86
N SER C 137 37.75 -38.00 -19.60
CA SER C 137 36.86 -39.15 -19.43
C SER C 137 36.38 -39.66 -20.77
N THR C 138 36.06 -40.96 -20.81
CA THR C 138 35.71 -41.58 -22.09
C THR C 138 34.23 -41.56 -22.40
N ASN C 139 33.41 -40.89 -21.59
CA ASN C 139 31.98 -41.20 -21.58
C ASN C 139 31.21 -40.40 -22.63
N ASN C 140 31.81 -39.32 -23.15
CA ASN C 140 31.16 -38.43 -24.11
C ASN C 140 29.81 -37.96 -23.60
N LEU C 141 29.77 -37.55 -22.33
CA LEU C 141 28.53 -37.24 -21.64
C LEU C 141 28.82 -36.18 -20.58
N SER C 142 27.80 -35.41 -20.23
CA SER C 142 28.05 -34.27 -19.38
C SER C 142 27.97 -34.63 -17.89
N MET C 143 28.41 -33.68 -17.07
CA MET C 143 28.44 -33.81 -15.62
C MET C 143 27.51 -32.77 -15.00
N THR C 144 27.58 -32.56 -13.69
CA THR C 144 26.74 -31.54 -13.08
C THR C 144 27.43 -30.86 -11.90
N PHE C 145 27.21 -29.56 -11.76
CA PHE C 145 27.63 -28.77 -10.62
C PHE C 145 26.54 -27.75 -10.32
N ASP C 146 26.71 -26.98 -9.26
CA ASP C 146 25.67 -26.04 -8.87
C ASP C 146 26.28 -24.90 -8.08
N GLY C 147 26.38 -23.72 -8.68
CA GLY C 147 26.54 -22.48 -7.94
C GLY C 147 27.88 -22.20 -7.27
N ARG C 148 28.28 -23.06 -6.33
CA ARG C 148 29.58 -22.88 -5.71
C ARG C 148 30.69 -22.80 -6.75
N LEU C 149 30.59 -23.57 -7.82
CA LEU C 149 31.66 -23.56 -8.81
C LEU C 149 31.66 -22.28 -9.63
N VAL C 150 30.51 -21.60 -9.71
CA VAL C 150 30.40 -20.40 -10.55
C VAL C 150 31.36 -19.33 -10.05
N LYS C 151 31.59 -19.33 -8.74
CA LYS C 151 32.48 -18.32 -8.19
C LYS C 151 33.94 -18.77 -8.23
N LYS C 152 34.22 -20.01 -8.62
CA LYS C 152 35.61 -20.38 -8.86
C LYS C 152 36.01 -20.19 -10.32
N ILE C 153 35.11 -20.38 -11.26
CA ILE C 153 35.46 -20.28 -12.67
C ILE C 153 34.98 -19.00 -13.31
N TRP C 154 35.34 -18.86 -14.55
CA TRP C 154 34.93 -17.66 -15.28
C TRP C 154 33.55 -17.88 -15.89
N VAL C 155 32.68 -16.89 -15.78
CA VAL C 155 31.29 -17.01 -16.20
C VAL C 155 30.87 -15.70 -16.87
N PRO C 156 29.97 -15.68 -17.87
CA PRO C 156 29.63 -14.40 -18.47
C PRO C 156 28.84 -13.52 -17.52
N ASP C 157 28.55 -12.30 -17.97
CA ASP C 157 28.03 -11.27 -17.07
C ASP C 157 26.89 -10.47 -17.71
N MET C 158 25.82 -11.15 -18.12
CA MET C 158 24.71 -10.47 -18.77
C MET C 158 23.86 -9.74 -17.75
N PHE C 159 23.11 -8.74 -18.22
CA PHE C 159 22.27 -7.98 -17.32
C PHE C 159 21.08 -7.47 -18.12
N PHE C 160 20.02 -7.11 -17.40
CA PHE C 160 18.76 -6.71 -18.03
C PHE C 160 18.71 -5.19 -18.16
N VAL C 161 18.57 -4.71 -19.40
CA VAL C 161 18.67 -3.29 -19.72
C VAL C 161 17.29 -2.66 -19.56
N HIS C 162 17.25 -1.48 -18.91
CA HIS C 162 16.01 -0.76 -18.60
C HIS C 162 15.16 -1.54 -17.61
N SER C 163 15.76 -1.94 -16.50
CA SER C 163 15.11 -2.72 -15.47
C SER C 163 15.09 -1.93 -14.17
N LYS C 164 14.03 -2.11 -13.38
CA LYS C 164 13.93 -1.44 -12.09
C LYS C 164 14.40 -2.28 -10.92
N ARG C 165 14.29 -3.61 -11.03
CA ARG C 165 14.65 -4.52 -9.95
C ARG C 165 14.60 -5.96 -10.47
N SER C 166 15.35 -6.83 -9.79
CA SER C 166 15.45 -8.23 -10.18
C SER C 166 16.20 -8.98 -9.08
N PHE C 167 16.08 -10.30 -9.12
CA PHE C 167 16.75 -11.18 -8.17
C PHE C 167 16.74 -12.60 -8.71
N ILE C 168 17.57 -13.45 -8.10
CA ILE C 168 17.65 -14.87 -8.41
C ILE C 168 17.08 -15.63 -7.23
N HIS C 169 16.30 -16.67 -7.51
CA HIS C 169 15.65 -17.41 -6.43
C HIS C 169 16.65 -18.32 -5.73
N ASP C 170 16.43 -18.53 -4.42
CA ASP C 170 17.41 -19.20 -3.58
C ASP C 170 16.80 -20.15 -2.55
N THR C 171 15.68 -20.78 -2.86
CA THR C 171 15.04 -21.73 -1.96
C THR C 171 14.63 -22.99 -2.73
N THR C 172 15.01 -24.16 -2.20
CA THR C 172 15.74 -24.26 -0.92
C THR C 172 17.25 -24.05 -1.03
N THR C 173 17.75 -23.94 -2.25
CA THR C 173 19.10 -23.45 -2.48
C THR C 173 19.11 -22.66 -3.78
N ASP C 174 20.29 -22.19 -4.16
CA ASP C 174 20.37 -21.33 -5.34
C ASP C 174 19.94 -22.08 -6.59
N ASN C 175 18.98 -21.50 -7.30
CA ASN C 175 18.47 -22.07 -8.55
C ASN C 175 19.51 -21.86 -9.66
N VAL C 176 20.62 -22.53 -9.63
CA VAL C 176 21.67 -22.42 -10.60
C VAL C 176 22.10 -23.82 -10.94
N MET C 177 22.33 -24.12 -12.19
CA MET C 177 22.73 -25.40 -12.75
C MET C 177 23.94 -25.17 -13.65
N LEU C 178 24.84 -26.15 -13.67
CA LEU C 178 26.08 -26.10 -14.45
C LEU C 178 26.37 -27.50 -14.97
N ARG C 179 26.51 -27.65 -16.28
CA ARG C 179 26.88 -28.93 -16.88
C ARG C 179 28.09 -28.75 -17.78
N VAL C 180 29.08 -29.64 -17.62
CA VAL C 180 30.31 -29.59 -18.41
C VAL C 180 30.55 -30.96 -19.01
N GLN C 181 30.88 -30.98 -20.31
CA GLN C 181 31.32 -32.14 -21.07
C GLN C 181 32.84 -32.27 -21.03
N PRO C 182 33.33 -33.48 -21.31
CA PRO C 182 34.79 -33.69 -21.51
C PRO C 182 35.51 -32.63 -22.35
N ASP C 183 34.87 -32.04 -23.37
CA ASP C 183 35.59 -31.10 -24.22
C ASP C 183 35.87 -29.78 -23.53
N GLY C 184 35.07 -29.44 -22.52
CA GLY C 184 35.08 -28.13 -21.92
C GLY C 184 33.92 -27.27 -22.35
N LYS C 185 33.04 -27.78 -23.20
CA LYS C 185 31.79 -27.11 -23.52
C LYS C 185 30.91 -27.05 -22.26
N VAL C 186 30.21 -25.92 -22.21
CA VAL C 186 29.46 -25.61 -21.01
C VAL C 186 28.06 -25.16 -21.15
N LEU C 187 27.25 -25.62 -20.23
CA LEU C 187 25.91 -25.07 -20.15
C LEU C 187 25.68 -24.55 -18.73
N TYR C 188 25.02 -23.39 -18.64
CA TYR C 188 24.83 -22.62 -17.42
C TYR C 188 23.44 -22.00 -17.42
N SER C 189 22.69 -22.17 -16.32
CA SER C 189 21.28 -21.77 -16.31
C SER C 189 20.84 -21.26 -14.94
N LEU C 190 19.90 -20.31 -14.97
CA LEU C 190 19.43 -19.60 -13.79
C LEU C 190 17.91 -19.44 -13.83
N ARG C 191 17.33 -18.99 -12.72
CA ARG C 191 15.91 -18.69 -12.65
C ARG C 191 15.74 -17.33 -11.97
N VAL C 192 15.11 -16.39 -12.67
CA VAL C 192 15.13 -15.00 -12.24
C VAL C 192 13.74 -14.37 -12.42
N THR C 193 13.53 -13.28 -11.70
CA THR C 193 12.35 -12.43 -11.83
C THR C 193 12.80 -11.00 -12.06
N VAL C 194 12.20 -10.31 -13.04
CA VAL C 194 12.62 -8.99 -13.46
C VAL C 194 11.43 -8.06 -13.56
N THR C 195 11.61 -6.81 -13.12
CA THR C 195 10.68 -5.72 -13.40
C THR C 195 11.35 -4.76 -14.39
N ALA C 196 10.64 -4.40 -15.45
CA ALA C 196 11.22 -3.78 -16.62
C ALA C 196 10.29 -2.73 -17.20
N MET C 197 10.86 -1.59 -17.58
CA MET C 197 10.08 -0.41 -17.92
C MET C 197 9.45 -0.57 -19.30
N CYS C 198 8.26 0.01 -19.45
CA CYS C 198 7.56 0.01 -20.75
C CYS C 198 6.82 1.34 -20.85
N ASN C 199 7.21 2.17 -21.80
CA ASN C 199 6.48 3.42 -21.98
C ASN C 199 5.15 3.18 -22.69
N MET C 200 4.08 3.68 -22.08
CA MET C 200 2.72 3.49 -22.55
C MET C 200 2.09 4.85 -22.84
N ASP C 201 1.09 4.84 -23.72
CA ASP C 201 0.34 6.03 -24.10
C ASP C 201 -1.14 5.69 -24.02
N PHE C 202 -1.86 6.40 -23.13
CA PHE C 202 -3.24 6.08 -22.80
C PHE C 202 -4.25 7.04 -23.43
N SER C 203 -3.86 7.79 -24.46
CA SER C 203 -4.80 8.80 -24.95
C SER C 203 -5.95 8.21 -25.76
N ARG C 204 -5.86 6.94 -26.17
CA ARG C 204 -6.98 6.25 -26.80
C ARG C 204 -7.72 5.34 -25.82
N PHE C 205 -7.51 5.50 -24.51
CA PHE C 205 -8.13 4.64 -23.53
C PHE C 205 -9.65 4.79 -23.59
N PRO C 206 -10.42 3.69 -23.48
CA PRO C 206 -10.05 2.28 -23.31
C PRO C 206 -9.73 1.48 -24.59
N LEU C 207 -9.51 2.17 -25.71
CA LEU C 207 -9.26 1.53 -27.00
C LEU C 207 -7.77 1.53 -27.37
N ASP C 208 -6.89 1.51 -26.40
CA ASP C 208 -5.45 1.52 -26.63
C ASP C 208 -4.91 0.12 -26.85
N THR C 209 -3.69 0.10 -27.40
CA THR C 209 -2.95 -1.12 -27.61
C THR C 209 -1.53 -0.76 -27.14
N GLN C 210 -0.83 -1.64 -26.39
CA GLN C 210 0.54 -1.39 -25.97
C GLN C 210 1.45 -2.53 -26.40
N THR C 211 2.73 -2.19 -26.62
CA THR C 211 3.76 -3.16 -26.92
C THR C 211 4.96 -2.92 -26.01
N CYS C 212 5.50 -4.00 -25.44
CA CYS C 212 6.60 -3.92 -24.48
C CYS C 212 7.71 -4.88 -24.90
N SER C 213 8.84 -4.79 -24.22
CA SER C 213 9.98 -5.62 -24.57
C SER C 213 10.92 -5.80 -23.37
N LEU C 214 11.72 -6.86 -23.43
CA LEU C 214 12.76 -7.15 -22.46
C LEU C 214 14.09 -7.22 -23.18
N GLU C 215 15.09 -6.51 -22.66
CA GLU C 215 16.38 -6.37 -23.32
C GLU C 215 17.48 -7.01 -22.49
N ILE C 216 18.44 -7.62 -23.18
CA ILE C 216 19.51 -8.38 -22.55
C ILE C 216 20.84 -7.93 -23.15
N GLU C 217 21.82 -7.67 -22.30
CA GLU C 217 23.11 -7.13 -22.76
C GLU C 217 24.22 -7.55 -21.82
N SER C 218 25.45 -7.56 -22.36
CA SER C 218 26.68 -7.76 -21.57
C SER C 218 27.06 -6.45 -20.90
N TYR C 219 27.51 -6.56 -19.68
CA TYR C 219 27.84 -5.31 -19.00
C TYR C 219 29.27 -4.85 -19.29
N ALA C 220 30.23 -5.77 -19.20
CA ALA C 220 31.64 -5.38 -19.04
C ALA C 220 32.44 -5.51 -20.34
N TYR C 221 32.02 -6.39 -21.25
CA TYR C 221 32.80 -6.73 -22.43
C TYR C 221 32.10 -6.23 -23.69
N THR C 222 32.89 -5.69 -24.61
CA THR C 222 32.33 -5.13 -25.83
C THR C 222 32.37 -6.18 -26.95
N GLU C 223 31.78 -5.82 -28.09
CA GLU C 223 31.74 -6.71 -29.24
C GLU C 223 33.14 -7.15 -29.69
N ASP C 224 34.20 -6.49 -29.24
CA ASP C 224 35.56 -6.93 -29.50
C ASP C 224 36.03 -8.00 -28.51
N ASP C 225 35.27 -8.27 -27.45
CA ASP C 225 35.65 -9.37 -26.56
C ASP C 225 34.59 -10.45 -26.44
N LEU C 226 33.31 -10.15 -26.68
CA LEU C 226 32.27 -11.16 -26.57
C LEU C 226 31.19 -10.94 -27.61
N MET C 227 30.72 -12.06 -28.20
CA MET C 227 29.78 -12.07 -29.29
C MET C 227 28.49 -12.72 -28.80
N LEU C 228 27.39 -11.96 -28.83
CA LEU C 228 26.13 -12.40 -28.26
C LEU C 228 25.14 -12.68 -29.39
N TYR C 229 24.48 -13.83 -29.32
CA TYR C 229 23.52 -14.25 -30.35
C TYR C 229 22.55 -15.27 -29.78
N TRP C 230 21.41 -15.39 -30.44
CA TRP C 230 20.44 -16.42 -30.07
C TRP C 230 20.94 -17.79 -30.54
N LYS C 231 20.81 -18.80 -29.68
CA LYS C 231 21.47 -20.09 -29.93
C LYS C 231 20.90 -20.79 -31.17
N LYS C 232 19.62 -20.61 -31.46
CA LYS C 232 18.91 -21.34 -32.51
C LYS C 232 18.03 -20.40 -33.31
N GLY C 233 18.38 -19.12 -33.34
CA GLY C 233 17.64 -18.18 -34.17
C GLY C 233 16.25 -17.92 -33.62
N ASN C 234 15.25 -18.06 -34.48
CA ASN C 234 13.85 -17.83 -34.09
C ASN C 234 13.33 -18.87 -33.11
N ASP C 235 13.99 -20.03 -32.98
CA ASP C 235 13.51 -21.11 -32.13
C ASP C 235 14.04 -21.04 -30.70
N SER C 236 14.68 -19.94 -30.33
CA SER C 236 15.34 -19.81 -29.04
C SER C 236 14.44 -19.19 -27.97
N LEU C 237 13.14 -19.11 -28.22
CA LEU C 237 12.17 -18.64 -27.22
C LEU C 237 11.04 -19.63 -27.08
N LYS C 238 10.78 -20.05 -25.84
CA LYS C 238 9.67 -20.93 -25.51
C LYS C 238 8.80 -20.25 -24.47
N THR C 239 7.51 -20.51 -24.52
CA THR C 239 6.56 -19.81 -23.67
C THR C 239 5.60 -20.80 -23.02
N ASP C 240 5.35 -20.62 -21.72
CA ASP C 240 4.53 -21.60 -21.02
C ASP C 240 3.06 -21.53 -21.45
N GLU C 241 2.38 -22.65 -21.23
CA GLU C 241 1.02 -22.84 -21.74
C GLU C 241 -0.01 -22.08 -20.92
N ARG C 242 0.28 -21.81 -19.65
CA ARG C 242 -0.71 -21.40 -18.67
C ARG C 242 -0.51 -19.94 -18.24
N ILE C 243 -0.22 -19.06 -19.21
CA ILE C 243 0.10 -17.68 -18.94
C ILE C 243 -1.11 -16.80 -19.21
N SER C 244 -1.37 -15.85 -18.32
CA SER C 244 -2.59 -15.06 -18.41
C SER C 244 -2.52 -13.90 -17.44
N LEU C 245 -3.33 -12.89 -17.71
CA LEU C 245 -3.53 -11.76 -16.78
C LEU C 245 -5.01 -11.56 -16.57
N SER C 246 -5.34 -11.03 -15.39
CA SER C 246 -6.74 -10.77 -15.05
C SER C 246 -7.23 -9.44 -15.58
N GLN C 247 -6.46 -8.77 -16.42
CA GLN C 247 -6.85 -7.48 -16.96
C GLN C 247 -6.41 -7.25 -18.40
N PHE C 248 -5.80 -8.25 -19.06
CA PHE C 248 -5.22 -8.04 -20.38
C PHE C 248 -5.23 -9.35 -21.15
N LEU C 249 -5.00 -9.22 -22.47
CA LEU C 249 -4.83 -10.34 -23.38
C LEU C 249 -3.45 -10.20 -24.01
N ILE C 250 -2.69 -11.29 -24.07
CA ILE C 250 -1.30 -11.24 -24.49
C ILE C 250 -1.14 -11.96 -25.82
N GLN C 251 -0.50 -11.25 -26.76
CA GLN C 251 -0.31 -11.79 -28.11
C GLN C 251 1.00 -11.42 -28.82
N GLU C 252 1.57 -12.27 -29.71
CA GLU C 252 2.70 -11.92 -30.58
C GLU C 252 4.05 -11.86 -29.86
N PHE C 253 4.54 -13.01 -29.38
CA PHE C 253 5.90 -13.10 -28.87
C PHE C 253 6.87 -13.34 -30.03
N HIS C 254 7.98 -12.59 -30.05
CA HIS C 254 9.07 -12.84 -30.99
C HIS C 254 10.31 -12.10 -30.53
N THR C 255 11.44 -12.47 -31.14
CA THR C 255 12.77 -12.01 -30.75
C THR C 255 13.42 -11.24 -31.90
N THR C 256 14.41 -10.43 -31.54
CA THR C 256 15.25 -9.75 -32.51
C THR C 256 16.52 -9.28 -31.81
N THR C 257 17.38 -8.62 -32.58
CA THR C 257 18.69 -8.19 -32.11
C THR C 257 18.98 -6.79 -32.64
N LYS C 258 19.94 -6.12 -31.99
CA LYS C 258 20.39 -4.81 -32.42
C LYS C 258 21.74 -4.53 -31.78
N LEU C 259 22.56 -3.73 -32.46
CA LEU C 259 23.84 -3.31 -31.91
C LEU C 259 23.69 -1.89 -31.34
N ALA C 260 24.30 -1.64 -30.17
CA ALA C 260 24.09 -0.41 -29.44
C ALA C 260 25.41 0.17 -28.94
N PHE C 261 25.41 1.48 -28.71
CA PHE C 261 26.63 2.28 -28.56
C PHE C 261 26.55 3.15 -27.31
N TYR C 262 27.63 3.14 -26.53
CA TYR C 262 27.79 4.02 -25.39
C TYR C 262 28.95 4.97 -25.64
N SER C 263 28.74 6.26 -25.36
CA SER C 263 29.70 7.27 -25.74
C SER C 263 31.04 7.16 -25.00
N SER C 264 31.03 6.74 -23.74
CA SER C 264 32.28 6.64 -23.01
C SER C 264 32.80 5.21 -22.88
N THR C 265 32.07 4.20 -23.40
CA THR C 265 32.61 2.84 -23.31
C THR C 265 32.62 2.05 -24.62
N GLY C 266 31.69 2.26 -25.55
CA GLY C 266 31.80 1.60 -26.84
C GLY C 266 30.58 0.82 -27.27
N TRP C 267 30.79 -0.22 -28.08
CA TRP C 267 29.71 -0.90 -28.78
C TRP C 267 29.42 -2.25 -28.14
N TYR C 268 28.14 -2.63 -28.12
CA TYR C 268 27.70 -3.89 -27.54
C TYR C 268 26.56 -4.48 -28.37
N ASN C 269 26.38 -5.79 -28.25
CA ASN C 269 25.24 -6.48 -28.84
C ASN C 269 24.11 -6.59 -27.82
N ARG C 270 22.87 -6.57 -28.32
CA ARG C 270 21.70 -6.58 -27.46
C ARG C 270 20.61 -7.46 -28.06
N LEU C 271 19.92 -8.21 -27.22
CA LEU C 271 18.84 -9.09 -27.62
C LEU C 271 17.52 -8.57 -27.07
N TYR C 272 16.44 -8.84 -27.78
CA TYR C 272 15.11 -8.34 -27.44
C TYR C 272 14.11 -9.49 -27.42
N ILE C 273 13.10 -9.35 -26.55
CA ILE C 273 11.88 -10.15 -26.60
C ILE C 273 10.71 -9.19 -26.58
N ASN C 274 9.82 -9.30 -27.57
CA ASN C 274 8.72 -8.36 -27.74
C ASN C 274 7.38 -9.06 -27.58
N PHE C 275 6.35 -8.29 -27.24
CA PHE C 275 5.00 -8.82 -27.14
C PHE C 275 4.02 -7.66 -27.11
N THR C 276 2.72 -8.00 -27.15
CA THR C 276 1.67 -7.03 -27.35
C THR C 276 0.51 -7.30 -26.38
N LEU C 277 -0.18 -6.21 -26.01
CA LEU C 277 -1.26 -6.24 -25.04
C LEU C 277 -2.49 -5.51 -25.55
N ARG C 278 -3.66 -5.96 -25.09
CA ARG C 278 -4.97 -5.41 -25.44
C ARG C 278 -5.90 -5.63 -24.26
N ARG C 279 -7.06 -4.97 -24.27
CA ARG C 279 -8.01 -5.07 -23.17
C ARG C 279 -9.30 -5.76 -23.63
N HIS C 280 -10.24 -5.90 -22.68
CA HIS C 280 -11.61 -6.32 -22.97
C HIS C 280 -12.46 -5.06 -23.10
N ILE C 281 -12.92 -4.73 -24.29
CA ILE C 281 -13.63 -3.48 -24.53
C ILE C 281 -15.12 -3.47 -24.10
N PHE C 282 -15.74 -4.64 -24.01
CA PHE C 282 -17.17 -4.63 -23.71
C PHE C 282 -17.43 -4.32 -22.24
N PHE C 283 -16.55 -4.77 -21.35
CA PHE C 283 -16.66 -4.40 -19.94
C PHE C 283 -16.64 -2.87 -19.78
N PHE C 284 -15.68 -2.19 -20.41
CA PHE C 284 -15.60 -0.74 -20.30
C PHE C 284 -16.81 -0.08 -20.94
N LEU C 285 -17.29 -0.63 -22.05
CA LEU C 285 -18.51 -0.12 -22.66
C LEU C 285 -19.67 -0.13 -21.68
N LEU C 286 -20.17 -1.26 -21.25
CA LEU C 286 -21.19 -1.28 -20.24
C LEU C 286 -20.89 -0.43 -18.96
N GLN C 287 -19.64 -0.41 -18.45
CA GLN C 287 -19.46 0.32 -17.20
C GLN C 287 -19.47 1.84 -17.40
N THR C 288 -19.12 2.34 -18.59
CA THR C 288 -18.97 3.79 -18.73
C THR C 288 -19.88 4.41 -19.78
N TYR C 289 -19.94 3.86 -20.99
CA TYR C 289 -20.63 4.59 -22.06
C TYR C 289 -22.14 4.42 -21.97
N PHE C 290 -22.61 3.29 -21.43
CA PHE C 290 -24.04 2.94 -21.40
C PHE C 290 -24.85 3.83 -20.46
N PRO C 291 -24.44 4.00 -19.18
CA PRO C 291 -25.28 4.80 -18.27
C PRO C 291 -25.40 6.26 -18.67
N ALA C 292 -24.31 6.89 -19.13
CA ALA C 292 -24.41 8.26 -19.60
C ALA C 292 -25.36 8.41 -20.79
N THR C 293 -25.38 7.41 -21.69
CA THR C 293 -26.30 7.50 -22.82
C THR C 293 -27.75 7.44 -22.35
N LEU C 294 -28.04 6.52 -21.42
CA LEU C 294 -29.38 6.47 -20.84
C LEU C 294 -29.72 7.76 -20.12
N MET C 295 -28.72 8.44 -19.54
CA MET C 295 -29.01 9.72 -18.88
C MET C 295 -29.35 10.80 -19.91
N VAL C 296 -28.61 10.86 -21.02
CA VAL C 296 -28.91 11.85 -22.04
C VAL C 296 -30.27 11.57 -22.66
N MET C 297 -30.65 10.29 -22.75
CA MET C 297 -31.97 9.96 -23.29
C MET C 297 -33.07 10.28 -22.29
N LEU C 298 -32.79 10.13 -20.99
CA LEU C 298 -33.75 10.54 -19.97
C LEU C 298 -33.97 12.05 -20.00
N SER C 299 -32.98 12.82 -20.44
CA SER C 299 -33.14 14.26 -20.41
C SER C 299 -34.03 14.78 -21.54
N TRP C 300 -34.28 13.97 -22.58
CA TRP C 300 -35.18 14.37 -23.67
C TRP C 300 -36.64 14.21 -23.32
N VAL C 301 -36.97 13.40 -22.30
CA VAL C 301 -38.36 13.23 -21.87
C VAL C 301 -39.00 14.57 -21.56
N SER C 302 -38.21 15.58 -21.15
CA SER C 302 -38.88 16.77 -20.64
C SER C 302 -39.54 17.58 -21.75
N PHE C 303 -39.29 17.26 -23.03
CA PHE C 303 -39.89 18.00 -24.13
C PHE C 303 -41.33 17.59 -24.37
N TRP C 304 -41.80 16.51 -23.74
CA TRP C 304 -43.13 15.98 -23.99
C TRP C 304 -44.10 16.20 -22.84
N ILE C 305 -43.67 16.86 -21.77
CA ILE C 305 -44.51 17.21 -20.62
C ILE C 305 -45.05 18.62 -20.81
N ASP C 306 -46.24 18.86 -20.27
CA ASP C 306 -46.96 20.12 -20.40
C ASP C 306 -46.17 21.24 -19.76
N ARG C 307 -45.99 22.34 -20.51
CA ARG C 307 -45.22 23.47 -20.00
C ARG C 307 -45.90 24.17 -18.84
N ARG C 308 -47.20 23.92 -18.66
CA ARG C 308 -47.92 24.50 -17.53
C ARG C 308 -47.58 23.84 -16.20
N ALA C 309 -46.94 22.67 -16.24
CA ALA C 309 -46.58 21.88 -15.05
C ALA C 309 -45.15 22.26 -14.68
N VAL C 310 -45.01 23.43 -14.08
CA VAL C 310 -43.72 23.96 -13.66
C VAL C 310 -43.10 23.09 -12.57
N PRO C 311 -43.80 22.79 -11.46
CA PRO C 311 -43.17 21.99 -10.41
C PRO C 311 -42.92 20.54 -10.80
N ALA C 312 -43.29 20.13 -12.01
CA ALA C 312 -42.89 18.81 -12.49
C ALA C 312 -41.88 18.86 -13.62
N ARG C 313 -41.63 20.05 -14.17
CA ARG C 313 -40.59 20.20 -15.19
C ARG C 313 -39.28 20.78 -14.65
N VAL C 314 -39.30 21.41 -13.47
CA VAL C 314 -38.14 22.12 -12.93
C VAL C 314 -37.28 21.15 -12.11
N PRO C 315 -37.84 20.31 -11.24
CA PRO C 315 -36.98 19.37 -10.50
C PRO C 315 -36.33 18.30 -11.38
N LEU C 316 -36.99 17.93 -12.48
CA LEU C 316 -36.52 16.84 -13.31
C LEU C 316 -35.11 17.12 -13.85
N GLY C 317 -34.94 18.27 -14.49
CA GLY C 317 -33.65 18.61 -15.05
C GLY C 317 -32.55 18.63 -14.00
N ILE C 318 -32.80 19.27 -12.86
CA ILE C 318 -31.72 19.45 -11.90
C ILE C 318 -31.38 18.12 -11.23
N THR C 319 -32.37 17.25 -11.04
CA THR C 319 -32.07 15.92 -10.49
C THR C 319 -31.23 15.13 -11.47
N THR C 320 -31.53 15.28 -12.77
CA THR C 320 -30.79 14.60 -13.82
C THR C 320 -29.33 15.06 -13.82
N VAL C 321 -29.12 16.37 -13.65
CA VAL C 321 -27.75 16.89 -13.51
C VAL C 321 -27.05 16.25 -12.33
N LEU C 322 -27.76 16.15 -11.19
CA LEU C 322 -27.18 15.51 -10.01
C LEU C 322 -26.73 14.09 -10.32
N THR C 323 -27.59 13.33 -10.99
CA THR C 323 -27.31 11.93 -11.32
C THR C 323 -26.08 11.81 -12.21
N MET C 324 -26.01 12.63 -13.26
CA MET C 324 -24.88 12.57 -14.18
C MET C 324 -23.57 12.96 -13.47
N SER C 325 -23.62 13.98 -12.60
CA SER C 325 -22.40 14.31 -11.86
C SER C 325 -21.97 13.18 -10.95
N THR C 326 -22.94 12.48 -10.32
CA THR C 326 -22.56 11.32 -9.52
C THR C 326 -21.87 10.26 -10.36
N ILE C 327 -22.40 9.97 -11.54
CA ILE C 327 -21.78 8.95 -12.40
C ILE C 327 -20.34 9.36 -12.74
N ILE C 328 -20.17 10.61 -13.19
CA ILE C 328 -18.84 11.04 -13.60
C ILE C 328 -17.85 10.96 -12.43
N THR C 329 -18.26 11.44 -11.25
CA THR C 329 -17.41 11.32 -10.07
C THR C 329 -17.05 9.87 -9.79
N GLY C 330 -18.03 8.96 -9.93
CA GLY C 330 -17.75 7.56 -9.69
C GLY C 330 -16.73 6.98 -10.65
N VAL C 331 -16.75 7.47 -11.90
CA VAL C 331 -15.76 6.99 -12.88
C VAL C 331 -14.40 7.63 -12.64
N ASN C 332 -14.37 8.79 -11.97
CA ASN C 332 -13.06 9.41 -11.74
C ASN C 332 -12.32 8.80 -10.55
N ALA C 333 -13.03 8.20 -9.59
CA ALA C 333 -12.45 7.69 -8.36
C ALA C 333 -11.89 6.27 -8.52
N SER C 334 -11.80 5.76 -9.75
CA SER C 334 -11.28 4.43 -9.99
C SER C 334 -10.33 4.32 -11.19
N MET C 335 -9.90 5.44 -11.76
CA MET C 335 -9.06 5.41 -12.95
C MET C 335 -7.60 5.30 -12.53
N PRO C 336 -6.72 4.83 -13.41
CA PRO C 336 -5.31 4.60 -12.99
C PRO C 336 -4.52 5.86 -12.68
N ARG C 337 -5.17 7.03 -12.70
CA ARG C 337 -4.62 8.28 -12.15
C ARG C 337 -3.47 8.81 -12.99
N VAL C 338 -3.72 9.03 -14.28
CA VAL C 338 -2.72 9.53 -15.21
C VAL C 338 -3.23 10.87 -15.73
N SER C 339 -2.46 11.93 -15.48
CA SER C 339 -3.03 13.28 -15.54
C SER C 339 -2.86 13.90 -16.93
N TYR C 340 -3.57 13.32 -17.90
CA TYR C 340 -3.82 13.98 -19.15
C TYR C 340 -5.11 13.44 -19.75
N ILE C 341 -5.75 14.30 -20.55
CA ILE C 341 -7.05 13.98 -21.21
C ILE C 341 -7.08 12.76 -22.14
N LYS C 342 -8.01 11.85 -21.97
CA LYS C 342 -8.18 10.58 -22.68
C LYS C 342 -9.58 10.54 -23.30
N ALA C 343 -9.79 9.51 -24.12
CA ALA C 343 -10.91 9.50 -25.07
C ALA C 343 -12.28 9.31 -24.41
N VAL C 344 -12.38 8.81 -23.19
CA VAL C 344 -13.65 8.64 -22.47
C VAL C 344 -14.06 9.92 -21.73
N ASP C 345 -13.09 10.69 -21.29
CA ASP C 345 -13.37 11.98 -20.67
C ASP C 345 -14.19 12.85 -21.60
N ILE C 346 -13.83 12.85 -22.89
CA ILE C 346 -14.56 13.66 -23.86
C ILE C 346 -16.02 13.25 -23.92
N TYR C 347 -16.27 11.93 -24.03
CA TYR C 347 -17.64 11.44 -24.09
C TYR C 347 -18.44 11.93 -22.88
N LEU C 348 -17.84 11.81 -21.70
CA LEU C 348 -18.57 12.09 -20.46
C LEU C 348 -18.89 13.59 -20.36
N TRP C 349 -17.93 14.43 -20.74
CA TRP C 349 -18.16 15.87 -20.59
C TRP C 349 -19.11 16.40 -21.66
N VAL C 350 -19.17 15.76 -22.84
CA VAL C 350 -20.14 16.19 -23.85
C VAL C 350 -21.54 15.81 -23.42
N SER C 351 -21.71 14.65 -22.76
CA SER C 351 -23.06 14.33 -22.31
C SER C 351 -23.46 15.21 -21.12
N PHE C 352 -22.47 15.65 -20.32
CA PHE C 352 -22.77 16.68 -19.33
C PHE C 352 -23.30 17.95 -19.97
N VAL C 353 -22.65 18.41 -21.04
CA VAL C 353 -23.08 19.66 -21.69
C VAL C 353 -24.48 19.50 -22.30
N PHE C 354 -24.77 18.34 -22.87
CA PHE C 354 -26.14 18.13 -23.37
C PHE C 354 -27.18 18.25 -22.25
N VAL C 355 -26.93 17.58 -21.12
CA VAL C 355 -27.88 17.65 -20.02
C VAL C 355 -28.04 19.09 -19.52
N PHE C 356 -26.95 19.86 -19.53
CA PHE C 356 -27.01 21.25 -19.08
C PHE C 356 -27.87 22.11 -20.01
N LEU C 357 -27.71 21.93 -21.33
CA LEU C 357 -28.53 22.68 -22.28
C LEU C 357 -30.02 22.34 -22.11
N SER C 358 -30.33 21.06 -21.81
CA SER C 358 -31.75 20.73 -21.64
C SER C 358 -32.38 21.54 -20.51
N VAL C 359 -31.61 21.91 -19.49
CA VAL C 359 -32.12 22.70 -18.39
C VAL C 359 -32.20 24.18 -18.76
N LEU C 360 -31.33 24.65 -19.66
CA LEU C 360 -31.53 26.05 -20.09
C LEU C 360 -32.81 26.22 -20.94
N GLU C 361 -33.18 25.17 -21.67
CA GLU C 361 -34.28 25.27 -22.64
C GLU C 361 -35.60 25.64 -21.97
N TYR C 362 -35.93 24.96 -20.86
CA TYR C 362 -37.25 25.14 -20.28
C TYR C 362 -37.34 26.48 -19.57
N ALA C 363 -36.21 27.03 -19.15
CA ALA C 363 -36.21 28.39 -18.60
C ALA C 363 -36.58 29.39 -19.68
N ALA C 364 -36.02 29.22 -20.88
CA ALA C 364 -36.46 30.04 -22.02
C ALA C 364 -37.98 29.95 -22.21
N VAL C 365 -38.51 28.73 -22.26
CA VAL C 365 -39.94 28.54 -22.51
C VAL C 365 -40.78 29.19 -21.40
N ASN C 366 -40.36 29.01 -20.14
CA ASN C 366 -41.17 29.58 -19.05
C ASN C 366 -41.18 31.09 -19.11
N TYR C 367 -40.02 31.69 -19.39
CA TYR C 367 -39.93 33.14 -19.37
C TYR C 367 -40.82 33.72 -20.45
N LEU C 368 -40.83 33.08 -21.62
CA LEU C 368 -41.61 33.58 -22.74
C LEU C 368 -43.10 33.45 -22.46
N THR C 369 -43.53 32.30 -21.93
CA THR C 369 -44.95 32.15 -21.64
C THR C 369 -45.40 33.17 -20.60
N THR C 370 -44.56 33.43 -19.60
CA THR C 370 -44.95 34.37 -18.55
C THR C 370 -45.10 35.79 -19.11
N VAL C 371 -44.13 36.22 -19.93
CA VAL C 371 -44.23 37.57 -20.47
C VAL C 371 -45.43 37.69 -21.42
N GLN C 372 -45.76 36.62 -22.15
CA GLN C 372 -46.97 36.69 -22.97
C GLN C 372 -48.21 36.85 -22.12
N GLU C 373 -48.30 36.08 -21.02
CA GLU C 373 -49.42 36.20 -20.10
C GLU C 373 -49.56 37.64 -19.61
N ARG C 374 -48.44 38.27 -19.25
CA ARG C 374 -48.45 39.66 -18.81
C ARG C 374 -48.85 40.62 -19.93
N LYS C 375 -48.50 40.28 -21.18
CA LYS C 375 -48.80 41.18 -22.29
C LYS C 375 -50.28 41.15 -22.66
N GLU C 376 -50.89 39.97 -22.62
CA GLU C 376 -52.32 39.89 -22.92
C GLU C 376 -53.15 40.58 -21.84
N GLN C 377 -52.77 40.38 -20.57
CA GLN C 377 -53.48 41.01 -19.46
C GLN C 377 -53.01 42.45 -19.25
N ASP C 451 -51.59 24.34 -26.38
CA ASP C 451 -50.76 24.55 -27.56
C ASP C 451 -49.29 24.39 -27.22
N THR C 452 -48.61 23.48 -27.89
CA THR C 452 -47.19 23.36 -27.68
C THR C 452 -46.47 24.61 -28.06
N HIS C 453 -45.41 24.89 -27.35
CA HIS C 453 -44.53 26.01 -27.72
C HIS C 453 -43.59 25.62 -28.86
N ALA C 454 -43.27 26.61 -29.69
CA ALA C 454 -42.39 26.38 -30.84
C ALA C 454 -41.05 25.77 -30.41
N ILE C 455 -40.49 26.25 -29.30
CA ILE C 455 -39.17 25.79 -28.88
C ILE C 455 -39.21 24.31 -28.49
N ASP C 456 -40.31 23.87 -27.86
CA ASP C 456 -40.43 22.46 -27.50
C ASP C 456 -40.48 21.56 -28.74
N LYS C 457 -41.39 21.87 -29.67
CA LYS C 457 -41.53 21.05 -30.86
C LYS C 457 -40.35 21.17 -31.81
N TYR C 458 -39.49 22.17 -31.63
CA TYR C 458 -38.23 22.19 -32.36
C TYR C 458 -37.15 21.38 -31.65
N SER C 459 -37.08 21.47 -30.31
CA SER C 459 -36.07 20.73 -29.57
C SER C 459 -36.26 19.23 -29.71
N ARG C 460 -37.52 18.77 -29.74
CA ARG C 460 -37.85 17.36 -29.92
C ARG C 460 -37.14 16.76 -31.13
N ILE C 461 -36.86 17.58 -32.16
CA ILE C 461 -36.11 17.11 -33.32
C ILE C 461 -34.63 17.42 -33.18
N ILE C 462 -34.28 18.62 -32.71
CA ILE C 462 -32.89 19.05 -32.84
C ILE C 462 -31.97 18.27 -31.91
N PHE C 463 -32.35 18.08 -30.65
CA PHE C 463 -31.41 17.48 -29.69
C PHE C 463 -30.92 16.09 -30.10
N PRO C 464 -31.85 15.13 -30.44
CA PRO C 464 -31.28 13.81 -30.79
C PRO C 464 -30.39 13.80 -32.01
N ALA C 465 -30.81 14.46 -33.08
CA ALA C 465 -29.98 14.54 -34.28
C ALA C 465 -28.56 15.02 -33.98
N ALA C 466 -28.41 15.98 -33.08
CA ALA C 466 -27.06 16.45 -32.76
C ALA C 466 -26.31 15.44 -31.91
N TYR C 467 -27.02 14.71 -31.05
CA TYR C 467 -26.35 13.61 -30.35
C TYR C 467 -25.87 12.53 -31.32
N ILE C 468 -26.72 12.18 -32.31
CA ILE C 468 -26.33 11.23 -33.34
C ILE C 468 -25.10 11.72 -34.09
N LEU C 469 -25.10 12.99 -34.48
CA LEU C 469 -23.99 13.57 -35.24
C LEU C 469 -22.68 13.55 -34.46
N PHE C 470 -22.76 13.76 -33.15
CA PHE C 470 -21.61 13.67 -32.25
C PHE C 470 -21.08 12.25 -32.20
N ASN C 471 -21.98 11.26 -32.10
CA ASN C 471 -21.56 9.86 -32.02
C ASN C 471 -20.90 9.42 -33.31
N LEU C 472 -21.46 9.81 -34.46
CA LEU C 472 -20.81 9.50 -35.74
C LEU C 472 -19.38 10.02 -35.78
N ILE C 473 -19.19 11.30 -35.46
CA ILE C 473 -17.85 11.89 -35.56
C ILE C 473 -16.89 11.23 -34.56
N TYR C 474 -17.37 11.03 -33.32
CA TYR C 474 -16.52 10.45 -32.29
C TYR C 474 -16.04 9.06 -32.69
N TRP C 475 -16.95 8.19 -33.12
CA TRP C 475 -16.52 6.84 -33.50
C TRP C 475 -15.86 6.78 -34.88
N SER C 476 -15.92 7.86 -35.67
CA SER C 476 -15.07 7.94 -36.85
C SER C 476 -13.64 8.28 -36.47
N ILE C 477 -13.46 9.02 -35.39
CA ILE C 477 -12.13 9.40 -34.93
C ILE C 477 -11.47 8.28 -34.13
N PHE C 478 -12.20 7.60 -33.23
CA PHE C 478 -11.52 6.56 -32.46
C PHE C 478 -11.78 5.14 -32.96
N SER C 479 -12.69 4.96 -33.92
CA SER C 479 -12.90 3.67 -34.57
C SER C 479 -13.13 2.53 -33.59
N SER D 75 46.97 -11.58 -14.69
CA SER D 75 46.32 -10.33 -14.32
C SER D 75 46.49 -10.05 -12.83
N GLU D 76 46.01 -10.96 -11.98
CA GLU D 76 46.23 -10.80 -10.55
C GLU D 76 47.72 -10.83 -10.25
N GLN D 77 48.51 -11.38 -11.18
CA GLN D 77 49.96 -11.41 -11.00
C GLN D 77 50.58 -10.19 -11.67
N LEU D 78 50.09 -9.80 -12.84
CA LEU D 78 50.60 -8.62 -13.53
C LEU D 78 50.63 -7.43 -12.59
N LEU D 79 49.64 -7.34 -11.72
CA LEU D 79 49.61 -6.26 -10.74
C LEU D 79 50.14 -6.81 -9.42
N ARG D 80 51.14 -6.14 -8.86
CA ARG D 80 51.77 -6.60 -7.62
C ARG D 80 50.84 -6.25 -6.47
N ILE D 81 49.78 -7.05 -6.34
CA ILE D 81 48.73 -6.76 -5.36
C ILE D 81 49.28 -6.86 -3.94
N ASP D 82 50.08 -7.87 -3.66
CA ASP D 82 50.57 -8.10 -2.30
C ASP D 82 51.80 -7.27 -1.96
N ASP D 83 52.30 -6.47 -2.90
CA ASP D 83 53.48 -5.63 -2.67
C ASP D 83 53.14 -4.21 -2.27
N HIS D 84 51.86 -3.90 -2.12
CA HIS D 84 51.43 -2.53 -1.81
C HIS D 84 50.41 -2.45 -0.68
N ASP D 85 50.09 -1.22 -0.24
CA ASP D 85 49.09 -1.01 0.83
C ASP D 85 47.95 -0.15 0.32
N PHE D 86 46.75 -0.70 0.19
CA PHE D 86 45.62 0.01 -0.39
C PHE D 86 44.63 0.63 0.57
N SER D 87 44.90 0.58 1.87
CA SER D 87 44.07 1.33 2.80
C SER D 87 44.58 2.74 2.64
N MET D 88 45.69 2.90 1.91
CA MET D 88 46.32 4.21 1.77
C MET D 88 45.98 4.83 0.42
N ARG D 89 45.35 6.00 0.44
CA ARG D 89 45.04 6.64 -0.84
C ARG D 89 46.31 6.84 -1.66
N PRO D 90 46.21 6.72 -2.99
CA PRO D 90 47.37 7.01 -3.86
C PRO D 90 47.98 8.37 -3.55
N GLY D 91 49.25 8.36 -3.15
CA GLY D 91 49.92 9.60 -2.80
C GLY D 91 49.62 10.19 -1.43
N PHE D 92 49.35 9.35 -0.43
CA PHE D 92 49.13 9.84 0.93
C PHE D 92 50.31 10.69 1.38
N GLY D 93 50.04 11.94 1.77
CA GLY D 93 51.17 12.79 2.09
C GLY D 93 51.06 14.19 1.52
N GLY D 94 51.59 14.38 0.30
CA GLY D 94 51.45 15.64 -0.37
C GLY D 94 50.04 15.99 -0.82
N PRO D 95 49.93 16.48 -2.11
CA PRO D 95 48.61 17.00 -2.48
C PRO D 95 47.46 16.05 -2.68
N ALA D 96 46.34 16.61 -3.02
CA ALA D 96 45.11 15.83 -3.13
C ALA D 96 44.97 15.17 -4.50
N ILE D 97 44.43 13.98 -4.47
CA ILE D 97 44.28 13.23 -5.70
C ILE D 97 43.18 13.83 -6.58
N PRO D 98 43.49 13.98 -7.85
CA PRO D 98 42.38 14.41 -8.73
C PRO D 98 41.53 13.23 -9.17
N VAL D 99 40.21 13.37 -9.02
CA VAL D 99 39.25 12.34 -9.41
C VAL D 99 38.15 13.01 -10.22
N GLY D 100 37.81 12.43 -11.37
CA GLY D 100 36.92 13.07 -12.33
C GLY D 100 35.74 12.18 -12.70
N VAL D 101 34.56 12.80 -12.80
CA VAL D 101 33.29 12.10 -12.75
C VAL D 101 32.52 12.33 -14.05
N ASP D 102 31.77 11.31 -14.48
CA ASP D 102 30.97 11.34 -15.70
C ASP D 102 29.68 10.57 -15.44
N VAL D 103 28.55 11.14 -15.84
CA VAL D 103 27.25 10.54 -15.53
C VAL D 103 26.40 10.43 -16.79
N GLN D 104 25.61 9.35 -16.88
CA GLN D 104 24.60 9.17 -17.91
C GLN D 104 23.31 8.72 -17.25
N VAL D 105 22.21 9.43 -17.49
CA VAL D 105 20.94 9.11 -16.81
C VAL D 105 20.12 8.20 -17.70
N GLU D 106 19.68 7.07 -17.13
CA GLU D 106 18.84 6.12 -17.83
C GLU D 106 17.35 6.46 -17.74
N SER D 107 16.84 6.73 -16.54
CA SER D 107 15.40 6.93 -16.39
C SER D 107 15.08 7.63 -15.07
N LEU D 108 14.01 8.41 -15.09
CA LEU D 108 13.33 8.82 -13.87
C LEU D 108 12.14 7.89 -13.62
N ASP D 109 12.09 7.30 -12.43
CA ASP D 109 11.23 6.16 -12.17
C ASP D 109 9.93 6.50 -11.45
N SER D 110 9.93 7.41 -10.47
CA SER D 110 8.65 7.73 -9.82
C SER D 110 8.83 9.01 -9.05
N ILE D 111 7.70 9.62 -8.67
CA ILE D 111 7.68 10.85 -7.88
C ILE D 111 6.61 10.72 -6.81
N SER D 112 6.92 11.18 -5.59
CA SER D 112 5.95 11.27 -4.52
C SER D 112 5.79 12.74 -4.14
N GLU D 113 4.54 13.24 -4.21
CA GLU D 113 4.26 14.60 -3.78
C GLU D 113 4.02 14.69 -2.27
N VAL D 114 3.47 13.63 -1.68
CA VAL D 114 3.26 13.60 -0.24
C VAL D 114 4.59 13.55 0.50
N ASP D 115 5.49 12.65 0.08
CA ASP D 115 6.78 12.46 0.75
C ASP D 115 7.86 13.40 0.24
N MET D 116 7.64 14.06 -0.89
CA MET D 116 8.57 15.06 -1.45
C MET D 116 9.93 14.44 -1.80
N ASP D 117 9.95 13.67 -2.89
CA ASP D 117 11.15 12.93 -3.28
C ASP D 117 10.93 12.33 -4.66
N PHE D 118 12.01 11.81 -5.24
CA PHE D 118 11.95 11.22 -6.57
C PHE D 118 12.96 10.09 -6.67
N THR D 119 12.80 9.27 -7.71
CA THR D 119 13.63 8.08 -7.92
C THR D 119 14.23 8.11 -9.31
N MET D 120 15.54 7.88 -9.39
CA MET D 120 16.30 7.96 -10.63
C MET D 120 17.29 6.80 -10.71
N THR D 121 17.60 6.39 -11.94
CA THR D 121 18.53 5.31 -12.22
C THR D 121 19.54 5.77 -13.27
N LEU D 122 20.83 5.52 -13.03
CA LEU D 122 21.87 6.12 -13.84
C LEU D 122 23.12 5.24 -13.84
N TYR D 123 24.06 5.60 -14.70
CA TYR D 123 25.41 5.08 -14.71
C TYR D 123 26.36 6.13 -14.17
N LEU D 124 27.33 5.68 -13.37
CA LEU D 124 28.31 6.58 -12.74
C LEU D 124 29.72 6.12 -13.06
N ARG D 125 30.61 7.03 -13.47
CA ARG D 125 31.95 6.69 -13.94
C ARG D 125 32.98 7.56 -13.24
N HIS D 126 34.15 6.98 -12.96
CA HIS D 126 35.24 7.65 -12.27
C HIS D 126 36.53 7.44 -13.04
N TYR D 127 37.45 8.39 -12.90
CA TYR D 127 38.77 8.30 -13.51
C TYR D 127 39.83 8.75 -12.51
N TRP D 128 40.94 8.02 -12.46
CA TRP D 128 42.10 8.44 -11.67
C TRP D 128 43.30 7.62 -12.11
N LYS D 129 44.47 7.99 -11.58
CA LYS D 129 45.72 7.30 -11.88
C LYS D 129 46.35 6.79 -10.60
N ASP D 130 46.83 5.55 -10.64
CA ASP D 130 47.47 4.91 -9.50
C ASP D 130 48.57 4.00 -10.07
N GLU D 131 49.83 4.40 -9.84
CA GLU D 131 50.96 3.69 -10.43
C GLU D 131 51.30 2.42 -9.69
N ARG D 132 50.56 2.09 -8.62
CA ARG D 132 50.66 0.76 -8.04
C ARG D 132 50.03 -0.30 -8.93
N LEU D 133 49.20 0.10 -9.90
CA LEU D 133 48.49 -0.82 -10.77
C LEU D 133 49.07 -0.93 -12.18
N SER D 134 50.24 -0.32 -12.41
CA SER D 134 50.84 -0.38 -13.74
C SER D 134 51.43 -1.76 -14.00
N PHE D 135 51.42 -2.16 -15.26
CA PHE D 135 51.94 -3.45 -15.66
C PHE D 135 52.76 -3.34 -16.93
N PRO D 136 53.79 -4.18 -17.07
CA PRO D 136 54.59 -4.21 -18.31
C PRO D 136 53.86 -4.83 -19.50
N SER D 137 53.15 -4.03 -20.29
CA SER D 137 52.74 -4.55 -21.60
C SER D 137 52.94 -3.49 -22.67
N THR D 138 53.14 -3.96 -23.92
CA THR D 138 53.47 -3.04 -25.00
C THR D 138 52.25 -2.53 -25.76
N ASN D 139 51.03 -2.85 -25.32
CA ASN D 139 49.90 -2.78 -26.24
C ASN D 139 49.27 -1.39 -26.26
N ASN D 140 49.56 -0.56 -25.26
CA ASN D 140 48.97 0.77 -25.12
C ASN D 140 47.45 0.71 -25.20
N LEU D 141 46.87 -0.25 -24.47
CA LEU D 141 45.45 -0.56 -24.57
C LEU D 141 44.98 -1.09 -23.22
N SER D 142 43.69 -0.93 -22.95
CA SER D 142 43.22 -1.24 -21.61
C SER D 142 42.82 -2.72 -21.47
N MET D 143 42.59 -3.10 -20.22
CA MET D 143 42.22 -4.46 -19.85
C MET D 143 40.82 -4.45 -19.22
N THR D 144 40.40 -5.55 -18.60
CA THR D 144 39.08 -5.53 -17.95
C THR D 144 39.08 -6.40 -16.70
N PHE D 145 38.36 -5.93 -15.68
CA PHE D 145 38.08 -6.68 -14.46
C PHE D 145 36.66 -6.36 -14.03
N ASP D 146 36.19 -7.01 -12.97
CA ASP D 146 34.81 -6.80 -12.55
C ASP D 146 34.68 -7.13 -11.07
N GLY D 147 34.53 -6.09 -10.24
CA GLY D 147 33.98 -6.25 -8.90
C GLY D 147 34.83 -6.92 -7.85
N ARG D 148 35.20 -8.19 -8.07
CA ARG D 148 36.09 -8.86 -7.13
C ARG D 148 37.35 -8.05 -6.87
N LEU D 149 37.88 -7.40 -7.90
CA LEU D 149 39.12 -6.67 -7.72
C LEU D 149 38.91 -5.40 -6.92
N VAL D 150 37.69 -4.86 -6.91
CA VAL D 150 37.43 -3.60 -6.23
C VAL D 150 37.70 -3.73 -4.75
N LYS D 151 37.49 -4.92 -4.22
CA LYS D 151 37.74 -5.13 -2.80
C LYS D 151 39.18 -5.49 -2.49
N LYS D 152 40.00 -5.70 -3.53
CA LYS D 152 41.44 -5.85 -3.27
C LYS D 152 42.17 -4.52 -3.39
N ILE D 153 41.75 -3.63 -4.28
CA ILE D 153 42.46 -2.38 -4.47
C ILE D 153 41.78 -1.19 -3.85
N TRP D 154 42.43 -0.08 -3.95
CA TRP D 154 41.88 1.14 -3.39
C TRP D 154 40.95 1.80 -4.39
N VAL D 155 39.77 2.24 -3.93
CA VAL D 155 38.73 2.77 -4.81
C VAL D 155 38.10 3.99 -4.13
N PRO D 156 37.62 5.00 -4.85
CA PRO D 156 37.04 6.14 -4.14
C PRO D 156 35.72 5.78 -3.47
N ASP D 157 35.17 6.75 -2.73
CA ASP D 157 34.04 6.44 -1.85
C ASP D 157 32.96 7.53 -1.91
N MET D 158 32.41 7.75 -3.09
CA MET D 158 31.40 8.79 -3.26
C MET D 158 30.05 8.31 -2.72
N PHE D 159 29.18 9.26 -2.38
CA PHE D 159 27.88 8.91 -1.85
C PHE D 159 26.90 10.01 -2.24
N PHE D 160 25.62 9.67 -2.20
CA PHE D 160 24.57 10.58 -2.64
C PHE D 160 24.01 11.36 -1.45
N VAL D 161 24.11 12.68 -1.51
CA VAL D 161 23.77 13.56 -0.39
C VAL D 161 22.28 13.89 -0.45
N HIS D 162 21.62 13.81 0.71
CA HIS D 162 20.17 14.02 0.83
C HIS D 162 19.38 12.93 0.11
N SER D 163 19.72 11.67 0.41
CA SER D 163 19.10 10.51 -0.21
C SER D 163 18.38 9.69 0.86
N LYS D 164 17.28 9.06 0.47
CA LYS D 164 16.53 8.22 1.38
C LYS D 164 16.89 6.74 1.27
N ARG D 165 17.31 6.29 0.09
CA ARG D 165 17.63 4.89 -0.16
C ARG D 165 18.27 4.75 -1.53
N SER D 166 19.03 3.67 -1.69
CA SER D 166 19.75 3.40 -2.93
C SER D 166 20.33 1.99 -2.86
N PHE D 167 20.73 1.48 -4.02
CA PHE D 167 21.33 0.16 -4.14
C PHE D 167 22.03 0.05 -5.48
N ILE D 168 22.86 -0.97 -5.61
CA ILE D 168 23.56 -1.31 -6.84
C ILE D 168 22.96 -2.61 -7.36
N HIS D 169 22.75 -2.70 -8.68
CA HIS D 169 22.12 -3.87 -9.25
C HIS D 169 23.10 -5.04 -9.31
N ASP D 170 22.57 -6.26 -9.18
CA ASP D 170 23.41 -7.44 -9.02
C ASP D 170 22.89 -8.67 -9.75
N THR D 171 22.25 -8.50 -10.89
CA THR D 171 21.75 -9.62 -11.69
C THR D 171 22.10 -9.41 -13.16
N THR D 172 22.69 -10.44 -13.79
CA THR D 172 22.95 -11.72 -13.13
C THR D 172 24.24 -11.76 -12.30
N THR D 173 25.02 -10.68 -12.35
CA THR D 173 26.10 -10.48 -11.40
C THR D 173 26.22 -8.98 -11.15
N ASP D 174 27.22 -8.60 -10.35
CA ASP D 174 27.33 -7.20 -9.97
C ASP D 174 27.63 -6.34 -11.18
N ASN D 175 26.80 -5.31 -11.38
CA ASN D 175 26.96 -4.37 -12.48
C ASN D 175 28.14 -3.44 -12.18
N VAL D 176 29.35 -3.90 -12.22
CA VAL D 176 30.53 -3.14 -11.94
C VAL D 176 31.53 -3.48 -13.02
N MET D 177 32.23 -2.54 -13.56
CA MET D 177 33.23 -2.63 -14.61
C MET D 177 34.49 -1.91 -14.15
N LEU D 178 35.64 -2.44 -14.56
CA LEU D 178 36.95 -1.90 -14.19
C LEU D 178 37.89 -2.08 -15.38
N ARG D 179 38.48 -0.98 -15.85
CA ARG D 179 39.45 -1.04 -16.93
C ARG D 179 40.74 -0.34 -16.51
N VAL D 180 41.87 -0.99 -16.74
CA VAL D 180 43.18 -0.46 -16.39
C VAL D 180 44.09 -0.53 -17.60
N GLN D 181 44.79 0.57 -17.88
CA GLN D 181 45.84 0.69 -18.88
C GLN D 181 47.20 0.38 -18.27
N PRO D 182 48.18 0.06 -19.14
CA PRO D 182 49.58 -0.07 -18.70
C PRO D 182 50.09 1.03 -17.77
N ASP D 183 49.63 2.28 -17.89
CA ASP D 183 50.19 3.34 -17.05
C ASP D 183 49.73 3.24 -15.61
N GLY D 184 48.59 2.60 -15.37
CA GLY D 184 47.93 2.61 -14.09
C GLY D 184 46.73 3.53 -14.05
N LYS D 185 46.41 4.20 -15.16
CA LYS D 185 45.18 4.95 -15.28
C LYS D 185 44.00 3.98 -15.22
N VAL D 186 42.95 4.51 -14.59
CA VAL D 186 41.80 3.69 -14.31
C VAL D 186 40.45 4.20 -14.62
N LEU D 187 39.63 3.30 -15.10
CA LEU D 187 38.23 3.66 -15.22
C LEU D 187 37.38 2.64 -14.46
N TYR D 188 36.35 3.15 -13.77
CA TYR D 188 35.52 2.41 -12.82
C TYR D 188 34.08 2.88 -12.95
N SER D 189 33.14 1.93 -13.09
CA SER D 189 31.75 2.29 -13.41
C SER D 189 30.75 1.35 -12.75
N LEU D 190 29.58 1.90 -12.41
CA LEU D 190 28.54 1.23 -11.66
C LEU D 190 27.17 1.56 -12.24
N ARG D 191 26.15 0.83 -11.79
CA ARG D 191 24.77 1.10 -12.16
C ARG D 191 23.91 1.10 -10.90
N VAL D 192 23.23 2.22 -10.63
CA VAL D 192 22.60 2.42 -9.33
C VAL D 192 21.22 3.04 -9.51
N THR D 193 20.40 2.90 -8.48
CA THR D 193 19.09 3.54 -8.37
C THR D 193 19.04 4.30 -7.04
N VAL D 194 18.57 5.54 -7.08
CA VAL D 194 18.60 6.43 -5.91
C VAL D 194 17.23 7.07 -5.72
N THR D 195 16.80 7.19 -4.47
CA THR D 195 15.69 8.04 -4.09
C THR D 195 16.22 9.22 -3.29
N ALA D 196 15.80 10.43 -3.67
CA ALA D 196 16.45 11.66 -3.25
C ALA D 196 15.43 12.76 -2.99
N MET D 197 15.64 13.49 -1.90
CA MET D 197 14.63 14.42 -1.40
C MET D 197 14.57 15.67 -2.27
N CYS D 198 13.36 16.23 -2.38
CA CYS D 198 13.16 17.48 -3.11
C CYS D 198 12.06 18.24 -2.39
N ASN D 199 12.39 19.39 -1.82
CA ASN D 199 11.35 20.19 -1.17
C ASN D 199 10.50 20.90 -2.22
N MET D 200 9.18 20.73 -2.10
CA MET D 200 8.21 21.27 -3.04
C MET D 200 7.25 22.20 -2.30
N ASP D 201 6.67 23.13 -3.05
CA ASP D 201 5.69 24.08 -2.53
C ASP D 201 4.49 24.07 -3.46
N PHE D 202 3.33 23.69 -2.94
CA PHE D 202 2.13 23.46 -3.73
C PHE D 202 1.10 24.56 -3.60
N SER D 203 1.47 25.75 -3.12
CA SER D 203 0.45 26.76 -2.88
C SER D 203 -0.10 27.39 -4.16
N ARG D 204 0.58 27.21 -5.30
CA ARG D 204 0.06 27.63 -6.59
C ARG D 204 -0.57 26.48 -7.36
N PHE D 205 -0.85 25.36 -6.71
CA PHE D 205 -1.39 24.20 -7.40
C PHE D 205 -2.76 24.55 -8.00
N PRO D 206 -3.06 24.09 -9.23
CA PRO D 206 -2.27 23.28 -10.19
C PRO D 206 -1.30 24.05 -11.10
N LEU D 207 -1.01 25.30 -10.78
CA LEU D 207 -0.14 26.14 -11.61
C LEU D 207 1.27 26.27 -11.05
N ASP D 208 1.75 25.25 -10.34
CA ASP D 208 3.07 25.26 -9.73
C ASP D 208 4.13 24.77 -10.72
N THR D 209 5.37 25.10 -10.35
CA THR D 209 6.53 24.65 -11.08
C THR D 209 7.50 24.18 -9.98
N GLN D 210 8.19 23.04 -10.14
CA GLN D 210 9.17 22.57 -9.17
C GLN D 210 10.53 22.34 -9.83
N THR D 211 11.58 22.50 -9.04
CA THR D 211 12.95 22.21 -9.45
C THR D 211 13.62 21.31 -8.42
N CYS D 212 14.30 20.28 -8.88
CA CYS D 212 14.94 19.29 -8.01
C CYS D 212 16.39 19.10 -8.42
N SER D 213 17.14 18.35 -7.60
CA SER D 213 18.55 18.15 -7.88
C SER D 213 19.05 16.88 -7.21
N LEU D 214 20.16 16.36 -7.74
CA LEU D 214 20.87 15.22 -7.19
C LEU D 214 22.28 15.65 -6.86
N GLU D 215 22.75 15.33 -5.65
CA GLU D 215 24.02 15.80 -5.15
C GLU D 215 24.97 14.63 -4.91
N ILE D 216 26.25 14.85 -5.18
CA ILE D 216 27.27 13.80 -5.12
C ILE D 216 28.45 14.34 -4.33
N GLU D 217 28.95 13.55 -3.39
CA GLU D 217 30.02 14.01 -2.50
C GLU D 217 30.85 12.83 -2.02
N SER D 218 32.10 13.13 -1.64
CA SER D 218 33.00 12.16 -0.99
C SER D 218 32.65 12.06 0.49
N TYR D 219 32.69 10.86 0.99
CA TYR D 219 32.31 10.72 2.39
C TYR D 219 33.49 10.97 3.33
N ALA D 220 34.64 10.36 3.06
CA ALA D 220 35.67 10.20 4.07
C ALA D 220 36.83 11.18 3.93
N TYR D 221 37.07 11.68 2.72
CA TYR D 221 38.26 12.47 2.42
C TYR D 221 37.86 13.91 2.11
N THR D 222 38.64 14.86 2.63
CA THR D 222 38.33 16.27 2.44
C THR D 222 39.10 16.82 1.23
N GLU D 223 38.81 18.07 0.90
CA GLU D 223 39.48 18.73 -0.23
C GLU D 223 40.99 18.74 -0.09
N ASP D 224 41.54 18.46 1.10
CA ASP D 224 42.97 18.31 1.27
C ASP D 224 43.47 16.91 0.92
N ASP D 225 42.57 15.95 0.68
CA ASP D 225 43.02 14.65 0.23
C ASP D 225 42.46 14.23 -1.12
N LEU D 226 41.30 14.75 -1.53
CA LEU D 226 40.72 14.38 -2.82
C LEU D 226 40.02 15.55 -3.47
N MET D 227 40.21 15.67 -4.79
CA MET D 227 39.72 16.78 -5.59
C MET D 227 38.68 16.26 -6.57
N LEU D 228 37.46 16.76 -6.45
CA LEU D 228 36.32 16.25 -7.21
C LEU D 228 35.93 17.28 -8.27
N TYR D 229 35.74 16.82 -9.51
CA TYR D 229 35.39 17.70 -10.61
C TYR D 229 34.74 16.90 -11.73
N TRP D 230 33.98 17.61 -12.58
CA TRP D 230 33.40 16.98 -13.75
C TRP D 230 34.48 16.76 -14.80
N LYS D 231 34.48 15.57 -15.42
CA LYS D 231 35.59 15.15 -16.27
C LYS D 231 35.75 16.05 -17.50
N LYS D 232 34.65 16.56 -18.04
CA LYS D 232 34.63 17.29 -19.31
C LYS D 232 33.77 18.54 -19.19
N GLY D 233 33.61 19.06 -17.98
CA GLY D 233 32.88 20.30 -17.80
C GLY D 233 31.40 20.13 -18.05
N ASN D 234 30.84 20.99 -18.90
CA ASN D 234 29.42 20.93 -19.23
C ASN D 234 29.03 19.69 -20.03
N ASP D 235 29.99 18.98 -20.64
CA ASP D 235 29.70 17.84 -21.49
C ASP D 235 29.68 16.51 -20.72
N SER D 236 29.73 16.56 -19.40
CA SER D 236 29.84 15.36 -18.59
C SER D 236 28.50 14.80 -18.15
N LEU D 237 27.40 15.24 -18.75
CA LEU D 237 26.07 14.69 -18.49
C LEU D 237 25.40 14.30 -19.80
N LYS D 238 24.94 13.06 -19.86
CA LYS D 238 24.19 12.57 -21.00
C LYS D 238 22.85 12.04 -20.49
N THR D 239 21.83 12.15 -21.34
CA THR D 239 20.47 11.83 -20.93
C THR D 239 19.77 10.97 -21.98
N ASP D 240 19.09 9.92 -21.54
CA ASP D 240 18.52 8.99 -22.49
C ASP D 240 17.34 9.62 -23.24
N GLU D 241 17.08 9.06 -24.44
CA GLU D 241 16.12 9.61 -25.37
C GLU D 241 14.68 9.36 -24.95
N ARG D 242 14.44 8.30 -24.20
CA ARG D 242 13.11 7.73 -24.00
C ARG D 242 12.61 7.95 -22.56
N ILE D 243 12.85 9.14 -22.02
CA ILE D 243 12.55 9.44 -20.62
C ILE D 243 11.25 10.23 -20.55
N SER D 244 10.39 9.87 -19.60
CA SER D 244 9.06 10.47 -19.54
C SER D 244 8.39 10.08 -18.23
N LEU D 245 7.39 10.86 -17.85
CA LEU D 245 6.52 10.55 -16.72
C LEU D 245 5.08 10.65 -17.17
N SER D 246 4.22 9.88 -16.51
CA SER D 246 2.80 9.88 -16.82
C SER D 246 2.05 11.00 -16.12
N GLN D 247 2.75 11.92 -15.48
CA GLN D 247 2.10 13.00 -14.77
C GLN D 247 2.86 14.33 -14.84
N PHE D 248 3.96 14.40 -15.58
CA PHE D 248 4.81 15.58 -15.56
C PHE D 248 5.52 15.73 -16.90
N LEU D 249 6.08 16.91 -17.10
CA LEU D 249 6.94 17.24 -18.23
C LEU D 249 8.30 17.66 -17.69
N ILE D 250 9.38 17.14 -18.27
CA ILE D 250 10.71 17.33 -17.71
C ILE D 250 11.53 18.20 -18.66
N GLN D 251 12.12 19.24 -18.07
CA GLN D 251 12.92 20.19 -18.86
C GLN D 251 14.15 20.80 -18.17
N GLU D 252 15.24 21.15 -18.90
CA GLU D 252 16.38 21.91 -18.37
C GLU D 252 17.31 21.10 -17.46
N PHE D 253 18.01 20.11 -18.03
CA PHE D 253 19.08 19.42 -17.32
C PHE D 253 20.38 20.21 -17.44
N HIS D 254 21.08 20.40 -16.32
CA HIS D 254 22.42 20.97 -16.33
C HIS D 254 23.09 20.69 -14.99
N THR D 255 24.41 20.92 -14.97
CA THR D 255 25.28 20.58 -13.86
C THR D 255 25.92 21.83 -13.28
N THR D 256 26.38 21.71 -12.03
CA THR D 256 27.18 22.75 -11.40
C THR D 256 27.90 22.14 -10.20
N THR D 257 28.66 22.99 -9.50
CA THR D 257 29.49 22.56 -8.39
C THR D 257 29.40 23.57 -7.27
N LYS D 258 29.79 23.14 -6.06
CA LYS D 258 29.84 24.01 -4.90
C LYS D 258 30.72 23.37 -3.85
N LEU D 259 31.36 24.19 -3.03
CA LEU D 259 32.15 23.70 -1.90
C LEU D 259 31.32 23.82 -0.62
N ALA D 260 31.39 22.79 0.23
CA ALA D 260 30.51 22.69 1.40
C ALA D 260 31.31 22.28 2.64
N PHE D 261 30.76 22.65 3.81
CA PHE D 261 31.49 22.66 5.07
C PHE D 261 30.71 21.94 6.15
N TYR D 262 31.41 21.08 6.90
CA TYR D 262 30.87 20.41 8.07
C TYR D 262 31.61 20.88 9.31
N SER D 263 30.86 21.19 10.37
CA SER D 263 31.46 21.83 11.54
C SER D 263 32.44 20.93 12.28
N SER D 264 32.19 19.63 12.34
CA SER D 264 33.08 18.74 13.06
C SER D 264 34.03 17.95 12.15
N THR D 265 33.92 18.09 10.83
CA THR D 265 34.85 17.35 9.97
C THR D 265 35.57 18.19 8.90
N GLY D 266 34.98 19.24 8.36
CA GLY D 266 35.72 20.10 7.45
C GLY D 266 35.07 20.33 6.10
N TRP D 267 35.89 20.58 5.07
CA TRP D 267 35.42 21.07 3.79
C TRP D 267 35.45 19.97 2.74
N TYR D 268 34.46 19.98 1.85
CA TYR D 268 34.36 18.99 0.78
C TYR D 268 33.85 19.65 -0.49
N ASN D 269 34.13 19.00 -1.62
CA ASN D 269 33.57 19.41 -2.91
C ASN D 269 32.29 18.62 -3.19
N ARG D 270 31.36 19.25 -3.90
CA ARG D 270 30.06 18.65 -4.18
C ARG D 270 29.63 18.97 -5.61
N LEU D 271 29.03 17.98 -6.28
CA LEU D 271 28.54 18.15 -7.64
C LEU D 271 27.01 18.05 -7.63
N TYR D 272 26.39 18.74 -8.58
CA TYR D 272 24.94 18.83 -8.68
C TYR D 272 24.47 18.46 -10.08
N ILE D 273 23.27 17.90 -10.16
CA ILE D 273 22.51 17.79 -11.39
C ILE D 273 21.13 18.34 -11.14
N ASN D 274 20.70 19.31 -11.95
CA ASN D 274 19.45 20.01 -11.73
C ASN D 274 18.48 19.76 -12.88
N PHE D 275 17.19 19.94 -12.61
CA PHE D 275 16.18 19.82 -13.65
C PHE D 275 14.87 20.42 -13.12
N THR D 276 13.89 20.51 -14.01
CA THR D 276 12.66 21.25 -13.77
C THR D 276 11.44 20.44 -14.21
N LEU D 277 10.32 20.68 -13.51
CA LEU D 277 9.08 19.94 -13.73
C LEU D 277 7.90 20.90 -13.85
N ARG D 278 6.90 20.45 -14.62
CA ARG D 278 5.66 21.19 -14.88
C ARG D 278 4.55 20.17 -15.12
N ARG D 279 3.30 20.64 -15.09
CA ARG D 279 2.16 19.74 -15.28
C ARG D 279 1.43 20.04 -16.59
N HIS D 280 0.37 19.28 -16.84
CA HIS D 280 -0.59 19.56 -17.91
C HIS D 280 -1.76 20.32 -17.30
N ILE D 281 -1.90 21.60 -17.61
CA ILE D 281 -2.92 22.45 -16.99
C ILE D 281 -4.36 22.29 -17.53
N PHE D 282 -4.50 21.80 -18.75
CA PHE D 282 -5.85 21.73 -19.31
C PHE D 282 -6.65 20.59 -18.70
N PHE D 283 -6.00 19.48 -18.40
CA PHE D 283 -6.68 18.40 -17.69
C PHE D 283 -7.27 18.88 -16.36
N PHE D 284 -6.47 19.59 -15.55
CA PHE D 284 -6.98 20.11 -14.27
C PHE D 284 -8.07 21.14 -14.49
N LEU D 285 -7.94 21.97 -15.53
CA LEU D 285 -9.01 22.91 -15.85
C LEU D 285 -10.33 22.19 -16.09
N LEU D 286 -10.48 21.40 -17.12
CA LEU D 286 -11.70 20.64 -17.29
C LEU D 286 -12.14 19.81 -16.04
N GLN D 287 -11.22 19.19 -15.27
CA GLN D 287 -11.72 18.35 -14.19
C GLN D 287 -12.23 19.17 -13.00
N THR D 288 -11.72 20.40 -12.80
CA THR D 288 -12.07 21.12 -11.58
C THR D 288 -12.78 22.45 -11.82
N TYR D 289 -12.24 23.31 -12.69
CA TYR D 289 -12.78 24.67 -12.75
C TYR D 289 -14.08 24.73 -13.56
N PHE D 290 -14.24 23.85 -14.54
CA PHE D 290 -15.36 23.87 -15.47
C PHE D 290 -16.70 23.52 -14.81
N PRO D 291 -16.81 22.39 -14.08
CA PRO D 291 -18.12 22.04 -13.51
C PRO D 291 -18.64 23.04 -12.47
N ALA D 292 -17.77 23.57 -11.61
CA ALA D 292 -18.21 24.58 -10.67
C ALA D 292 -18.72 25.84 -11.36
N THR D 293 -18.09 26.22 -12.49
CA THR D 293 -18.57 27.40 -13.20
C THR D 293 -19.96 27.17 -13.77
N LEU D 294 -20.18 25.99 -14.36
CA LEU D 294 -21.51 25.64 -14.84
C LEU D 294 -22.52 25.60 -13.70
N MET D 295 -22.07 25.21 -12.49
CA MET D 295 -22.99 25.21 -11.35
C MET D 295 -23.37 26.64 -10.94
N VAL D 296 -22.39 27.55 -10.90
CA VAL D 296 -22.69 28.93 -10.55
C VAL D 296 -23.59 29.57 -11.61
N MET D 297 -23.42 29.15 -12.86
CA MET D 297 -24.28 29.68 -13.92
C MET D 297 -25.68 29.09 -13.84
N LEU D 298 -25.79 27.82 -13.42
CA LEU D 298 -27.09 27.22 -13.20
C LEU D 298 -27.84 27.93 -12.08
N SER D 299 -27.11 28.50 -11.12
CA SER D 299 -27.80 29.11 -9.98
C SER D 299 -28.41 30.47 -10.32
N TRP D 300 -28.01 31.09 -11.44
CA TRP D 300 -28.58 32.35 -11.87
C TRP D 300 -29.93 32.19 -12.58
N VAL D 301 -30.24 30.99 -13.06
CA VAL D 301 -31.52 30.74 -13.71
C VAL D 301 -32.67 31.12 -12.79
N SER D 302 -32.48 31.06 -11.48
CA SER D 302 -33.66 31.22 -10.63
C SER D 302 -34.19 32.65 -10.61
N PHE D 303 -33.45 33.61 -11.17
CA PHE D 303 -33.90 35.00 -11.19
C PHE D 303 -34.94 35.24 -12.27
N TRP D 304 -35.15 34.29 -13.18
CA TRP D 304 -36.05 34.48 -14.32
C TRP D 304 -37.34 33.68 -14.20
N ILE D 305 -37.54 32.95 -13.12
CA ILE D 305 -38.75 32.19 -12.85
C ILE D 305 -39.69 33.04 -11.99
N ASP D 306 -40.99 32.83 -12.18
CA ASP D 306 -42.03 33.58 -11.49
C ASP D 306 -41.96 33.38 -9.99
N ARG D 307 -41.97 34.48 -9.25
CA ARG D 307 -41.86 34.40 -7.80
C ARG D 307 -43.10 33.76 -7.17
N ARG D 308 -44.20 33.68 -7.91
CA ARG D 308 -45.40 33.02 -7.41
C ARG D 308 -45.26 31.49 -7.38
N ALA D 309 -44.26 30.94 -8.06
CA ALA D 309 -44.04 29.50 -8.16
C ALA D 309 -43.04 29.11 -7.08
N VAL D 310 -43.54 29.06 -5.85
CA VAL D 310 -42.73 28.71 -4.68
C VAL D 310 -42.22 27.28 -4.78
N PRO D 311 -43.07 26.27 -5.00
CA PRO D 311 -42.57 24.89 -5.03
C PRO D 311 -41.69 24.59 -6.24
N ALA D 312 -41.46 25.56 -7.14
CA ALA D 312 -40.50 25.36 -8.20
C ALA D 312 -39.28 26.25 -8.04
N ARG D 313 -39.31 27.22 -7.11
CA ARG D 313 -38.13 28.03 -6.84
C ARG D 313 -37.38 27.61 -5.58
N VAL D 314 -38.00 26.84 -4.70
CA VAL D 314 -37.40 26.47 -3.41
C VAL D 314 -36.56 25.21 -3.55
N PRO D 315 -37.02 24.15 -4.23
CA PRO D 315 -36.15 22.97 -4.37
C PRO D 315 -34.93 23.21 -5.23
N LEU D 316 -35.01 24.13 -6.20
CA LEU D 316 -33.94 24.34 -7.15
C LEU D 316 -32.64 24.74 -6.45
N GLY D 317 -32.71 25.77 -5.60
CA GLY D 317 -31.52 26.23 -4.91
C GLY D 317 -30.90 25.15 -4.06
N ILE D 318 -31.72 24.44 -3.27
CA ILE D 318 -31.14 23.50 -2.31
C ILE D 318 -30.55 22.29 -3.05
N THR D 319 -31.17 21.88 -4.17
CA THR D 319 -30.60 20.79 -4.95
C THR D 319 -29.26 21.21 -5.54
N THR D 320 -29.17 22.48 -5.96
CA THR D 320 -27.94 23.02 -6.52
C THR D 320 -26.83 23.01 -5.47
N VAL D 321 -27.17 23.38 -4.23
CA VAL D 321 -26.22 23.29 -3.12
C VAL D 321 -25.75 21.85 -2.95
N LEU D 322 -26.69 20.89 -3.00
CA LEU D 322 -26.32 19.49 -2.88
C LEU D 322 -25.30 19.08 -3.96
N THR D 323 -25.56 19.48 -5.21
CA THR D 323 -24.71 19.15 -6.33
C THR D 323 -23.29 19.72 -6.14
N MET D 324 -23.21 20.99 -5.76
CA MET D 324 -21.90 21.62 -5.58
C MET D 324 -21.13 20.97 -4.44
N SER D 325 -21.81 20.63 -3.34
CA SER D 325 -21.11 19.94 -2.26
C SER D 325 -20.61 18.57 -2.71
N THR D 326 -21.38 17.87 -3.54
CA THR D 326 -20.90 16.59 -4.07
C THR D 326 -19.64 16.79 -4.90
N ILE D 327 -19.62 17.81 -5.77
CA ILE D 327 -18.43 18.06 -6.59
C ILE D 327 -17.22 18.33 -5.70
N ILE D 328 -17.37 19.23 -4.73
CA ILE D 328 -16.24 19.58 -3.88
C ILE D 328 -15.72 18.37 -3.12
N THR D 329 -16.63 17.58 -2.55
CA THR D 329 -16.20 16.35 -1.86
C THR D 329 -15.46 15.42 -2.82
N GLY D 330 -15.93 15.31 -4.06
CA GLY D 330 -15.25 14.45 -5.02
C GLY D 330 -13.84 14.92 -5.34
N VAL D 331 -13.64 16.24 -5.33
CA VAL D 331 -12.30 16.78 -5.59
C VAL D 331 -11.41 16.64 -4.36
N ASN D 332 -12.02 16.53 -3.16
CA ASN D 332 -11.18 16.40 -1.98
C ASN D 332 -10.67 14.97 -1.76
N ALA D 333 -11.39 13.97 -2.27
CA ALA D 333 -11.08 12.56 -2.05
C ALA D 333 -10.02 12.02 -3.01
N SER D 334 -9.37 12.89 -3.79
CA SER D 334 -8.34 12.47 -4.72
C SER D 334 -7.10 13.34 -4.76
N MET D 335 -6.94 14.27 -3.81
CA MET D 335 -5.83 15.20 -3.83
C MET D 335 -4.64 14.56 -3.10
N PRO D 336 -3.41 15.03 -3.38
CA PRO D 336 -2.25 14.35 -2.78
C PRO D 336 -2.11 14.51 -1.27
N ARG D 337 -3.10 15.11 -0.61
CA ARG D 337 -3.25 15.07 0.86
C ARG D 337 -2.16 15.87 1.56
N VAL D 338 -2.06 17.15 1.20
CA VAL D 338 -1.07 18.07 1.79
C VAL D 338 -1.84 19.17 2.50
N SER D 339 -1.64 19.28 3.81
CA SER D 339 -2.61 19.99 4.65
C SER D 339 -2.25 21.47 4.79
N TYR D 340 -2.35 22.18 3.68
CA TYR D 340 -2.42 23.63 3.71
C TYR D 340 -3.18 24.12 2.48
N ILE D 341 -3.80 25.29 2.64
CA ILE D 341 -4.60 25.93 1.57
C ILE D 341 -3.88 26.25 0.25
N LYS D 342 -4.41 25.86 -0.88
CA LYS D 342 -3.89 25.97 -2.24
C LYS D 342 -4.89 26.71 -3.12
N ALA D 343 -4.45 27.04 -4.33
CA ALA D 343 -5.12 28.04 -5.15
C ALA D 343 -6.45 27.57 -5.73
N VAL D 344 -6.76 26.28 -5.82
CA VAL D 344 -8.02 25.75 -6.30
C VAL D 344 -9.08 25.69 -5.19
N ASP D 345 -8.66 25.48 -3.97
CA ASP D 345 -9.57 25.51 -2.84
C ASP D 345 -10.32 26.84 -2.78
N ILE D 346 -9.59 27.94 -3.03
CA ILE D 346 -10.23 29.26 -3.00
C ILE D 346 -11.33 29.33 -4.04
N TYR D 347 -11.03 28.93 -5.28
CA TYR D 347 -12.04 28.96 -6.34
C TYR D 347 -13.30 28.20 -5.92
N LEU D 348 -13.10 27.01 -5.36
CA LEU D 348 -14.23 26.14 -5.07
C LEU D 348 -15.08 26.72 -3.96
N TRP D 349 -14.44 27.28 -2.93
CA TRP D 349 -15.21 27.78 -1.80
C TRP D 349 -15.91 29.11 -2.14
N VAL D 350 -15.34 29.90 -3.07
CA VAL D 350 -16.04 31.13 -3.48
C VAL D 350 -17.27 30.78 -4.31
N SER D 351 -17.19 29.73 -5.13
CA SER D 351 -18.40 29.38 -5.88
C SER D 351 -19.44 28.75 -4.95
N PHE D 352 -18.99 28.08 -3.89
CA PHE D 352 -19.94 27.66 -2.85
C PHE D 352 -20.67 28.86 -2.24
N VAL D 353 -19.94 29.92 -1.90
CA VAL D 353 -20.56 31.08 -1.28
C VAL D 353 -21.53 31.77 -2.24
N PHE D 354 -21.20 31.82 -3.54
CA PHE D 354 -22.16 32.38 -4.49
C PHE D 354 -23.45 31.59 -4.52
N VAL D 355 -23.34 30.26 -4.60
CA VAL D 355 -24.56 29.43 -4.62
C VAL D 355 -25.38 29.63 -3.34
N PHE D 356 -24.70 29.80 -2.21
CA PHE D 356 -25.41 30.01 -0.94
C PHE D 356 -26.18 31.33 -0.93
N LEU D 357 -25.55 32.40 -1.41
CA LEU D 357 -26.26 33.68 -1.48
C LEU D 357 -27.48 33.60 -2.40
N SER D 358 -27.38 32.85 -3.50
CA SER D 358 -28.56 32.75 -4.37
C SER D 358 -29.77 32.18 -3.63
N VAL D 359 -29.54 31.31 -2.64
CA VAL D 359 -30.64 30.73 -1.88
C VAL D 359 -31.13 31.70 -0.81
N LEU D 360 -30.26 32.59 -0.30
CA LEU D 360 -30.81 33.59 0.61
C LEU D 360 -31.72 34.61 -0.08
N GLU D 361 -31.44 34.87 -1.37
CA GLU D 361 -32.12 35.93 -2.11
C GLU D 361 -33.63 35.68 -2.19
N TYR D 362 -34.02 34.46 -2.55
CA TYR D 362 -35.43 34.20 -2.83
C TYR D 362 -36.22 34.15 -1.53
N ALA D 363 -35.56 33.85 -0.42
CA ALA D 363 -36.24 33.92 0.87
C ALA D 363 -36.59 35.37 1.19
N ALA D 364 -35.64 36.29 0.93
CA ALA D 364 -35.98 37.71 1.04
C ALA D 364 -37.22 38.08 0.20
N VAL D 365 -37.21 37.67 -1.07
CA VAL D 365 -38.32 38.02 -1.96
C VAL D 365 -39.64 37.43 -1.46
N ASN D 366 -39.61 36.16 -1.02
CA ASN D 366 -40.86 35.55 -0.57
C ASN D 366 -41.42 36.25 0.66
N TYR D 367 -40.53 36.59 1.60
CA TYR D 367 -40.98 37.17 2.86
C TYR D 367 -41.64 38.52 2.57
N LEU D 368 -41.04 39.29 1.66
CA LEU D 368 -41.55 40.61 1.37
C LEU D 368 -42.90 40.53 0.66
N THR D 369 -43.01 39.62 -0.32
CA THR D 369 -44.29 39.50 -1.01
C THR D 369 -45.39 39.08 -0.05
N THR D 370 -45.08 38.17 0.89
CA THR D 370 -46.09 37.68 1.81
C THR D 370 -46.56 38.80 2.73
N VAL D 371 -45.62 39.58 3.29
CA VAL D 371 -46.02 40.66 4.19
C VAL D 371 -46.81 41.72 3.43
N GLN D 372 -46.48 41.97 2.16
CA GLN D 372 -47.31 42.91 1.40
C GLN D 372 -48.72 42.40 1.22
N GLU D 373 -48.86 41.11 0.91
CA GLU D 373 -50.18 40.49 0.78
C GLU D 373 -50.99 40.69 2.06
N ARG D 374 -50.35 40.46 3.21
CA ARG D 374 -51.01 40.66 4.49
C ARG D 374 -51.35 42.13 4.75
N LYS D 375 -50.54 43.06 4.23
CA LYS D 375 -50.77 44.48 4.49
C LYS D 375 -51.94 45.00 3.66
N GLU D 376 -52.06 44.56 2.41
CA GLU D 376 -53.19 44.99 1.59
C GLU D 376 -54.50 44.43 2.12
N GLN D 377 -54.50 43.18 2.54
CA GLN D 377 -55.70 42.55 3.09
C GLN D 377 -55.88 42.90 4.55
N ASP D 451 -45.75 41.38 -12.05
CA ASP D 451 -44.74 42.41 -11.87
C ASP D 451 -43.48 41.83 -11.22
N THR D 452 -42.35 41.95 -11.87
CA THR D 452 -41.13 41.49 -11.25
C THR D 452 -40.84 42.26 -9.99
N HIS D 453 -40.23 41.60 -9.05
CA HIS D 453 -39.77 42.27 -7.84
C HIS D 453 -38.44 43.00 -8.09
N ALA D 454 -38.25 44.12 -7.38
CA ALA D 454 -37.03 44.91 -7.53
C ALA D 454 -35.77 44.08 -7.29
N ILE D 455 -35.81 43.21 -6.27
CA ILE D 455 -34.62 42.44 -5.92
C ILE D 455 -34.25 41.48 -7.04
N ASP D 456 -35.24 40.88 -7.71
CA ASP D 456 -34.95 39.98 -8.82
C ASP D 456 -34.27 40.71 -9.97
N LYS D 457 -34.88 41.81 -10.43
CA LYS D 457 -34.33 42.55 -11.57
C LYS D 457 -33.04 43.27 -11.21
N TYR D 458 -32.71 43.40 -9.93
CA TYR D 458 -31.38 43.88 -9.57
C TYR D 458 -30.36 42.75 -9.51
N SER D 459 -30.77 41.59 -8.98
CA SER D 459 -29.84 40.47 -8.90
C SER D 459 -29.41 39.98 -10.27
N ARG D 460 -30.34 39.99 -11.23
CA ARG D 460 -30.05 39.61 -12.61
C ARG D 460 -28.84 40.34 -13.16
N ILE D 461 -28.57 41.55 -12.70
CA ILE D 461 -27.37 42.29 -13.10
C ILE D 461 -26.23 42.08 -12.13
N ILE D 462 -26.50 42.12 -10.82
CA ILE D 462 -25.40 42.22 -9.86
C ILE D 462 -24.60 40.92 -9.78
N PHE D 463 -25.28 39.76 -9.72
CA PHE D 463 -24.53 38.52 -9.47
C PHE D 463 -23.47 38.23 -10.53
N PRO D 464 -23.82 38.26 -11.87
CA PRO D 464 -22.74 37.93 -12.80
C PRO D 464 -21.57 38.88 -12.78
N ALA D 465 -21.83 40.19 -12.79
CA ALA D 465 -20.75 41.17 -12.72
C ALA D 465 -19.78 40.89 -11.57
N ALA D 466 -20.28 40.47 -10.41
CA ALA D 466 -19.38 40.20 -9.30
C ALA D 466 -18.62 38.90 -9.52
N TYR D 467 -19.25 37.92 -10.18
CA TYR D 467 -18.48 36.73 -10.56
C TYR D 467 -17.36 37.08 -11.54
N ILE D 468 -17.66 37.93 -12.52
CA ILE D 468 -16.65 38.40 -13.47
C ILE D 468 -15.51 39.10 -12.74
N LEU D 469 -15.85 39.98 -11.80
CA LEU D 469 -14.85 40.75 -11.05
C LEU D 469 -13.96 39.86 -10.22
N PHE D 470 -14.50 38.78 -9.67
CA PHE D 470 -13.75 37.79 -8.92
C PHE D 470 -12.78 37.05 -9.84
N ASN D 471 -13.24 36.68 -11.04
CA ASN D 471 -12.39 35.95 -11.99
C ASN D 471 -11.23 36.82 -12.45
N LEU D 472 -11.51 38.09 -12.75
CA LEU D 472 -10.43 39.01 -13.12
C LEU D 472 -9.35 39.06 -12.04
N ILE D 473 -9.74 39.30 -10.79
CA ILE D 473 -8.76 39.44 -9.72
C ILE D 473 -8.01 38.12 -9.50
N TYR D 474 -8.73 37.01 -9.49
CA TYR D 474 -8.10 35.70 -9.26
C TYR D 474 -7.04 35.41 -10.31
N TRP D 475 -7.38 35.55 -11.60
CA TRP D 475 -6.40 35.26 -12.63
C TRP D 475 -5.37 36.37 -12.81
N SER D 476 -5.57 37.54 -12.20
CA SER D 476 -4.48 38.51 -12.11
C SER D 476 -3.46 38.11 -11.05
N ILE D 477 -3.92 37.43 -10.01
CA ILE D 477 -3.04 37.00 -8.94
C ILE D 477 -2.31 35.70 -9.30
N PHE D 478 -2.97 34.71 -9.91
CA PHE D 478 -2.25 33.49 -10.22
C PHE D 478 -1.80 33.38 -11.68
N SER D 479 -2.23 34.28 -12.55
CA SER D 479 -1.72 34.35 -13.92
C SER D 479 -1.82 33.02 -14.66
N SER E 75 50.01 1.43 7.40
CA SER E 75 48.86 1.72 8.26
C SER E 75 48.44 0.47 9.04
N GLU E 76 48.08 -0.59 8.34
CA GLU E 76 47.76 -1.84 9.01
C GLU E 76 48.98 -2.33 9.78
N GLN E 77 50.17 -1.86 9.40
CA GLN E 77 51.39 -2.22 10.10
C GLN E 77 51.71 -1.21 11.18
N LEU E 78 51.51 0.08 10.89
CA LEU E 78 51.72 1.13 11.90
C LEU E 78 51.02 0.78 13.19
N LEU E 79 49.85 0.18 13.09
CA LEU E 79 49.12 -0.23 14.28
C LEU E 79 49.36 -1.72 14.50
N ARG E 80 49.83 -2.08 15.69
CA ARG E 80 50.14 -3.47 15.99
C ARG E 80 48.84 -4.22 16.21
N ILE E 81 48.16 -4.52 15.10
CA ILE E 81 46.84 -5.13 15.18
C ILE E 81 46.90 -6.51 15.80
N ASP E 82 47.88 -7.32 15.42
CA ASP E 82 47.97 -8.69 15.89
C ASP E 82 48.63 -8.82 17.26
N ASP E 83 49.08 -7.72 17.85
CA ASP E 83 49.73 -7.74 19.15
C ASP E 83 48.79 -7.45 20.31
N HIS E 84 47.50 -7.26 20.02
CA HIS E 84 46.52 -6.89 21.06
C HIS E 84 45.24 -7.72 21.00
N ASP E 85 44.38 -7.56 22.02
CA ASP E 85 43.09 -8.26 22.08
C ASP E 85 41.92 -7.29 22.10
N PHE E 86 41.13 -7.22 21.04
CA PHE E 86 40.06 -6.24 20.93
C PHE E 86 38.66 -6.70 21.29
N SER E 87 38.51 -7.92 21.79
CA SER E 87 37.22 -8.32 22.32
C SER E 87 37.19 -7.65 23.68
N MET E 88 38.33 -7.08 24.09
CA MET E 88 38.45 -6.50 25.40
C MET E 88 38.35 -4.97 25.34
N ARG E 89 37.37 -4.40 26.03
CA ARG E 89 37.26 -2.95 26.01
C ARG E 89 38.55 -2.31 26.50
N PRO E 90 38.93 -1.16 25.93
CA PRO E 90 40.12 -0.43 26.43
C PRO E 90 40.05 -0.21 27.93
N GLY E 91 41.04 -0.75 28.63
CA GLY E 91 41.07 -0.65 30.08
C GLY E 91 40.15 -1.57 30.87
N PHE E 92 39.91 -2.79 30.37
CA PHE E 92 39.11 -3.76 31.11
C PHE E 92 39.69 -3.97 32.50
N GLY E 93 38.87 -3.75 33.53
CA GLY E 93 39.45 -3.83 34.86
C GLY E 93 39.02 -2.71 35.78
N GLY E 94 39.79 -1.63 35.80
CA GLY E 94 39.42 -0.46 36.56
C GLY E 94 38.20 0.29 36.05
N PRO E 95 38.33 1.66 36.00
CA PRO E 95 37.11 2.41 35.70
C PRO E 95 36.52 2.33 34.32
N ALA E 96 35.43 3.05 34.17
CA ALA E 96 34.68 2.99 32.92
C ALA E 96 35.23 3.95 31.88
N ILE E 97 35.18 3.51 30.64
CA ILE E 97 35.72 4.30 29.56
C ILE E 97 34.81 5.50 29.26
N PRO E 98 35.42 6.67 29.14
CA PRO E 98 34.57 7.79 28.71
C PRO E 98 34.41 7.80 27.19
N VAL E 99 33.15 7.91 26.75
CA VAL E 99 32.81 7.97 25.33
C VAL E 99 31.85 9.13 25.11
N GLY E 100 32.14 9.96 24.11
CA GLY E 100 31.41 11.22 23.92
C GLY E 100 30.83 11.35 22.53
N VAL E 101 29.61 11.88 22.46
CA VAL E 101 28.73 11.72 21.31
C VAL E 101 28.38 13.09 20.73
N ASP E 102 28.24 13.15 19.41
CA ASP E 102 27.92 14.36 18.67
C ASP E 102 26.99 13.98 17.53
N VAL E 103 25.91 14.75 17.34
CA VAL E 103 24.89 14.41 16.34
C VAL E 103 24.59 15.61 15.46
N GLN E 104 24.31 15.35 14.18
CA GLN E 104 23.83 16.34 13.23
C GLN E 104 22.66 15.75 12.47
N VAL E 105 21.51 16.42 12.47
CA VAL E 105 20.31 15.87 11.84
C VAL E 105 20.20 16.39 10.42
N GLU E 106 20.05 15.46 9.48
CA GLU E 106 19.88 15.82 8.07
C GLU E 106 18.43 16.09 7.70
N SER E 107 17.49 15.20 8.06
CA SER E 107 16.12 15.36 7.62
C SER E 107 15.17 14.52 8.46
N LEU E 108 13.94 15.03 8.61
CA LEU E 108 12.81 14.21 9.03
C LEU E 108 12.05 13.76 7.79
N ASP E 109 11.83 12.46 7.65
CA ASP E 109 11.42 11.86 6.39
C ASP E 109 9.93 11.55 6.31
N SER E 110 9.29 11.07 7.36
CA SER E 110 7.86 10.80 7.25
C SER E 110 7.29 10.64 8.65
N ILE E 111 5.96 10.72 8.74
CA ILE E 111 5.25 10.53 10.00
C ILE E 111 4.01 9.67 9.75
N SER E 112 3.75 8.73 10.66
CA SER E 112 2.51 7.96 10.63
C SER E 112 1.71 8.26 11.88
N GLU E 113 0.46 8.71 11.71
CA GLU E 113 -0.41 8.95 12.84
C GLU E 113 -1.14 7.68 13.28
N VAL E 114 -1.42 6.78 12.34
CA VAL E 114 -2.05 5.51 12.68
C VAL E 114 -1.10 4.64 13.49
N ASP E 115 0.15 4.49 13.02
CA ASP E 115 1.14 3.64 13.67
C ASP E 115 1.90 4.33 14.79
N MET E 116 1.83 5.66 14.88
CA MET E 116 2.45 6.44 15.95
C MET E 116 3.97 6.30 15.95
N ASP E 117 4.62 6.93 14.98
CA ASP E 117 6.06 6.79 14.79
C ASP E 117 6.53 7.81 13.76
N PHE E 118 7.85 7.95 13.64
CA PHE E 118 8.43 8.90 12.71
C PHE E 118 9.76 8.37 12.20
N THR E 119 10.25 8.97 11.11
CA THR E 119 11.47 8.53 10.45
C THR E 119 12.44 9.70 10.30
N MET E 120 13.69 9.48 10.69
CA MET E 120 14.71 10.52 10.71
C MET E 120 16.02 9.94 10.19
N THR E 121 16.83 10.82 9.60
CA THR E 121 18.14 10.49 9.04
C THR E 121 19.19 11.47 9.55
N LEU E 122 20.32 10.97 10.02
CA LEU E 122 21.27 11.80 10.74
C LEU E 122 22.68 11.24 10.60
N TYR E 123 23.64 12.03 11.05
CA TYR E 123 25.03 11.62 11.23
C TYR E 123 25.30 11.45 12.72
N LEU E 124 26.07 10.41 13.05
CA LEU E 124 26.39 10.09 14.45
C LEU E 124 27.90 9.98 14.62
N ARG E 125 28.48 10.60 15.64
CA ARG E 125 29.92 10.67 15.84
C ARG E 125 30.29 10.27 17.25
N HIS E 126 31.43 9.61 17.40
CA HIS E 126 31.91 9.12 18.68
C HIS E 126 33.38 9.52 18.86
N TYR E 127 33.78 9.67 20.11
CA TYR E 127 35.16 9.98 20.45
C TYR E 127 35.61 9.14 21.64
N TRP E 128 36.83 8.62 21.56
CA TRP E 128 37.44 7.93 22.69
C TRP E 128 38.93 7.80 22.43
N LYS E 129 39.66 7.32 23.44
CA LYS E 129 41.10 7.11 23.35
C LYS E 129 41.43 5.65 23.63
N ASP E 130 42.32 5.09 22.81
CA ASP E 130 42.76 3.71 22.94
C ASP E 130 44.23 3.67 22.52
N GLU E 131 45.12 3.47 23.49
CA GLU E 131 46.55 3.52 23.25
C GLU E 131 47.08 2.26 22.58
N ARG E 132 46.23 1.29 22.31
CA ARG E 132 46.60 0.18 21.44
C ARG E 132 46.72 0.62 19.99
N LEU E 133 46.16 1.78 19.64
CA LEU E 133 46.14 2.26 18.26
C LEU E 133 47.14 3.40 18.00
N SER E 134 48.01 3.69 18.95
CA SER E 134 48.98 4.76 18.77
C SER E 134 50.08 4.33 17.81
N PHE E 135 50.62 5.29 17.08
CA PHE E 135 51.68 5.03 16.11
C PHE E 135 52.76 6.08 16.19
N PRO E 136 54.01 5.72 15.93
CA PRO E 136 55.12 6.68 15.86
C PRO E 136 55.07 7.60 14.65
N SER E 137 54.41 8.75 14.72
CA SER E 137 54.66 9.75 13.69
C SER E 137 54.78 11.13 14.31
N THR E 138 55.52 12.02 13.62
CA THR E 138 55.81 13.32 14.19
C THR E 138 54.80 14.40 13.81
N ASN E 139 53.72 14.05 13.12
CA ASN E 139 52.98 15.07 12.36
C ASN E 139 51.92 15.77 13.22
N ASN E 140 51.56 15.17 14.35
CA ASN E 140 50.52 15.71 15.23
C ASN E 140 49.24 15.96 14.45
N LEU E 141 48.84 15.00 13.62
CA LEU E 141 47.75 15.15 12.68
C LEU E 141 47.11 13.79 12.45
N SER E 142 45.84 13.79 12.07
CA SER E 142 45.11 12.54 12.02
C SER E 142 45.25 11.85 10.67
N MET E 143 44.81 10.59 10.63
CA MET E 143 44.86 9.74 9.46
C MET E 143 43.44 9.40 9.03
N THR E 144 43.26 8.43 8.12
CA THR E 144 41.91 8.04 7.73
C THR E 144 41.83 6.56 7.41
N PHE E 145 40.71 5.95 7.79
CA PHE E 145 40.36 4.58 7.42
C PHE E 145 38.86 4.54 7.18
N ASP E 146 38.35 3.38 6.75
CA ASP E 146 36.93 3.29 6.43
C ASP E 146 36.46 1.85 6.57
N GLY E 147 35.69 1.57 7.63
CA GLY E 147 34.86 0.39 7.65
C GLY E 147 35.51 -0.96 7.83
N ARG E 148 36.37 -1.35 6.89
CA ARG E 148 37.10 -2.61 7.04
C ARG E 148 37.82 -2.68 8.37
N LEU E 149 38.38 -1.56 8.83
CA LEU E 149 39.13 -1.58 10.06
C LEU E 149 38.23 -1.74 11.28
N VAL E 150 36.96 -1.34 11.15
CA VAL E 150 36.05 -1.37 12.30
C VAL E 150 35.87 -2.79 12.79
N LYS E 151 35.97 -3.75 11.87
CA LYS E 151 35.80 -5.14 12.27
C LYS E 151 37.10 -5.76 12.73
N LYS E 152 38.23 -5.05 12.60
CA LYS E 152 39.45 -5.55 13.23
C LYS E 152 39.65 -4.98 14.63
N ILE E 153 39.23 -3.77 14.89
CA ILE E 153 39.47 -3.16 16.19
C ILE E 153 38.24 -3.11 17.06
N TRP E 154 38.42 -2.64 18.25
CA TRP E 154 37.31 -2.56 19.18
C TRP E 154 36.58 -1.23 18.97
N VAL E 155 35.25 -1.29 18.95
CA VAL E 155 34.41 -0.12 18.62
C VAL E 155 33.21 -0.13 19.56
N PRO E 156 32.64 1.02 19.95
CA PRO E 156 31.48 0.95 20.86
C PRO E 156 30.25 0.39 20.15
N ASP E 157 29.19 0.22 20.93
CA ASP E 157 28.02 -0.54 20.45
C ASP E 157 26.70 0.13 20.82
N MET E 158 26.51 1.37 20.38
CA MET E 158 25.29 2.10 20.72
C MET E 158 24.12 1.61 19.87
N PHE E 159 22.91 1.84 20.36
CA PHE E 159 21.74 1.40 19.63
C PHE E 159 20.60 2.35 19.98
N PHE E 160 19.57 2.36 19.13
CA PHE E 160 18.47 3.30 19.25
C PHE E 160 17.32 2.64 20.01
N VAL E 161 16.94 3.24 21.13
CA VAL E 161 15.96 2.67 22.05
C VAL E 161 14.57 3.06 21.62
N HIS E 162 13.64 2.10 21.62
CA HIS E 162 12.26 2.28 21.17
C HIS E 162 12.21 2.58 19.66
N SER E 163 12.86 1.73 18.88
CA SER E 163 12.94 1.88 17.44
C SER E 163 12.28 0.68 16.77
N LYS E 164 11.67 0.92 15.61
CA LYS E 164 11.04 -0.15 14.86
C LYS E 164 11.93 -0.72 13.76
N ARG E 165 12.83 0.07 13.22
CA ARG E 165 13.69 -0.34 12.12
C ARG E 165 14.74 0.74 11.86
N SER E 166 15.86 0.31 11.27
CA SER E 166 16.98 1.20 10.99
C SER E 166 17.98 0.45 10.12
N PHE E 167 18.87 1.21 9.50
CA PHE E 167 19.92 0.67 8.65
C PHE E 167 21.00 1.73 8.45
N ILE E 168 22.15 1.29 7.95
CA ILE E 168 23.27 2.15 7.60
C ILE E 168 23.39 2.15 6.07
N HIS E 169 23.66 3.32 5.50
CA HIS E 169 23.70 3.43 4.04
C HIS E 169 25.01 2.84 3.52
N ASP E 170 24.95 2.28 2.29
CA ASP E 170 26.07 1.51 1.76
C ASP E 170 26.30 1.72 0.27
N THR E 171 26.04 2.91 -0.25
CA THR E 171 26.26 3.22 -1.66
C THR E 171 26.96 4.57 -1.79
N THR E 172 28.04 4.62 -2.57
CA THR E 172 28.54 3.44 -3.30
C THR E 172 29.41 2.49 -2.47
N THR E 173 29.72 2.90 -1.24
CA THR E 173 30.29 1.98 -0.27
C THR E 173 29.77 2.36 1.11
N ASP E 174 30.24 1.66 2.13
CA ASP E 174 29.72 1.90 3.47
C ASP E 174 30.05 3.31 3.93
N ASN E 175 29.00 4.04 4.33
CA ASN E 175 29.15 5.40 4.84
C ASN E 175 29.73 5.36 6.26
N VAL E 176 30.98 5.02 6.40
CA VAL E 176 31.64 4.93 7.67
C VAL E 176 32.99 5.60 7.51
N MET E 177 33.44 6.38 8.44
CA MET E 177 34.68 7.14 8.49
C MET E 177 35.37 6.84 9.82
N LEU E 178 36.70 6.83 9.79
CA LEU E 178 37.53 6.54 10.94
C LEU E 178 38.78 7.38 10.86
N ARG E 179 39.05 8.19 11.89
CA ARG E 179 40.27 8.99 11.95
C ARG E 179 41.00 8.73 13.26
N VAL E 180 42.31 8.48 13.16
CA VAL E 180 43.14 8.21 14.33
C VAL E 180 44.34 9.13 14.29
N GLN E 181 44.65 9.74 15.44
CA GLN E 181 45.83 10.54 15.71
C GLN E 181 46.96 9.67 16.27
N PRO E 182 48.19 10.16 16.17
CA PRO E 182 49.33 9.52 16.87
C PRO E 182 49.09 9.07 18.30
N ASP E 183 48.27 9.78 19.08
CA ASP E 183 48.10 9.40 20.49
C ASP E 183 47.27 8.13 20.65
N GLY E 184 46.44 7.81 19.68
CA GLY E 184 45.44 6.78 19.78
C GLY E 184 44.05 7.30 20.01
N LYS E 185 43.88 8.62 20.07
CA LYS E 185 42.56 9.22 20.07
C LYS E 185 41.87 8.94 18.74
N VAL E 186 40.56 8.75 18.90
CA VAL E 186 39.76 8.30 17.78
C VAL E 186 38.48 9.01 17.49
N LEU E 187 38.25 9.16 16.20
CA LEU E 187 36.92 9.63 15.81
C LEU E 187 36.31 8.63 14.83
N TYR E 188 35.01 8.39 14.99
CA TYR E 188 34.27 7.35 14.30
C TYR E 188 32.87 7.87 13.97
N SER E 189 32.44 7.73 12.72
CA SER E 189 31.20 8.36 12.27
C SER E 189 30.46 7.53 11.24
N LEU E 190 29.12 7.63 11.27
CA LEU E 190 28.21 6.81 10.46
C LEU E 190 27.08 7.67 9.91
N ARG E 191 26.32 7.11 8.98
CA ARG E 191 25.12 7.76 8.46
C ARG E 191 23.98 6.75 8.46
N VAL E 192 22.89 7.08 9.16
CA VAL E 192 21.85 6.10 9.45
C VAL E 192 20.47 6.72 9.27
N THR E 193 19.47 5.85 9.10
CA THR E 193 18.06 6.22 9.07
C THR E 193 17.32 5.36 10.09
N VAL E 194 16.46 5.99 10.89
CA VAL E 194 15.79 5.32 12.01
C VAL E 194 14.30 5.62 11.98
N THR E 195 13.50 4.61 12.27
CA THR E 195 12.08 4.79 12.58
C THR E 195 11.87 4.51 14.06
N ALA E 196 11.17 5.40 14.75
CA ALA E 196 11.17 5.46 16.20
C ALA E 196 9.79 5.86 16.72
N MET E 197 9.36 5.16 17.77
CA MET E 197 7.98 5.25 18.23
C MET E 197 7.73 6.57 18.96
N CYS E 198 6.52 7.08 18.84
CA CYS E 198 6.10 8.29 19.54
C CYS E 198 4.63 8.12 19.89
N ASN E 199 4.32 8.06 21.18
CA ASN E 199 2.92 7.96 21.57
C ASN E 199 2.23 9.32 21.44
N MET E 200 1.11 9.34 20.73
CA MET E 200 0.35 10.54 20.42
C MET E 200 -1.06 10.42 20.98
N ASP E 201 -1.67 11.57 21.24
CA ASP E 201 -3.03 11.65 21.74
C ASP E 201 -3.78 12.65 20.89
N PHE E 202 -4.83 12.18 20.21
CA PHE E 202 -5.54 12.97 19.20
C PHE E 202 -6.90 13.48 19.68
N SER E 203 -7.15 13.49 21.00
CA SER E 203 -8.50 13.86 21.44
C SER E 203 -8.80 15.35 21.30
N ARG E 204 -7.79 16.19 21.10
CA ARG E 204 -7.99 17.60 20.80
C ARG E 204 -7.87 17.90 19.30
N PHE E 205 -7.92 16.87 18.45
CA PHE E 205 -7.75 17.08 17.02
C PHE E 205 -8.87 17.96 16.48
N PRO E 206 -8.58 18.91 15.58
CA PRO E 206 -7.31 19.30 14.97
C PRO E 206 -6.44 20.30 15.76
N LEU E 207 -6.74 20.52 17.04
CA LEU E 207 -6.04 21.48 17.86
C LEU E 207 -5.03 20.83 18.81
N ASP E 208 -4.46 19.69 18.41
CA ASP E 208 -3.49 18.98 19.22
C ASP E 208 -2.07 19.50 19.00
N THR E 209 -1.22 19.11 19.95
CA THR E 209 0.19 19.42 19.88
C THR E 209 0.86 18.08 20.29
N GLN E 210 1.94 17.65 19.62
CA GLN E 210 2.66 16.45 20.00
C GLN E 210 4.14 16.74 20.21
N THR E 211 4.75 15.95 21.08
CA THR E 211 6.19 16.00 21.34
C THR E 211 6.77 14.60 21.24
N CYS E 212 7.90 14.46 20.55
CA CYS E 212 8.54 13.18 20.32
C CYS E 212 10.01 13.26 20.69
N SER E 213 10.68 12.10 20.68
CA SER E 213 12.07 12.05 21.08
C SER E 213 12.77 10.85 20.46
N LEU E 214 14.10 10.94 20.38
CA LEU E 214 14.97 9.86 19.93
C LEU E 214 15.95 9.55 21.05
N GLU E 215 16.08 8.26 21.38
CA GLU E 215 16.87 7.83 22.53
C GLU E 215 18.04 6.98 22.06
N ILE E 216 19.18 7.13 22.74
CA ILE E 216 20.43 6.49 22.37
C ILE E 216 21.02 5.84 23.62
N GLU E 217 21.45 4.58 23.49
CA GLU E 217 21.93 3.83 24.64
C GLU E 217 22.95 2.78 24.20
N SER E 218 23.81 2.39 25.15
CA SER E 218 24.75 1.26 24.97
C SER E 218 24.01 -0.04 25.21
N TYR E 219 24.32 -1.00 24.38
CA TYR E 219 23.60 -2.26 24.54
C TYR E 219 24.24 -3.16 25.59
N ALA E 220 25.56 -3.34 25.53
CA ALA E 220 26.22 -4.47 26.20
C ALA E 220 26.90 -4.09 27.49
N TYR E 221 27.32 -2.84 27.64
CA TYR E 221 28.16 -2.40 28.74
C TYR E 221 27.38 -1.46 29.66
N THR E 222 27.55 -1.64 30.96
CA THR E 222 26.83 -0.83 31.93
C THR E 222 27.68 0.36 32.35
N GLU E 223 27.07 1.25 33.15
CA GLU E 223 27.77 2.44 33.63
C GLU E 223 29.05 2.10 34.39
N ASP E 224 29.25 0.84 34.79
CA ASP E 224 30.52 0.42 35.38
C ASP E 224 31.57 0.07 34.34
N ASP E 225 31.20 0.01 33.06
CA ASP E 225 32.22 -0.21 32.04
C ASP E 225 32.30 0.90 31.00
N LEU E 226 31.23 1.65 30.77
CA LEU E 226 31.28 2.73 29.79
C LEU E 226 30.44 3.92 30.24
N MET E 227 30.97 5.11 30.00
CA MET E 227 30.38 6.37 30.44
C MET E 227 29.98 7.18 29.21
N LEU E 228 28.68 7.46 29.10
CA LEU E 228 28.12 8.10 27.92
C LEU E 228 27.72 9.52 28.25
N TYR E 229 28.13 10.47 27.39
CA TYR E 229 27.84 11.88 27.61
C TYR E 229 27.91 12.63 26.29
N TRP E 230 27.26 13.79 26.25
CA TRP E 230 27.35 14.67 25.09
C TRP E 230 28.72 15.34 25.06
N LYS E 231 29.34 15.41 23.88
CA LYS E 231 30.74 15.83 23.79
C LYS E 231 30.94 17.28 24.20
N LYS E 232 29.96 18.14 23.94
CA LYS E 232 30.07 19.58 24.14
C LYS E 232 28.82 20.13 24.82
N GLY E 233 28.12 19.29 25.56
CA GLY E 233 26.96 19.77 26.31
C GLY E 233 25.81 20.13 25.40
N ASN E 234 25.27 21.34 25.59
CA ASN E 234 24.15 21.82 24.77
C ASN E 234 24.52 22.06 23.31
N ASP E 235 25.80 22.17 22.97
CA ASP E 235 26.25 22.48 21.63
C ASP E 235 26.47 21.24 20.76
N SER E 236 26.08 20.06 21.24
CA SER E 236 26.37 18.81 20.56
C SER E 236 25.25 18.37 19.62
N LEU E 237 24.32 19.26 19.28
CA LEU E 237 23.28 18.99 18.30
C LEU E 237 23.25 20.08 17.25
N LYS E 238 23.31 19.69 15.99
CA LYS E 238 23.20 20.60 14.87
C LYS E 238 22.07 20.12 13.97
N THR E 239 21.39 21.07 13.33
CA THR E 239 20.19 20.76 12.56
C THR E 239 20.23 21.44 11.21
N ASP E 240 19.88 20.69 10.15
CA ASP E 240 20.01 21.24 8.82
C ASP E 240 19.00 22.35 8.55
N GLU E 241 19.34 23.21 7.59
CA GLU E 241 18.59 24.42 7.31
C GLU E 241 17.30 24.16 6.57
N ARG E 242 17.24 23.05 5.82
CA ARG E 242 16.22 22.83 4.80
C ARG E 242 15.26 21.72 5.20
N ILE E 243 14.85 21.69 6.48
CA ILE E 243 14.04 20.62 7.03
C ILE E 243 12.59 21.08 7.10
N SER E 244 11.66 20.21 6.71
CA SER E 244 10.26 20.59 6.61
C SER E 244 9.42 19.35 6.41
N LEU E 245 8.13 19.49 6.71
CA LEU E 245 7.13 18.48 6.41
C LEU E 245 5.96 19.12 5.69
N SER E 246 5.29 18.34 4.85
CA SER E 246 4.15 18.82 4.10
C SER E 246 2.86 18.77 4.90
N GLN E 247 2.94 18.49 6.20
CA GLN E 247 1.74 18.40 7.02
C GLN E 247 1.94 18.91 8.44
N PHE E 248 3.11 19.46 8.78
CA PHE E 248 3.42 19.82 10.15
C PHE E 248 4.41 20.98 10.17
N LEU E 249 4.53 21.58 11.36
CA LEU E 249 5.52 22.60 11.65
C LEU E 249 6.37 22.10 12.81
N ILE E 250 7.70 22.24 12.69
CA ILE E 250 8.62 21.63 13.65
C ILE E 250 9.32 22.72 14.43
N GLN E 251 9.26 22.56 15.76
CA GLN E 251 9.87 23.55 16.66
C GLN E 251 10.51 23.01 17.94
N GLU E 252 11.56 23.66 18.52
CA GLU E 252 12.11 23.34 19.84
C GLU E 252 12.94 22.06 19.89
N PHE E 253 14.09 22.05 19.21
CA PHE E 253 15.06 20.96 19.35
C PHE E 253 15.94 21.21 20.58
N HIS E 254 16.13 20.19 21.41
CA HIS E 254 17.09 20.25 22.50
C HIS E 254 17.37 18.84 23.01
N THR E 255 18.42 18.72 23.81
CA THR E 255 18.97 17.45 24.28
C THR E 255 18.88 17.38 25.80
N THR E 256 18.94 16.15 26.31
CA THR E 256 19.06 15.90 27.73
C THR E 256 19.54 14.47 27.94
N THR E 257 19.67 14.10 29.22
CA THR E 257 20.20 12.80 29.61
C THR E 257 19.39 12.24 30.76
N LYS E 258 19.51 10.93 30.96
CA LYS E 258 18.86 10.25 32.08
C LYS E 258 19.55 8.91 32.29
N LEU E 259 19.54 8.43 33.53
CA LEU E 259 20.06 7.10 33.84
C LEU E 259 18.88 6.13 33.96
N ALA E 260 19.06 4.91 33.42
CA ALA E 260 17.96 3.95 33.30
C ALA E 260 18.41 2.56 33.74
N PHE E 261 17.43 1.76 34.15
CA PHE E 261 17.66 0.53 34.90
C PHE E 261 16.90 -0.64 34.28
N TYR E 262 17.59 -1.77 34.14
CA TYR E 262 17.00 -3.02 33.70
C TYR E 262 17.09 -4.04 34.82
N SER E 263 15.98 -4.74 35.08
CA SER E 263 15.90 -5.59 36.26
C SER E 263 16.85 -6.79 36.20
N SER E 264 17.10 -7.37 35.02
CA SER E 264 17.98 -8.51 34.93
C SER E 264 19.38 -8.17 34.42
N THR E 265 19.65 -6.90 34.07
CA THR E 265 21.01 -6.59 33.63
C THR E 265 21.66 -5.39 34.30
N GLY E 266 20.93 -4.36 34.73
CA GLY E 266 21.57 -3.30 35.49
C GLY E 266 21.33 -1.90 34.95
N TRP E 267 22.28 -1.00 35.21
CA TRP E 267 22.09 0.43 34.99
C TRP E 267 22.86 0.90 33.76
N TYR E 268 22.27 1.84 33.03
CA TYR E 268 22.88 2.38 31.81
C TYR E 268 22.59 3.88 31.72
N ASN E 269 23.42 4.58 30.96
CA ASN E 269 23.19 5.98 30.62
C ASN E 269 22.46 6.08 29.29
N ARG E 270 21.64 7.12 29.16
CA ARG E 270 20.81 7.31 27.97
C ARG E 270 20.76 8.77 27.58
N LEU E 271 20.80 9.04 26.28
CA LEU E 271 20.74 10.40 25.75
C LEU E 271 19.45 10.57 24.97
N TYR E 272 18.95 11.80 24.95
CA TYR E 272 17.67 12.14 24.32
C TYR E 272 17.84 13.30 23.36
N ILE E 273 17.02 13.30 22.31
CA ILE E 273 16.79 14.47 21.47
C ILE E 273 15.29 14.68 21.38
N ASN E 274 14.82 15.88 21.73
CA ASN E 274 13.40 16.16 21.80
C ASN E 274 13.01 17.22 20.78
N PHE E 275 11.72 17.24 20.42
CA PHE E 275 11.20 18.27 19.52
C PHE E 275 9.69 18.23 19.59
N THR E 276 9.07 19.21 18.91
CA THR E 276 7.64 19.49 19.05
C THR E 276 7.02 19.71 17.67
N LEU E 277 5.73 19.35 17.56
CA LEU E 277 4.99 19.42 16.32
C LEU E 277 3.63 20.10 16.53
N ARG E 278 3.16 20.74 15.45
CA ARG E 278 1.88 21.46 15.41
C ARG E 278 1.36 21.41 13.98
N ARG E 279 0.09 21.77 13.79
CA ARG E 279 -0.52 21.72 12.46
C ARG E 279 -0.85 23.12 11.96
N HIS E 280 -1.43 23.17 10.76
CA HIS E 280 -2.02 24.39 10.21
C HIS E 280 -3.52 24.33 10.50
N ILE E 281 -4.02 25.18 11.38
CA ILE E 281 -5.42 25.13 11.82
C ILE E 281 -6.44 25.75 10.85
N PHE E 282 -6.00 26.66 9.99
CA PHE E 282 -6.98 27.32 9.14
C PHE E 282 -7.47 26.41 8.01
N PHE E 283 -6.58 25.57 7.49
CA PHE E 283 -7.00 24.57 6.51
C PHE E 283 -8.11 23.68 7.06
N PHE E 284 -7.94 23.14 8.27
CA PHE E 284 -8.96 22.29 8.87
C PHE E 284 -10.23 23.08 9.15
N LEU E 285 -10.09 24.35 9.56
CA LEU E 285 -11.27 25.19 9.75
C LEU E 285 -12.09 25.28 8.47
N LEU E 286 -11.61 25.89 7.42
CA LEU E 286 -12.33 25.90 6.17
C LEU E 286 -12.82 24.50 5.68
N GLN E 287 -12.02 23.41 5.83
CA GLN E 287 -12.51 22.16 5.25
C GLN E 287 -13.61 21.51 6.08
N THR E 288 -13.69 21.79 7.38
CA THR E 288 -14.65 21.05 8.21
C THR E 288 -15.67 21.93 8.92
N TYR E 289 -15.25 23.00 9.60
CA TYR E 289 -16.19 23.71 10.46
C TYR E 289 -17.10 24.65 9.66
N PHE E 290 -16.61 25.16 8.53
CA PHE E 290 -17.31 26.17 7.74
C PHE E 290 -18.56 25.63 7.04
N PRO E 291 -18.48 24.50 6.29
CA PRO E 291 -19.68 24.04 5.57
C PRO E 291 -20.81 23.61 6.48
N ALA E 292 -20.52 22.94 7.59
CA ALA E 292 -21.58 22.59 8.54
C ALA E 292 -22.26 23.82 9.12
N THR E 293 -21.50 24.90 9.37
CA THR E 293 -22.12 26.10 9.90
C THR E 293 -23.07 26.71 8.88
N LEU E 294 -22.64 26.77 7.61
CA LEU E 294 -23.53 27.25 6.56
C LEU E 294 -24.76 26.35 6.43
N MET E 295 -24.61 25.05 6.70
CA MET E 295 -25.78 24.17 6.64
C MET E 295 -26.76 24.45 7.78
N VAL E 296 -26.25 24.67 8.99
CA VAL E 296 -27.13 24.98 10.11
C VAL E 296 -27.81 26.32 9.88
N MET E 297 -27.12 27.25 9.22
CA MET E 297 -27.73 28.54 8.92
C MET E 297 -28.76 28.42 7.81
N LEU E 298 -28.53 27.53 6.84
CA LEU E 298 -29.52 27.26 5.82
C LEU E 298 -30.79 26.66 6.41
N SER E 299 -30.66 25.94 7.53
CA SER E 299 -31.84 25.29 8.08
C SER E 299 -32.77 26.26 8.81
N TRP E 300 -32.29 27.46 9.16
CA TRP E 300 -33.13 28.47 9.80
C TRP E 300 -34.02 29.22 8.82
N VAL E 301 -33.70 29.19 7.53
CA VAL E 301 -34.52 29.85 6.53
C VAL E 301 -35.96 29.36 6.60
N SER E 302 -36.18 28.13 7.06
CA SER E 302 -37.54 27.61 6.90
C SER E 302 -38.54 28.28 7.86
N PHE E 303 -38.06 29.08 8.81
CA PHE E 303 -38.96 29.74 9.76
C PHE E 303 -39.62 30.97 9.14
N TRP E 304 -39.16 31.41 7.96
CA TRP E 304 -39.66 32.62 7.34
C TRP E 304 -40.54 32.38 6.12
N ILE E 305 -40.78 31.13 5.77
CA ILE E 305 -41.66 30.74 4.66
C ILE E 305 -43.06 30.47 5.20
N ASP E 306 -44.06 30.73 4.37
CA ASP E 306 -45.46 30.60 4.72
C ASP E 306 -45.79 29.15 5.07
N ARG E 307 -46.45 28.96 6.21
CA ARG E 307 -46.78 27.61 6.65
C ARG E 307 -47.82 26.96 5.76
N ARG E 308 -48.52 27.74 4.95
CA ARG E 308 -49.49 27.18 4.02
C ARG E 308 -48.83 26.49 2.82
N ALA E 309 -47.53 26.73 2.60
CA ALA E 309 -46.77 26.17 1.48
C ALA E 309 -46.10 24.89 1.97
N VAL E 310 -46.91 23.84 2.08
CA VAL E 310 -46.44 22.53 2.55
C VAL E 310 -45.44 21.94 1.56
N PRO E 311 -45.75 21.83 0.27
CA PRO E 311 -44.79 21.20 -0.65
C PRO E 311 -43.52 22.03 -0.88
N ALA E 312 -43.40 23.21 -0.27
CA ALA E 312 -42.15 23.94 -0.31
C ALA E 312 -41.46 24.00 1.04
N ARG E 313 -42.12 23.59 2.11
CA ARG E 313 -41.49 23.51 3.41
C ARG E 313 -41.07 22.10 3.82
N VAL E 314 -41.60 21.07 3.17
CA VAL E 314 -41.36 19.68 3.56
C VAL E 314 -40.12 19.14 2.86
N PRO E 315 -39.91 19.37 1.54
CA PRO E 315 -38.67 18.87 0.93
C PRO E 315 -37.42 19.57 1.42
N LEU E 316 -37.53 20.83 1.83
CA LEU E 316 -36.36 21.62 2.21
C LEU E 316 -35.60 20.97 3.35
N GLY E 317 -36.30 20.66 4.44
CA GLY E 317 -35.65 20.06 5.59
C GLY E 317 -34.97 18.75 5.25
N ILE E 318 -35.68 17.86 4.54
CA ILE E 318 -35.13 16.54 4.33
C ILE E 318 -33.94 16.60 3.37
N THR E 319 -33.98 17.51 2.39
CA THR E 319 -32.83 17.66 1.50
C THR E 319 -31.63 18.17 2.28
N THR E 320 -31.89 19.07 3.24
CA THR E 320 -30.83 19.62 4.08
C THR E 320 -30.19 18.52 4.91
N VAL E 321 -31.01 17.62 5.45
CA VAL E 321 -30.49 16.46 6.16
C VAL E 321 -29.61 15.62 5.25
N LEU E 322 -30.06 15.40 4.01
CA LEU E 322 -29.26 14.65 3.05
C LEU E 322 -27.88 15.28 2.85
N THR E 323 -27.87 16.61 2.66
CA THR E 323 -26.64 17.35 2.42
C THR E 323 -25.67 17.22 3.60
N MET E 324 -26.18 17.41 4.82
CA MET E 324 -25.33 17.32 6.00
C MET E 324 -24.77 15.92 6.19
N SER E 325 -25.59 14.89 5.94
CA SER E 325 -25.07 13.52 6.03
C SER E 325 -23.98 13.27 4.99
N THR E 326 -24.14 13.83 3.78
CA THR E 326 -23.08 13.69 2.78
C THR E 326 -21.79 14.34 3.26
N ILE E 327 -21.87 15.54 3.84
CA ILE E 327 -20.67 16.20 4.33
C ILE E 327 -19.98 15.35 5.40
N ILE E 328 -20.75 14.89 6.38
CA ILE E 328 -20.16 14.12 7.47
C ILE E 328 -19.50 12.86 6.94
N THR E 329 -20.18 12.12 6.05
CA THR E 329 -19.57 10.93 5.45
C THR E 329 -18.28 11.29 4.72
N GLY E 330 -18.26 12.43 4.02
CA GLY E 330 -17.05 12.81 3.31
C GLY E 330 -15.89 13.09 4.25
N VAL E 331 -16.20 13.62 5.44
CA VAL E 331 -15.15 13.88 6.43
C VAL E 331 -14.71 12.59 7.11
N ASN E 332 -15.57 11.58 7.12
CA ASN E 332 -15.15 10.33 7.77
C ASN E 332 -14.26 9.46 6.89
N ALA E 333 -14.36 9.60 5.57
CA ALA E 333 -13.64 8.76 4.62
C ALA E 333 -12.22 9.23 4.36
N SER E 334 -11.72 10.20 5.14
CA SER E 334 -10.36 10.72 4.95
C SER E 334 -9.59 10.93 6.25
N MET E 335 -10.09 10.47 7.38
CA MET E 335 -9.45 10.71 8.66
C MET E 335 -8.41 9.63 8.91
N PRO E 336 -7.42 9.88 9.77
CA PRO E 336 -6.34 8.90 9.95
C PRO E 336 -6.75 7.59 10.63
N ARG E 337 -8.04 7.39 10.86
CA ARG E 337 -8.63 6.10 11.23
C ARG E 337 -8.20 5.65 12.63
N VAL E 338 -8.46 6.49 13.63
CA VAL E 338 -8.12 6.21 15.01
C VAL E 338 -9.41 6.16 15.80
N SER E 339 -9.70 5.01 16.40
CA SER E 339 -11.06 4.70 16.81
C SER E 339 -11.35 5.14 18.24
N TYR E 340 -11.34 6.46 18.44
CA TYR E 340 -11.94 7.05 19.63
C TYR E 340 -12.39 8.46 19.27
N ILE E 341 -13.42 8.92 20.01
CA ILE E 341 -14.02 10.26 19.83
C ILE E 341 -13.09 11.47 20.01
N LYS E 342 -13.05 12.39 19.07
CA LYS E 342 -12.21 13.57 18.99
C LYS E 342 -13.08 14.82 18.85
N ALA E 343 -12.42 15.98 18.94
CA ALA E 343 -13.13 17.23 19.20
C ALA E 343 -13.94 17.75 18.01
N VAL E 344 -13.71 17.32 16.78
CA VAL E 344 -14.46 17.71 15.59
C VAL E 344 -15.72 16.85 15.40
N ASP E 345 -15.66 15.61 15.83
CA ASP E 345 -16.82 14.74 15.79
C ASP E 345 -17.97 15.36 16.56
N ILE E 346 -17.67 15.94 17.72
CA ILE E 346 -18.71 16.56 18.53
C ILE E 346 -19.39 17.69 17.75
N TYR E 347 -18.58 18.59 17.16
CA TYR E 347 -19.15 19.69 16.39
C TYR E 347 -20.11 19.17 15.32
N LEU E 348 -19.67 18.14 14.59
CA LEU E 348 -20.42 17.68 13.44
C LEU E 348 -21.74 17.04 13.89
N TRP E 349 -21.71 16.28 14.98
CA TRP E 349 -22.92 15.59 15.40
C TRP E 349 -23.90 16.55 16.07
N VAL E 350 -23.41 17.64 16.67
CA VAL E 350 -24.34 18.63 17.25
C VAL E 350 -25.03 19.41 16.13
N SER E 351 -24.31 19.69 15.03
CA SER E 351 -25.01 20.37 13.95
C SER E 351 -25.98 19.43 13.23
N PHE E 352 -25.67 18.13 13.23
CA PHE E 352 -26.68 17.16 12.78
C PHE E 352 -27.95 17.23 13.63
N VAL E 353 -27.81 17.27 14.95
CA VAL E 353 -28.98 17.29 15.82
C VAL E 353 -29.78 18.59 15.63
N PHE E 354 -29.10 19.72 15.43
CA PHE E 354 -29.84 20.95 15.15
C PHE E 354 -30.67 20.82 13.88
N VAL E 355 -30.06 20.32 12.80
CA VAL E 355 -30.82 20.17 11.55
C VAL E 355 -32.00 19.22 11.74
N PHE E 356 -31.84 18.18 12.56
CA PHE E 356 -32.94 17.23 12.80
C PHE E 356 -34.10 17.90 13.54
N LEU E 357 -33.79 18.70 14.56
CA LEU E 357 -34.85 19.41 15.28
C LEU E 357 -35.60 20.37 14.36
N SER E 358 -34.89 21.02 13.42
CA SER E 358 -35.61 21.92 12.53
C SER E 358 -36.70 21.20 11.73
N VAL E 359 -36.49 19.91 11.44
CA VAL E 359 -37.48 19.14 10.69
C VAL E 359 -38.60 18.67 11.61
N LEU E 360 -38.33 18.47 12.90
CA LEU E 360 -39.47 18.14 13.78
C LEU E 360 -40.41 19.34 13.97
N GLU E 361 -39.86 20.56 13.91
CA GLU E 361 -40.61 21.76 14.24
C GLU E 361 -41.81 21.95 13.31
N TYR E 362 -41.59 21.81 12.00
CA TYR E 362 -42.64 22.16 11.05
C TYR E 362 -43.72 21.09 11.06
N ALA E 363 -43.38 19.87 11.46
CA ALA E 363 -44.42 18.85 11.63
C ALA E 363 -45.35 19.23 12.77
N ALA E 364 -44.78 19.71 13.88
CA ALA E 364 -45.63 20.26 14.94
C ALA E 364 -46.59 21.34 14.40
N VAL E 365 -46.03 22.31 13.66
CA VAL E 365 -46.85 23.42 13.16
C VAL E 365 -47.94 22.91 12.21
N ASN E 366 -47.60 21.96 11.33
CA ASN E 366 -48.61 21.49 10.38
C ASN E 366 -49.73 20.77 11.09
N TYR E 367 -49.38 19.95 12.08
CA TYR E 367 -50.39 19.14 12.75
C TYR E 367 -51.37 20.05 13.48
N LEU E 368 -50.84 21.10 14.11
CA LEU E 368 -51.69 22.01 14.86
C LEU E 368 -52.60 22.80 13.95
N THR E 369 -52.07 23.30 12.83
CA THR E 369 -52.92 24.06 11.92
C THR E 369 -54.03 23.17 11.37
N THR E 370 -53.72 21.92 11.06
CA THR E 370 -54.71 21.02 10.48
C THR E 370 -55.83 20.74 11.49
N VAL E 371 -55.46 20.44 12.75
CA VAL E 371 -56.50 20.15 13.75
C VAL E 371 -57.34 21.39 14.01
N GLN E 372 -56.74 22.59 13.98
CA GLN E 372 -57.57 23.79 14.13
C GLN E 372 -58.56 23.92 12.99
N GLU E 373 -58.11 23.69 11.75
CA GLU E 373 -59.00 23.73 10.60
C GLU E 373 -60.18 22.78 10.80
N ARG E 374 -59.90 21.57 11.27
CA ARG E 374 -60.96 20.60 11.54
C ARG E 374 -61.88 21.04 12.68
N LYS E 375 -61.33 21.77 13.65
CA LYS E 375 -62.14 22.19 14.80
C LYS E 375 -63.10 23.32 14.44
N GLU E 376 -62.65 24.27 13.62
CA GLU E 376 -63.54 25.34 13.20
C GLU E 376 -64.65 24.83 12.31
N GLN E 377 -64.32 23.91 11.38
CA GLN E 377 -65.31 23.33 10.49
C GLN E 377 -66.07 22.20 11.17
N ASP E 451 -51.41 34.94 9.30
CA ASP E 451 -50.94 35.06 10.67
C ASP E 451 -49.85 34.05 10.97
N THR E 452 -48.69 34.52 11.39
CA THR E 452 -47.65 33.61 11.78
C THR E 452 -48.07 32.77 12.95
N HIS E 453 -47.60 31.55 12.98
CA HIS E 453 -47.82 30.68 14.13
C HIS E 453 -46.84 31.02 15.26
N ALA E 454 -47.32 30.84 16.51
CA ALA E 454 -46.49 31.14 17.67
C ALA E 454 -45.16 30.38 17.65
N ILE E 455 -45.20 29.11 17.24
CA ILE E 455 -43.99 28.29 17.26
C ILE E 455 -42.96 28.83 16.28
N ASP E 456 -43.39 29.32 15.12
CA ASP E 456 -42.46 29.89 14.15
C ASP E 456 -41.76 31.13 14.71
N LYS E 457 -42.55 32.10 15.18
CA LYS E 457 -41.99 33.35 15.68
C LYS E 457 -41.23 33.16 16.99
N TYR E 458 -41.40 32.02 17.67
CA TYR E 458 -40.52 31.71 18.79
C TYR E 458 -39.24 31.02 18.34
N SER E 459 -39.33 30.12 17.35
CA SER E 459 -38.14 29.43 16.89
C SER E 459 -37.14 30.39 16.24
N ARG E 460 -37.66 31.39 15.51
CA ARG E 460 -36.84 32.43 14.90
C ARG E 460 -35.85 33.05 15.88
N ILE E 461 -36.22 33.11 17.17
CA ILE E 461 -35.32 33.61 18.19
C ILE E 461 -34.54 32.47 18.86
N ILE E 462 -35.22 31.37 19.18
CA ILE E 462 -34.59 30.40 20.08
C ILE E 462 -33.44 29.66 19.39
N PHE E 463 -33.63 29.20 18.15
CA PHE E 463 -32.60 28.35 17.54
C PHE E 463 -31.22 29.01 17.45
N PRO E 464 -31.12 30.28 16.89
CA PRO E 464 -29.75 30.81 16.82
C PRO E 464 -29.09 31.05 18.15
N ALA E 465 -29.80 31.63 19.11
CA ALA E 465 -29.24 31.83 20.45
C ALA E 465 -28.64 30.55 21.03
N ALA E 466 -29.30 29.40 20.82
CA ALA E 466 -28.76 28.16 21.36
C ALA E 466 -27.55 27.70 20.57
N TYR E 467 -27.53 27.96 19.25
CA TYR E 467 -26.30 27.69 18.51
C TYR E 467 -25.13 28.55 19.01
N ILE E 468 -25.40 29.84 19.25
CA ILE E 468 -24.39 30.74 19.80
C ILE E 468 -23.87 30.21 21.14
N LEU E 469 -24.80 29.80 22.02
CA LEU E 469 -24.45 29.31 23.35
C LEU E 469 -23.59 28.05 23.30
N PHE E 470 -23.86 27.19 22.33
CA PHE E 470 -23.06 25.99 22.08
C PHE E 470 -21.65 26.36 21.63
N ASN E 471 -21.54 27.34 20.72
CA ASN E 471 -20.23 27.75 20.22
C ASN E 471 -19.39 28.37 21.33
N LEU E 472 -20.00 29.22 22.15
CA LEU E 472 -19.28 29.77 23.30
C LEU E 472 -18.69 28.68 24.18
N ILE E 473 -19.52 27.72 24.59
CA ILE E 473 -19.05 26.68 25.50
C ILE E 473 -17.98 25.82 24.83
N TYR E 474 -18.20 25.44 23.57
CA TYR E 474 -17.25 24.59 22.86
C TYR E 474 -15.88 25.25 22.77
N TRP E 475 -15.83 26.51 22.32
CA TRP E 475 -14.53 27.17 22.21
C TRP E 475 -13.98 27.65 23.55
N SER E 476 -14.78 27.64 24.61
CA SER E 476 -14.21 27.81 25.95
C SER E 476 -13.51 26.55 26.42
N ILE E 477 -13.99 25.40 25.98
CA ILE E 477 -13.39 24.11 26.36
C ILE E 477 -12.16 23.80 25.52
N PHE E 478 -12.20 24.01 24.20
CA PHE E 478 -11.01 23.66 23.43
C PHE E 478 -10.12 24.85 23.07
N SER E 479 -10.56 26.08 23.35
CA SER E 479 -9.71 27.26 23.20
C SER E 479 -9.07 27.38 21.82
#